data_1FIR
# 
_entry.id   1FIR 
# 
_audit_conform.dict_name       mmcif_pdbx.dic 
_audit_conform.dict_version    5.375 
_audit_conform.dict_location   http://mmcif.pdb.org/dictionaries/ascii/mmcif_pdbx.dic 
# 
loop_
_database_2.database_id 
_database_2.database_code 
_database_2.pdbx_database_accession 
_database_2.pdbx_DOI 
PDB   1FIR         pdb_00001fir 10.2210/pdb1fir/pdb 
NDB   TR0003       ?            ?                   
RCSB  RCSB011622   ?            ?                   
WWPDB D_1000011622 ?            ?                   
# 
_pdbx_database_status.status_code                     REL 
_pdbx_database_status.entry_id                        1FIR 
_pdbx_database_status.recvd_initial_deposition_date   2000-08-06 
_pdbx_database_status.deposit_site                    NDB 
_pdbx_database_status.process_site                    NDB 
_pdbx_database_status.SG_entry                        ? 
_pdbx_database_status.status_code_sf                  REL 
_pdbx_database_status.status_code_mr                  ? 
_pdbx_database_status.status_code_cs                  ? 
_pdbx_database_status.methods_development_category    ? 
_pdbx_database_status.pdb_format_compatible           Y 
_pdbx_database_status.status_code_nmr_data            ? 
# 
loop_
_audit_author.name 
_audit_author.pdbx_ordinal 
'Benas, P.' 1 
'Dumas, P.' 2 
# 
loop_
_citation.id 
_citation.title 
_citation.journal_abbrev 
_citation.journal_volume 
_citation.page_first 
_citation.page_last 
_citation.year 
_citation.journal_id_ASTM 
_citation.country 
_citation.journal_id_ISSN 
_citation.journal_id_CSD 
_citation.book_publisher 
_citation.pdbx_database_id_PubMed 
_citation.pdbx_database_id_DOI 
primary 'The crystal structure of HIV reverse-transcription primer tRNA(Lys,3) shows a canonical anticodon loop.'                  
RNA               6 1347 1355 2000 RNARFU UK 1355-8382 2122 ? 11073212 10.1017/S1355838200000911 
1       'Molecular blocs in tRNAs that could prevent +1 frameshifting'                                                             
'To be Published' ? ?    ?    2000 ?      ?  ?         0353 ? ?        ?                         
2       'Studies on the ternary initiation complex of HIV-1 reverse transcription and crystallographic structures of two partners' 
Thesis            ? 1    313  2000 ?      ?  ?         ?    ? ?        ?                         
# 
loop_
_citation_author.citation_id 
_citation_author.name 
_citation_author.ordinal 
_citation_author.identifier_ORCID 
primary 'Benas, P.'     1  ? 
primary 'Bec, G.'       2  ? 
primary 'Keith, G.'     3  ? 
primary 'Marquet, R.'   4  ? 
primary 'Ehresmann, C.' 5  ? 
primary 'Ehresmann, B.' 6  ? 
primary 'Dumas, P.'     7  ? 
1       'Benas, P.'     8  ? 
1       'Dumas, P.'     9  ? 
2       'Benas, P.'     10 ? 
# 
_cell.entry_id           1FIR 
_cell.length_a           100.72 
_cell.length_b           100.72 
_cell.length_c           82.61 
_cell.angle_alpha        90.00 
_cell.angle_beta         90.00 
_cell.angle_gamma        120.00 
_cell.Z_PDB              6 
_cell.pdbx_unique_axis   ? 
_cell.length_a_esd       ? 
_cell.length_b_esd       ? 
_cell.length_c_esd       ? 
_cell.angle_alpha_esd    ? 
_cell.angle_beta_esd     ? 
_cell.angle_gamma_esd    ? 
# 
_symmetry.entry_id                         1FIR 
_symmetry.space_group_name_H-M             'P 32 1 2' 
_symmetry.pdbx_full_space_group_name_H-M   ? 
_symmetry.cell_setting                     trigonal 
_symmetry.Int_Tables_number                153 
_symmetry.space_group_name_Hall            ? 
# 
loop_
_entity.id 
_entity.type 
_entity.src_method 
_entity.pdbx_description 
_entity.formula_weight 
_entity.pdbx_number_of_molecules 
_entity.pdbx_ec 
_entity.pdbx_mutation 
_entity.pdbx_fragment 
_entity.details 
1 polymer     nat 'HIV-1 REVERSE TRANSCRIPTION PRIMER TRNA(LYS3)' 24847.088 1  ? ? ? ? 
2 non-polymer syn 'MAGNESIUM ION'                                 24.305    1  ? ? ? ? 
3 non-polymer syn 'SODIUM ION'                                    22.990    1  ? ? ? ? 
4 water       nat water                                           18.015    16 ? ? ? ? 
# 
_entity_poly.entity_id                      1 
_entity_poly.type                           polyribonucleotide 
_entity_poly.nstd_linkage                   no 
_entity_poly.nstd_monomer                   yes 
_entity_poly.pdbx_seq_one_letter_code       
;GCCCG(2MG)AUA(2MG)CUCAG(H2U)CGG(H2U)AGAGCA(PSU)CAGACU(70U)UU(12A)A(PSU)CUGAGG
(7MG)(H2U)(5MC)(5MC)AGGG(2MU)(PSU)CA(1MA)GUCCCUGUUCGGGCGCCA
;
_entity_poly.pdbx_seq_one_letter_code_can   GCCCGGAUAGCUCAGUCGGUAGAGCAUCAGACUUUUAAUCUGAGGGUCCAGGGUUCAAGUCCCUGUUCGGGCGCCA 
_entity_poly.pdbx_strand_id                 A 
_entity_poly.pdbx_target_identifier         ? 
# 
loop_
_entity_poly_seq.entity_id 
_entity_poly_seq.num 
_entity_poly_seq.mon_id 
_entity_poly_seq.hetero 
1 1  G   n 
1 2  C   n 
1 3  C   n 
1 4  C   n 
1 5  G   n 
1 6  2MG n 
1 7  A   n 
1 8  U   n 
1 9  A   n 
1 10 2MG n 
1 11 C   n 
1 12 U   n 
1 13 C   n 
1 14 A   n 
1 15 G   n 
1 16 H2U n 
1 17 C   n 
1 18 G   n 
1 19 G   n 
1 20 H2U n 
1 21 A   n 
1 22 G   n 
1 23 A   n 
1 24 G   n 
1 25 C   n 
1 26 A   n 
1 27 PSU n 
1 28 C   n 
1 29 A   n 
1 30 G   n 
1 31 A   n 
1 32 C   n 
1 33 U   n 
1 34 70U n 
1 35 U   n 
1 36 U   n 
1 37 12A n 
1 38 A   n 
1 39 PSU n 
1 40 C   n 
1 41 U   n 
1 42 G   n 
1 43 A   n 
1 44 G   n 
1 45 G   n 
1 46 7MG n 
1 47 H2U n 
1 48 5MC n 
1 49 5MC n 
1 50 A   n 
1 51 G   n 
1 52 G   n 
1 53 G   n 
1 54 2MU n 
1 55 PSU n 
1 56 C   n 
1 57 A   n 
1 58 1MA n 
1 59 G   n 
1 60 U   n 
1 61 C   n 
1 62 C   n 
1 63 C   n 
1 64 U   n 
1 65 G   n 
1 66 U   n 
1 67 U   n 
1 68 C   n 
1 69 G   n 
1 70 G   n 
1 71 G   n 
1 72 C   n 
1 73 G   n 
1 74 C   n 
1 75 C   n 
1 76 A   n 
# 
_entity_src_nat.entity_id                  1 
_entity_src_nat.pdbx_src_id                1 
_entity_src_nat.pdbx_alt_source_flag       sample 
_entity_src_nat.pdbx_beg_seq_num           ? 
_entity_src_nat.pdbx_end_seq_num           ? 
_entity_src_nat.common_name                cattle 
_entity_src_nat.pdbx_organism_scientific   'Bos taurus' 
_entity_src_nat.pdbx_ncbi_taxonomy_id      9913 
_entity_src_nat.genus                      Bos 
_entity_src_nat.species                    ? 
_entity_src_nat.strain                     ? 
_entity_src_nat.tissue                     ? 
_entity_src_nat.tissue_fraction            ? 
_entity_src_nat.pdbx_secretion             ? 
_entity_src_nat.pdbx_fragment              ? 
_entity_src_nat.pdbx_variant               ? 
_entity_src_nat.pdbx_cell_line             ? 
_entity_src_nat.pdbx_atcc                  ? 
_entity_src_nat.pdbx_cellular_location     ? 
_entity_src_nat.pdbx_organ                 ? 
_entity_src_nat.pdbx_organelle             ? 
_entity_src_nat.pdbx_cell                  ? 
_entity_src_nat.pdbx_plasmid_name          ? 
_entity_src_nat.pdbx_plasmid_details       ? 
_entity_src_nat.details                    'THIS SEQUENCE OCCURS NATURALLY IN HUMANS, BOVINES AND CHICKENS' 
# 
_struct_ref.id                         1 
_struct_ref.entity_id                  1 
_struct_ref.db_name                    PDB 
_struct_ref.db_code                    1FIR 
_struct_ref.pdbx_db_accession          1FIR 
_struct_ref.pdbx_align_begin           ? 
_struct_ref.pdbx_seq_one_letter_code   ? 
_struct_ref.pdbx_db_isoform            ? 
# 
_struct_ref_seq.align_id                      1 
_struct_ref_seq.ref_id                        1 
_struct_ref_seq.pdbx_PDB_id_code              1FIR 
_struct_ref_seq.pdbx_strand_id                A 
_struct_ref_seq.seq_align_beg                 1 
_struct_ref_seq.pdbx_seq_align_beg_ins_code   ? 
_struct_ref_seq.seq_align_end                 76 
_struct_ref_seq.pdbx_seq_align_end_ins_code   ? 
_struct_ref_seq.pdbx_db_accession             1FIR 
_struct_ref_seq.db_align_beg                  1 
_struct_ref_seq.pdbx_db_align_beg_ins_code    ? 
_struct_ref_seq.db_align_end                  76 
_struct_ref_seq.pdbx_db_align_end_ins_code    ? 
_struct_ref_seq.pdbx_auth_seq_align_beg       1 
_struct_ref_seq.pdbx_auth_seq_align_end       76 
# 
loop_
_chem_comp.id 
_chem_comp.type 
_chem_comp.mon_nstd_flag 
_chem_comp.name 
_chem_comp.pdbx_synonyms 
_chem_comp.formula 
_chem_comp.formula_weight 
12A 'RNA linking' n "2-METHYLTHIO-N6-(AMINOCARBONYL-L-THREONYL)-ADENOSINE-5'-MONOPHOSPHATE" ? 'C16 H23 N6 O11 P S' 538.426 
1MA 'RNA linking' n "6-HYDRO-1-METHYLADENOSINE-5'-MONOPHOSPHATE"                            ? 'C11 H16 N5 O7 P'    361.248 
2MG 'RNA linking' n "2N-METHYLGUANOSINE-5'-MONOPHOSPHATE"                                   ? 'C11 H16 N5 O8 P'    377.247 
2MU 'RNA linking' n "2',5-DIMETHYLURIDINE-5'-MONOPHOSPHATE"                                 ? 'C11 H17 N2 O9 P'    352.234 
5MC 'RNA linking' n "5-METHYLCYTIDINE-5'-MONOPHOSPHATE"                                     ? 'C10 H16 N3 O8 P'    337.223 
70U 'RNA linking' n "5-(O-METHYLACETO)-2-THIO-2-DEOXY-URIDINE-5'-MONOPHOSPHATE"             ? 'C12 H17 N2 O10 P S' 412.310 
7MG 'RNA linking' n "7N-METHYL-8-HYDROGUANOSINE-5'-MONOPHOSPHATE"                           ? 'C11 H18 N5 O8 P'    379.263 
A   'RNA linking' y "ADENOSINE-5'-MONOPHOSPHATE"                                            ? 'C10 H14 N5 O7 P'    347.221 
C   'RNA linking' y "CYTIDINE-5'-MONOPHOSPHATE"                                             ? 'C9 H14 N3 O8 P'     323.197 
G   'RNA linking' y "GUANOSINE-5'-MONOPHOSPHATE"                                            ? 'C10 H14 N5 O8 P'    363.221 
H2U 'RNA linking' n "5,6-DIHYDROURIDINE-5'-MONOPHOSPHATE"                                   ? 'C9 H15 N2 O9 P'     326.197 
HOH non-polymer   . WATER                                                                   ? 'H2 O'               18.015  
MG  non-polymer   . 'MAGNESIUM ION'                                                         ? 'Mg 2'               24.305  
NA  non-polymer   . 'SODIUM ION'                                                            ? 'Na 1'               22.990  
PSU 'RNA linking' n "PSEUDOURIDINE-5'-MONOPHOSPHATE"                                        ? 'C9 H13 N2 O9 P'     324.181 
U   'RNA linking' y "URIDINE-5'-MONOPHOSPHATE"                                              ? 'C9 H13 N2 O9 P'     324.181 
# 
_exptl.entry_id          1FIR 
_exptl.method            'X-RAY DIFFRACTION' 
_exptl.crystals_number   1 
# 
_exptl_crystal.id                    1 
_exptl_crystal.density_meas          ? 
_exptl_crystal.density_percent_sol   78.73 
_exptl_crystal.density_Matthews      5.12 
_exptl_crystal.description           ? 
_exptl_crystal.F_000                 ? 
_exptl_crystal.preparation           ? 
# 
_exptl_crystal_grow.crystal_id      1 
_exptl_crystal_grow.method          'VAPOR DIFFUSION, HANGING DROP' 
_exptl_crystal_grow.pH              5.6 
_exptl_crystal_grow.temp            293 
_exptl_crystal_grow.temp_details    ? 
_exptl_crystal_grow.pdbx_details    
'50 mM MES-KOH pH 5.6, 1.6 to 1.8 M Li2SO4, 10 mM MgCl2, pH 5.6, VAPOR DIFFUSION, HANGING DROP, temperature 293K' 
_exptl_crystal_grow.pdbx_pH_range   ? 
# 
loop_
_exptl_crystal_grow_comp.crystal_id 
_exptl_crystal_grow_comp.id 
_exptl_crystal_grow_comp.sol_id 
_exptl_crystal_grow_comp.name 
_exptl_crystal_grow_comp.conc 
_exptl_crystal_grow_comp.volume 
_exptl_crystal_grow_comp.details 
1 1 1 Li2SO4  ? ? ? 
1 2 1 MgCl2   ? ? ? 
1 3 1 MES-KOH ? ? ? 
1 4 2 Li2SO4  ? ? ? 
1 5 2 MgCl2   ? ? ? 
1 6 2 MES-KOH ? ? ? 
# 
_diffrn.id                     1 
_diffrn.ambient_temp           110 
_diffrn.ambient_temp_details   ? 
_diffrn.crystal_id             1 
# 
_diffrn_detector.diffrn_id              1 
_diffrn_detector.detector               CCD 
_diffrn_detector.type                   MARRESEARCH 
_diffrn_detector.pdbx_collection_date   1998-02-02 
_diffrn_detector.details                ? 
# 
_diffrn_radiation.diffrn_id                        1 
_diffrn_radiation.wavelength_id                    1 
_diffrn_radiation.monochromator                    ? 
_diffrn_radiation.pdbx_monochromatic_or_laue_m_l   M 
_diffrn_radiation.pdbx_diffrn_protocol             'SINGLE WAVELENGTH' 
_diffrn_radiation.pdbx_scattering_type             x-ray 
# 
_diffrn_radiation_wavelength.id           1 
_diffrn_radiation_wavelength.wavelength   0.9805 
_diffrn_radiation_wavelength.wt           1.0 
# 
_diffrn_source.diffrn_id                   1 
_diffrn_source.source                      SYNCHROTRON 
_diffrn_source.type                        'ESRF BEAMLINE BM02' 
_diffrn_source.pdbx_wavelength             0.9805 
_diffrn_source.pdbx_synchrotron_site       ESRF 
_diffrn_source.pdbx_synchrotron_beamline   BM02 
_diffrn_source.pdbx_wavelength_list        ? 
# 
_reflns.entry_id                     1FIR 
_reflns.observed_criterion_sigma_I   0.0 
_reflns.observed_criterion_sigma_F   0.0 
_reflns.d_resolution_low             40.0 
_reflns.d_resolution_high            3.30 
_reflns.number_obs                   6482 
_reflns.number_all                   6482 
_reflns.percent_possible_obs         88.2 
_reflns.pdbx_Rmerge_I_obs            ? 
_reflns.pdbx_Rsym_value              0.0810000 
_reflns.pdbx_netI_over_sigmaI        10.5 
_reflns.B_iso_Wilson_estimate        ? 
_reflns.pdbx_redundancy              3.2 
_reflns.R_free_details               ? 
_reflns.pdbx_ordinal                 1 
_reflns.pdbx_diffrn_id               1 
_reflns.pdbx_chi_squared             ? 
_reflns.pdbx_scaling_rejects         ? 
# 
_reflns_shell.d_res_high             3.30 
_reflns_shell.d_res_low              3.42 
_reflns_shell.percent_possible_obs   ? 
_reflns_shell.percent_possible_all   71.6 
_reflns_shell.Rmerge_I_obs           ? 
_reflns_shell.meanI_over_sigI_obs    4.3 
_reflns_shell.pdbx_Rsym_value        0.1650000 
_reflns_shell.pdbx_redundancy        2.2 
_reflns_shell.number_unique_all      503 
_reflns_shell.pdbx_ordinal           1 
_reflns_shell.pdbx_diffrn_id         1 
_reflns_shell.number_measured_all    ? 
_reflns_shell.number_measured_obs    ? 
_reflns_shell.number_unique_obs      ? 
_reflns_shell.pdbx_chi_squared       ? 
# 
_refine.entry_id                                 1FIR 
_refine.ls_number_reflns_obs                     5890 
_refine.ls_number_reflns_all                     6481 
_refine.pdbx_ls_sigma_I                          ? 
_refine.pdbx_ls_sigma_F                          3.0 
_refine.pdbx_data_cutoff_high_absF               836049.77 
_refine.pdbx_data_cutoff_low_absF                0.00 
_refine.ls_d_res_low                             40.00 
_refine.ls_d_res_high                            3.30 
_refine.ls_percent_reflns_obs                    80.5 
_refine.ls_R_factor_obs                          0.1810000 
_refine.ls_R_factor_all                          ? 
_refine.ls_R_factor_R_work                       0.1810000 
_refine.ls_R_factor_R_free                       0.2270000 
_refine.ls_R_factor_R_free_error                 0.010 
_refine.ls_R_factor_R_free_error_details         ? 
_refine.ls_percent_reflns_R_free                 9.2 
_refine.ls_number_reflns_R_free                  543 
_refine.ls_number_parameters                     ? 
_refine.ls_number_restraints                     ? 
_refine.occupancy_min                            ? 
_refine.occupancy_max                            ? 
_refine.B_iso_mean                               33.2 
_refine.aniso_B[1][1]                            4.53 
_refine.aniso_B[2][2]                            4.53 
_refine.aniso_B[3][3]                            -9.07 
_refine.aniso_B[1][2]                            7.03 
_refine.aniso_B[1][3]                            0.00 
_refine.aniso_B[2][3]                            0.00 
_refine.solvent_model_details                    'FLAT MODEL' 
_refine.solvent_model_param_ksol                 0.03 
_refine.solvent_model_param_bsol                 34.19 
_refine.pdbx_ls_cross_valid_method               THROUGHOUT 
_refine.details                                  
;R and free R improved by 12% and 11% respectively by a proper 
mask definition (see primary ref.)
;
_refine.pdbx_starting_model                      4TNA 
_refine.pdbx_method_to_determine_struct          'MOLECULAR REPLACEMENT' 
_refine.pdbx_isotropic_thermal_model             RESTRAINED 
_refine.pdbx_stereochemistry_target_values       'modified CNS libraries (Parkinson et al.)' 
_refine.pdbx_stereochem_target_val_spec_case     ? 
_refine.pdbx_R_Free_selection_details            RANDOM 
_refine.pdbx_overall_ESU_R_Free                  ? 
_refine.overall_SU_B                             ? 
_refine.ls_redundancy_reflns_obs                 ? 
_refine.overall_SU_ML                            ? 
_refine.pdbx_overall_ESU_R                       ? 
_refine.pdbx_data_cutoff_high_rms_absF           ? 
_refine.correlation_coeff_Fo_to_Fc               ? 
_refine.correlation_coeff_Fo_to_Fc_free          ? 
_refine.overall_SU_R_Cruickshank_DPI             ? 
_refine.overall_SU_R_free                        ? 
_refine.pdbx_refine_id                           'X-RAY DIFFRACTION' 
_refine.pdbx_diffrn_id                           1 
_refine.pdbx_overall_phase_error                 ? 
_refine.pdbx_solvent_vdw_probe_radii             ? 
_refine.pdbx_solvent_ion_probe_radii             ? 
_refine.pdbx_solvent_shrinkage_radii             ? 
_refine.ls_wR_factor_R_free                      ? 
_refine.ls_wR_factor_R_work                      ? 
_refine.overall_FOM_free_R_set                   ? 
_refine.overall_FOM_work_R_set                   ? 
_refine.pdbx_TLS_residual_ADP_flag               ? 
_refine.pdbx_overall_SU_R_free_Cruickshank_DPI   ? 
_refine.pdbx_overall_SU_R_Blow_DPI               ? 
_refine.pdbx_overall_SU_R_free_Blow_DPI          ? 
# 
_refine_analyze.entry_id                        1FIR 
_refine_analyze.Luzzati_coordinate_error_obs    0.31 
_refine_analyze.Luzzati_sigma_a_obs             0.21 
_refine_analyze.Luzzati_d_res_low_obs           5.00 
_refine_analyze.Luzzati_coordinate_error_free   0.41 
_refine_analyze.Luzzati_sigma_a_free            0.21 
_refine_analyze.Luzzati_d_res_low_free          ? 
_refine_analyze.number_disordered_residues      ? 
_refine_analyze.occupancy_sum_hydrogen          ? 
_refine_analyze.occupancy_sum_non_hydrogen      ? 
_refine_analyze.pdbx_refine_id                  'X-RAY DIFFRACTION' 
# 
_refine_hist.pdbx_refine_id                   'X-RAY DIFFRACTION' 
_refine_hist.cycle_id                         LAST 
_refine_hist.pdbx_number_atoms_protein        0 
_refine_hist.pdbx_number_atoms_nucleic_acid   1645 
_refine_hist.pdbx_number_atoms_ligand         2 
_refine_hist.number_atoms_solvent             16 
_refine_hist.number_atoms_total               1663 
_refine_hist.d_res_high                       3.30 
_refine_hist.d_res_low                        40.00 
# 
loop_
_refine_ls_restr.type 
_refine_ls_restr.dev_ideal 
_refine_ls_restr.dev_ideal_target 
_refine_ls_restr.weight 
_refine_ls_restr.number 
_refine_ls_restr.pdbx_refine_id 
_refine_ls_restr.pdbx_restraint_function 
c_bond_d           0.009 ? ? ? 'X-RAY DIFFRACTION' ? 
c_angle_deg        1.5   ? ? ? 'X-RAY DIFFRACTION' ? 
c_dihedral_angle_d 19.2  ? ? ? 'X-RAY DIFFRACTION' ? 
c_improper_angle_d 2.06  ? ? ? 'X-RAY DIFFRACTION' ? 
# 
_refine_ls_shell.pdbx_total_number_of_bins_used   6 
_refine_ls_shell.d_res_high                       3.30 
_refine_ls_shell.d_res_low                        3.51 
_refine_ls_shell.number_reflns_R_work             666 
_refine_ls_shell.R_factor_R_work                  0.2210000 
_refine_ls_shell.percent_reflns_obs               58.1 
_refine_ls_shell.R_factor_R_free                  0.2340000 
_refine_ls_shell.R_factor_R_free_error            0.040 
_refine_ls_shell.percent_reflns_R_free            4.9 
_refine_ls_shell.number_reflns_R_free             34 
_refine_ls_shell.redundancy_reflns_obs            ? 
_refine_ls_shell.pdbx_refine_id                   'X-RAY DIFFRACTION' 
_refine_ls_shell.number_reflns_all                ? 
_refine_ls_shell.number_reflns_obs                ? 
_refine_ls_shell.R_factor_all                     ? 
# 
loop_
_pdbx_xplor_file.serial_no 
_pdbx_xplor_file.param_file 
_pdbx_xplor_file.topol_file 
_pdbx_xplor_file.pdbx_refine_id 
1 DNA-RNA-REP-RESIPARAM.BP DNA-RNA-RESITOP.BP 'X-RAY DIFFRACTION' 
2 WATER_REP.PARAM          WATER.TOP          'X-RAY DIFFRACTION' 
3 ION.PARAM                ION.TOP            'X-RAY DIFFRACTION' 
# 
_struct.entry_id                  1FIR 
_struct.title                     'CRYSTAL STRUCTURE OF HIV-1 REVERSE TRANSCRIPTION PRIMER TRNA(LYS3)' 
_struct.pdbx_model_details        ? 
_struct.pdbx_CASP_flag            ? 
_struct.pdbx_model_type_details   ? 
# 
_struct_keywords.entry_id        1FIR 
_struct_keywords.pdbx_keywords   RNA 
_struct_keywords.text            
;mammalian transfert ribonucleic acid, HIV-1 primer tRNA, amino acid transport, canonical tRNA structure, canonical anticodon, frameshifting, codon/anticodon mimicry, modified bases, RNA
;
# 
loop_
_struct_asym.id 
_struct_asym.pdbx_blank_PDB_chainid_flag 
_struct_asym.pdbx_modified 
_struct_asym.entity_id 
_struct_asym.details 
A N N 1 ? 
B N N 2 ? 
C N N 3 ? 
D N N 4 ? 
# 
_struct_biol.id                    1 
_struct_biol.pdbx_parent_biol_id   ? 
_struct_biol.details               ? 
# 
loop_
_struct_conn.id 
_struct_conn.conn_type_id 
_struct_conn.pdbx_leaving_atom_flag 
_struct_conn.pdbx_PDB_id 
_struct_conn.ptnr1_label_asym_id 
_struct_conn.ptnr1_label_comp_id 
_struct_conn.ptnr1_label_seq_id 
_struct_conn.ptnr1_label_atom_id 
_struct_conn.pdbx_ptnr1_label_alt_id 
_struct_conn.pdbx_ptnr1_PDB_ins_code 
_struct_conn.pdbx_ptnr1_standard_comp_id 
_struct_conn.ptnr1_symmetry 
_struct_conn.ptnr2_label_asym_id 
_struct_conn.ptnr2_label_comp_id 
_struct_conn.ptnr2_label_seq_id 
_struct_conn.ptnr2_label_atom_id 
_struct_conn.pdbx_ptnr2_label_alt_id 
_struct_conn.pdbx_ptnr2_PDB_ins_code 
_struct_conn.ptnr1_auth_asym_id 
_struct_conn.ptnr1_auth_comp_id 
_struct_conn.ptnr1_auth_seq_id 
_struct_conn.ptnr2_auth_asym_id 
_struct_conn.ptnr2_auth_comp_id 
_struct_conn.ptnr2_auth_seq_id 
_struct_conn.ptnr2_symmetry 
_struct_conn.pdbx_ptnr3_label_atom_id 
_struct_conn.pdbx_ptnr3_label_seq_id 
_struct_conn.pdbx_ptnr3_label_comp_id 
_struct_conn.pdbx_ptnr3_label_asym_id 
_struct_conn.pdbx_ptnr3_label_alt_id 
_struct_conn.pdbx_ptnr3_PDB_ins_code 
_struct_conn.details 
_struct_conn.pdbx_dist_value 
_struct_conn.pdbx_value_order 
_struct_conn.pdbx_role 
covale1  covale both ? A G   5  "O3'" ? ? ? 1_555 A 2MG 6  P  ? ? A G   5  A 2MG 6  1_555 ? ? ? ? ? ? ?                       
1.615 ? ? 
covale2  covale both ? A 2MG 6  "O3'" ? ? ? 1_555 A A   7  P  ? ? A 2MG 6  A A   7  1_555 ? ? ? ? ? ? ?                       
1.596 ? ? 
covale3  covale both ? A A   9  "O3'" ? ? ? 1_555 A 2MG 10 P  ? ? A A   9  A 2MG 10 1_555 ? ? ? ? ? ? ?                       
1.587 ? ? 
covale4  covale both ? A 2MG 10 "O3'" ? ? ? 1_555 A C   11 P  ? ? A 2MG 10 A C   11 1_555 ? ? ? ? ? ? ?                       
1.598 ? ? 
covale5  covale both ? A G   15 "O3'" ? ? ? 1_555 A H2U 16 P  ? ? A G   15 A H2U 16 1_555 ? ? ? ? ? ? ?                       
1.603 ? ? 
covale6  covale both ? A H2U 16 "O3'" ? ? ? 1_555 A C   17 P  ? ? A H2U 16 A C   17 1_555 ? ? ? ? ? ? ?                       
1.607 ? ? 
covale7  covale both ? A G   19 "O3'" A ? ? 1_555 A H2U 20 P  A ? A G   19 A H2U 20 1_555 ? ? ? ? ? ? ?                       
1.591 ? ? 
covale8  covale both ? A G   19 "O3'" B ? ? 1_555 A H2U 20 P  B ? A G   19 A H2U 20 1_555 ? ? ? ? ? ? ?                       
1.588 ? ? 
covale9  covale both ? A H2U 20 "O3'" A ? ? 1_555 A A   21 P  ? ? A H2U 20 A A   21 1_555 ? ? ? ? ? ? ?                       
1.609 ? ? 
covale10 covale both ? A H2U 20 "O3'" B ? ? 1_555 A A   21 P  ? ? A H2U 20 A A   21 1_555 ? ? ? ? ? ? ?                       
1.624 ? ? 
covale11 covale both ? A A   26 "O3'" ? ? ? 1_555 A PSU 27 P  ? ? A A   26 A PSU 27 1_555 ? ? ? ? ? ? ?                       
1.604 ? ? 
covale12 covale both ? A PSU 27 "O3'" ? ? ? 1_555 A C   28 P  ? ? A PSU 27 A C   28 1_555 ? ? ? ? ? ? ?                       
1.606 ? ? 
covale13 covale both ? A U   33 "O3'" ? ? ? 1_555 A 70U 34 P  ? ? A U   33 A 70U 34 1_555 ? ? ? ? ? ? ?                       
1.604 ? ? 
covale14 covale both ? A 70U 34 "O3'" ? ? ? 1_555 A U   35 P  ? ? A 70U 34 A U   35 1_555 ? ? ? ? ? ? ?                       
1.602 ? ? 
covale15 covale both ? A U   36 "O3'" ? ? ? 1_555 A 12A 37 P  ? ? A U   36 A 12A 37 1_555 ? ? ? ? ? ? ?                       
1.595 ? ? 
covale16 covale both ? A 12A 37 "O3'" ? ? ? 1_555 A A   38 P  ? ? A 12A 37 A A   38 1_555 ? ? ? ? ? ? ?                       
1.604 ? ? 
covale17 covale both ? A A   38 "O3'" ? ? ? 1_555 A PSU 39 P  ? ? A A   38 A PSU 39 1_555 ? ? ? ? ? ? ?                       
1.600 ? ? 
covale18 covale both ? A PSU 39 "O3'" ? ? ? 1_555 A C   40 P  ? ? A PSU 39 A C   40 1_555 ? ? ? ? ? ? ?                       
1.610 ? ? 
covale19 covale both ? A G   45 "O3'" ? ? ? 1_555 A 7MG 46 P  ? ? A G   45 A 7MG 46 1_555 ? ? ? ? ? ? ?                       
1.604 ? ? 
covale20 covale both ? A 7MG 46 "O3'" ? ? ? 1_555 A H2U 47 P  ? ? A 7MG 46 A H2U 47 1_555 ? ? ? ? ? ? ?                       
1.587 ? ? 
covale21 covale both ? A H2U 47 "O3'" ? ? ? 1_555 A 5MC 48 P  ? ? A H2U 47 A 5MC 48 1_555 ? ? ? ? ? ? ?                       
1.591 ? ? 
covale22 covale both ? A 5MC 48 "O3'" ? ? ? 1_555 A 5MC 49 P  ? ? A 5MC 48 A 5MC 49 1_555 ? ? ? ? ? ? ?                       
1.598 ? ? 
covale23 covale both ? A 5MC 49 "O3'" ? ? ? 1_555 A A   50 P  ? ? A 5MC 49 A A   50 1_555 ? ? ? ? ? ? ?                       
1.584 ? ? 
covale24 covale both ? A G   53 "O3'" ? ? ? 1_555 A 2MU 54 P  ? ? A G   53 A 2MU 54 1_555 ? ? ? ? ? ? ?                       
1.596 ? ? 
covale25 covale both ? A 2MU 54 "O3'" ? ? ? 1_555 A PSU 55 P  ? ? A 2MU 54 A PSU 55 1_555 ? ? ? ? ? ? ?                       
1.586 ? ? 
covale26 covale both ? A PSU 55 "O3'" ? ? ? 1_555 A C   56 P  ? ? A PSU 55 A C   56 1_555 ? ? ? ? ? ? ?                       
1.603 ? ? 
covale27 covale both ? A A   57 "O3'" ? ? ? 1_555 A 1MA 58 P  ? ? A A   57 A 1MA 58 1_555 ? ? ? ? ? ? ?                       
1.610 ? ? 
covale28 covale both ? A 1MA 58 "O3'" ? ? ? 1_555 A G   59 P  ? ? A 1MA 58 A G   59 1_555 ? ? ? ? ? ? ?                       
1.593 ? ? 
hydrog1  hydrog ?    ? A G   1  N1    ? ? ? 1_555 A C   72 N3 ? ? A G   1  A C   72 1_555 ? ? ? ? ? ? WATSON-CRICK            ? ? 
? 
hydrog2  hydrog ?    ? A G   1  N2    ? ? ? 1_555 A C   72 O2 ? ? A G   1  A C   72 1_555 ? ? ? ? ? ? WATSON-CRICK            ? ? 
? 
hydrog3  hydrog ?    ? A G   1  O6    ? ? ? 1_555 A C   72 N4 ? ? A G   1  A C   72 1_555 ? ? ? ? ? ? WATSON-CRICK            ? ? 
? 
hydrog4  hydrog ?    ? A C   2  N3    ? ? ? 1_555 A G   71 N1 ? ? A C   2  A G   71 1_555 ? ? ? ? ? ? WATSON-CRICK            ? ? 
? 
hydrog5  hydrog ?    ? A C   2  N4    ? ? ? 1_555 A G   71 O6 ? ? A C   2  A G   71 1_555 ? ? ? ? ? ? WATSON-CRICK            ? ? 
? 
hydrog6  hydrog ?    ? A C   2  O2    ? ? ? 1_555 A G   71 N2 ? ? A C   2  A G   71 1_555 ? ? ? ? ? ? WATSON-CRICK            ? ? 
? 
hydrog7  hydrog ?    ? A C   3  N3    ? ? ? 1_555 A G   70 N1 ? ? A C   3  A G   70 1_555 ? ? ? ? ? ? WATSON-CRICK            ? ? 
? 
hydrog8  hydrog ?    ? A C   3  N4    ? ? ? 1_555 A G   70 O6 ? ? A C   3  A G   70 1_555 ? ? ? ? ? ? WATSON-CRICK            ? ? 
? 
hydrog9  hydrog ?    ? A C   3  O2    ? ? ? 1_555 A G   70 N2 ? ? A C   3  A G   70 1_555 ? ? ? ? ? ? WATSON-CRICK            ? ? 
? 
hydrog10 hydrog ?    ? A C   4  N3    ? ? ? 1_555 A G   69 N1 ? ? A C   4  A G   69 1_555 ? ? ? ? ? ? WATSON-CRICK            ? ? 
? 
hydrog11 hydrog ?    ? A C   4  N4    ? ? ? 1_555 A G   69 O6 ? ? A C   4  A G   69 1_555 ? ? ? ? ? ? WATSON-CRICK            ? ? 
? 
hydrog12 hydrog ?    ? A C   4  O2    ? ? ? 1_555 A G   69 N2 ? ? A C   4  A G   69 1_555 ? ? ? ? ? ? WATSON-CRICK            ? ? 
? 
hydrog13 hydrog ?    ? A G   5  N1    ? ? ? 1_555 A C   68 N3 ? ? A G   5  A C   68 1_555 ? ? ? ? ? ? WATSON-CRICK            ? ? 
? 
hydrog14 hydrog ?    ? A G   5  N2    ? ? ? 1_555 A C   68 O2 ? ? A G   5  A C   68 1_555 ? ? ? ? ? ? WATSON-CRICK            ? ? 
? 
hydrog15 hydrog ?    ? A G   5  O6    ? ? ? 1_555 A C   68 N4 ? ? A G   5  A C   68 1_555 ? ? ? ? ? ? WATSON-CRICK            ? ? 
? 
hydrog16 hydrog ?    ? A 2MG 6  N1    ? ? ? 1_555 A U   67 O2 ? ? A 2MG 6  A U   67 1_555 ? ? ? ? ? ? TYPE_28_PAIR            ? ? 
? 
hydrog17 hydrog ?    ? A 2MG 6  O6    ? ? ? 1_555 A U   67 N3 ? ? A 2MG 6  A U   67 1_555 ? ? ? ? ? ? TYPE_28_PAIR            ? ? 
? 
hydrog18 hydrog ?    ? A A   7  N1    ? ? ? 1_555 A U   66 N3 ? ? A A   7  A U   66 1_555 ? ? ? ? ? ? WATSON-CRICK            ? ? 
? 
hydrog19 hydrog ?    ? A A   7  N6    ? ? ? 1_555 A U   66 O4 ? ? A A   7  A U   66 1_555 ? ? ? ? ? ? WATSON-CRICK            ? ? 
? 
hydrog20 hydrog ?    ? A U   8  N3    ? ? ? 1_555 A A   14 N7 ? ? A U   8  A A   14 1_555 ? ? ? ? ? ? 'REVERSED HOOGSTEEN'    ? ? 
? 
hydrog21 hydrog ?    ? A U   8  O2    ? ? ? 1_555 A A   14 N6 ? ? A U   8  A A   14 1_555 ? ? ? ? ? ? 'REVERSED HOOGSTEEN'    ? ? 
? 
hydrog22 hydrog ?    ? A A   9  N6    ? ? ? 1_555 A A   23 N7 ? ? A A   9  A A   23 1_555 ? ? ? ? ? ? TYPE_2_PAIR             ? ? 
? 
hydrog23 hydrog ?    ? A A   9  N7    ? ? ? 1_555 A A   23 N6 ? ? A A   9  A A   23 1_555 ? ? ? ? ? ? TYPE_2_PAIR             ? ? 
? 
hydrog24 hydrog ?    ? A 2MG 10 N1    ? ? ? 1_555 A C   25 N3 ? ? A 2MG 10 A C   25 1_555 ? ? ? ? ? ? WATSON-CRICK            ? ? 
? 
hydrog25 hydrog ?    ? A 2MG 10 N2    ? ? ? 1_555 A C   25 O2 ? ? A 2MG 10 A C   25 1_555 ? ? ? ? ? ? WATSON-CRICK            ? ? 
? 
hydrog26 hydrog ?    ? A 2MG 10 O6    ? ? ? 1_555 A C   25 N4 ? ? A 2MG 10 A C   25 1_555 ? ? ? ? ? ? WATSON-CRICK            ? ? 
? 
hydrog27 hydrog ?    ? A 2MG 10 O6    ? ? ? 1_555 A G   45 N2 ? ? A 2MG 10 A G   45 1_555 ? ? ? ? ? ? '2MG-G MISPAIR'         ? ? 
? 
hydrog28 hydrog ?    ? A C   11 N3    ? ? ? 1_555 A G   24 N1 ? ? A C   11 A G   24 1_555 ? ? ? ? ? ? WATSON-CRICK            ? ? 
? 
hydrog29 hydrog ?    ? A C   11 N4    ? ? ? 1_555 A G   24 O6 ? ? A C   11 A G   24 1_555 ? ? ? ? ? ? WATSON-CRICK            ? ? 
? 
hydrog30 hydrog ?    ? A C   11 O2    ? ? ? 1_555 A G   24 N2 ? ? A C   11 A G   24 1_555 ? ? ? ? ? ? WATSON-CRICK            ? ? 
? 
hydrog31 hydrog ?    ? A U   12 N3    ? ? ? 1_555 A A   23 N1 ? ? A U   12 A A   23 1_555 ? ? ? ? ? ? WATSON-CRICK            ? ? 
? 
hydrog32 hydrog ?    ? A U   12 O4    ? ? ? 1_555 A A   23 N6 ? ? A U   12 A A   23 1_555 ? ? ? ? ? ? WATSON-CRICK            ? ? 
? 
hydrog33 hydrog ?    ? A C   13 N3    ? ? ? 1_555 A G   22 N1 ? ? A C   13 A G   22 1_555 ? ? ? ? ? ? WATSON-CRICK            ? ? 
? 
hydrog34 hydrog ?    ? A C   13 N4    ? ? ? 1_555 A G   22 O6 ? ? A C   13 A G   22 1_555 ? ? ? ? ? ? WATSON-CRICK            ? ? 
? 
hydrog35 hydrog ?    ? A C   13 O2    ? ? ? 1_555 A G   22 N2 ? ? A C   13 A G   22 1_555 ? ? ? ? ? ? WATSON-CRICK            ? ? 
? 
hydrog36 hydrog ?    ? A A   14 N6    ? ? ? 1_555 A A   21 N3 ? ? A A   14 A A   21 1_555 ? ? ? ? ? ? 'A-A MISPAIR'           ? ? 
? 
hydrog37 hydrog ?    ? A G   15 N1    ? ? ? 1_555 A 5MC 48 O2 ? ? A G   15 A 5MC 48 1_555 ? ? ? ? ? ? 'REVERSED WATSON-CRICK' ? ? 
? 
hydrog38 hydrog ?    ? A G   15 N2    ? ? ? 1_555 A 5MC 48 N3 ? ? A G   15 A 5MC 48 1_555 ? ? ? ? ? ? 'REVERSED WATSON-CRICK' ? ? 
? 
hydrog39 hydrog ?    ? A G   18 N1    ? ? ? 1_555 A PSU 55 O4 ? ? A G   18 A PSU 55 1_555 ? ? ? ? ? ? 'G-PSU MISPAIR'         ? ? 
? 
hydrog40 hydrog ?    ? A G   19 N1    A ? ? 1_555 A C   56 N3 ? ? A G   19 A C   56 1_555 ? ? ? ? ? ? WATSON-CRICK            ? ? 
? 
hydrog41 hydrog ?    ? A G   19 N2    A ? ? 1_555 A C   56 O2 ? ? A G   19 A C   56 1_555 ? ? ? ? ? ? WATSON-CRICK            ? ? 
? 
hydrog42 hydrog ?    ? A G   19 O6    A ? ? 1_555 A C   56 N4 ? ? A G   19 A C   56 1_555 ? ? ? ? ? ? WATSON-CRICK            ? ? 
? 
hydrog43 hydrog ?    ? A G   22 N7    ? ? ? 1_555 A 7MG 46 N1 ? ? A G   22 A 7MG 46 1_555 ? ? ? ? ? ? TYPE_7_PAIR             ? ? 
? 
hydrog44 hydrog ?    ? A G   22 O6    ? ? ? 1_555 A 7MG 46 N2 ? ? A G   22 A 7MG 46 1_555 ? ? ? ? ? ? TYPE_7_PAIR             ? ? 
? 
hydrog45 hydrog ?    ? A A   26 N1    ? ? ? 1_555 A G   44 N1 ? ? A A   26 A G   44 1_555 ? ? ? ? ? ? TYPE_8_PAIR             ? ? 
? 
hydrog46 hydrog ?    ? A A   26 N6    ? ? ? 1_555 A G   44 O6 ? ? A A   26 A G   44 1_555 ? ? ? ? ? ? TYPE_8_PAIR             ? ? 
? 
hydrog47 hydrog ?    ? A PSU 27 N3    ? ? ? 1_555 A A   43 N1 ? ? A PSU 27 A A   43 1_555 ? ? ? ? ? ? 'REVERSED WATSON-CRICK' ? ? 
? 
hydrog48 hydrog ?    ? A PSU 27 O2    ? ? ? 1_555 A A   43 N6 ? ? A PSU 27 A A   43 1_555 ? ? ? ? ? ? 'REVERSED WATSON-CRICK' ? ? 
? 
hydrog49 hydrog ?    ? A C   28 N3    ? ? ? 1_555 A G   42 N1 ? ? A C   28 A G   42 1_555 ? ? ? ? ? ? WATSON-CRICK            ? ? 
? 
hydrog50 hydrog ?    ? A C   28 N4    ? ? ? 1_555 A G   42 O6 ? ? A C   28 A G   42 1_555 ? ? ? ? ? ? WATSON-CRICK            ? ? 
? 
hydrog51 hydrog ?    ? A C   28 O2    ? ? ? 1_555 A G   42 N2 ? ? A C   28 A G   42 1_555 ? ? ? ? ? ? WATSON-CRICK            ? ? 
? 
hydrog52 hydrog ?    ? A A   29 N1    ? ? ? 1_555 A U   41 N3 ? ? A A   29 A U   41 1_555 ? ? ? ? ? ? WATSON-CRICK            ? ? 
? 
hydrog53 hydrog ?    ? A A   29 N6    ? ? ? 1_555 A U   41 O4 ? ? A A   29 A U   41 1_555 ? ? ? ? ? ? WATSON-CRICK            ? ? 
? 
hydrog54 hydrog ?    ? A G   30 N1    ? ? ? 1_555 A C   40 N3 ? ? A G   30 A C   40 1_555 ? ? ? ? ? ? WATSON-CRICK            ? ? 
? 
hydrog55 hydrog ?    ? A G   30 N2    ? ? ? 1_555 A C   40 O2 ? ? A G   30 A C   40 1_555 ? ? ? ? ? ? WATSON-CRICK            ? ? 
? 
hydrog56 hydrog ?    ? A G   30 O6    ? ? ? 1_555 A C   40 N4 ? ? A G   30 A C   40 1_555 ? ? ? ? ? ? WATSON-CRICK            ? ? 
? 
hydrog57 hydrog ?    ? A A   31 N1    ? ? ? 1_555 A PSU 39 N3 ? ? A A   31 A PSU 39 1_555 ? ? ? ? ? ? 'REVERSED WATSON-CRICK' ? ? 
? 
hydrog58 hydrog ?    ? A A   31 N6    ? ? ? 1_555 A PSU 39 O2 ? ? A A   31 A PSU 39 1_555 ? ? ? ? ? ? 'REVERSED WATSON-CRICK' ? ? 
? 
hydrog59 hydrog ?    ? A C   32 O2    ? ? ? 1_555 A A   38 N6 ? ? A C   32 A A   38 1_555 ? ? ? ? ? ? 'C-A MISPAIR'           ? ? 
? 
hydrog60 hydrog ?    ? A 5MC 49 N3    ? ? ? 1_555 A G   65 N1 ? ? A 5MC 49 A G   65 1_555 ? ? ? ? ? ? WATSON-CRICK            ? ? 
? 
hydrog61 hydrog ?    ? A 5MC 49 N4    ? ? ? 1_555 A G   65 O6 ? ? A 5MC 49 A G   65 1_555 ? ? ? ? ? ? WATSON-CRICK            ? ? 
? 
hydrog62 hydrog ?    ? A 5MC 49 O2    ? ? ? 1_555 A G   65 N2 ? ? A 5MC 49 A G   65 1_555 ? ? ? ? ? ? WATSON-CRICK            ? ? 
? 
hydrog63 hydrog ?    ? A A   50 N1    ? ? ? 1_555 A U   64 N3 ? ? A A   50 A U   64 1_555 ? ? ? ? ? ? WATSON-CRICK            ? ? 
? 
hydrog64 hydrog ?    ? A A   50 N6    ? ? ? 1_555 A U   64 O4 ? ? A A   50 A U   64 1_555 ? ? ? ? ? ? WATSON-CRICK            ? ? 
? 
hydrog65 hydrog ?    ? A G   51 N1    ? ? ? 1_555 A C   63 N3 ? ? A G   51 A C   63 1_555 ? ? ? ? ? ? WATSON-CRICK            ? ? 
? 
hydrog66 hydrog ?    ? A G   51 N2    ? ? ? 1_555 A C   63 O2 ? ? A G   51 A C   63 1_555 ? ? ? ? ? ? WATSON-CRICK            ? ? 
? 
hydrog67 hydrog ?    ? A G   51 O6    ? ? ? 1_555 A C   63 N4 ? ? A G   51 A C   63 1_555 ? ? ? ? ? ? WATSON-CRICK            ? ? 
? 
hydrog68 hydrog ?    ? A G   51 N1    ? ? ? 1_555 A U   64 O2 ? ? A G   51 A U   64 1_555 ? ? ? ? ? ? TYPE_28_PAIR            ? ? 
? 
hydrog69 hydrog ?    ? A G   51 O6    ? ? ? 1_555 A U   64 N3 ? ? A G   51 A U   64 1_555 ? ? ? ? ? ? TYPE_28_PAIR            ? ? 
? 
hydrog70 hydrog ?    ? A G   52 N1    ? ? ? 1_555 A C   62 N3 ? ? A G   52 A C   62 1_555 ? ? ? ? ? ? WATSON-CRICK            ? ? 
? 
hydrog71 hydrog ?    ? A G   52 N2    ? ? ? 1_555 A C   62 O2 ? ? A G   52 A C   62 1_555 ? ? ? ? ? ? WATSON-CRICK            ? ? 
? 
hydrog72 hydrog ?    ? A G   52 O6    ? ? ? 1_555 A C   62 N4 ? ? A G   52 A C   62 1_555 ? ? ? ? ? ? WATSON-CRICK            ? ? 
? 
hydrog73 hydrog ?    ? A G   53 N1    ? ? ? 1_555 A C   61 N3 ? ? A G   53 A C   61 1_555 ? ? ? ? ? ? WATSON-CRICK            ? ? 
? 
hydrog74 hydrog ?    ? A G   53 N2    ? ? ? 1_555 A C   61 O2 ? ? A G   53 A C   61 1_555 ? ? ? ? ? ? WATSON-CRICK            ? ? 
? 
hydrog75 hydrog ?    ? A G   53 O6    ? ? ? 1_555 A C   61 N4 ? ? A G   53 A C   61 1_555 ? ? ? ? ? ? WATSON-CRICK            ? ? 
? 
hydrog76 hydrog ?    ? A 2MU 54 N3    ? ? ? 1_555 A 1MA 58 N7 ? ? A 2MU 54 A 1MA 58 1_555 ? ? ? ? ? ? 'REVERSED HOOGSTEEN'    ? ? 
? 
hydrog77 hydrog ?    ? A 2MU 54 O2    ? ? ? 1_555 A 1MA 58 N6 ? ? A 2MU 54 A 1MA 58 1_555 ? ? ? ? ? ? 'REVERSED HOOGSTEEN'    ? ? 
? 
# 
loop_
_struct_conn_type.id 
_struct_conn_type.criteria 
_struct_conn_type.reference 
covale ? ? 
hydrog ? ? 
# 
_struct_site.id                   AC1 
_struct_site.pdbx_evidence_code   Software 
_struct_site.pdbx_auth_asym_id    A 
_struct_site.pdbx_auth_comp_id    NA 
_struct_site.pdbx_auth_seq_id     202 
_struct_site.pdbx_auth_ins_code   ? 
_struct_site.pdbx_num_residues    1 
_struct_site.details              'BINDING SITE FOR RESIDUE NA A 202' 
# 
_struct_site_gen.id                   1 
_struct_site_gen.site_id              AC1 
_struct_site_gen.pdbx_num_res         1 
_struct_site_gen.label_comp_id        G 
_struct_site_gen.label_asym_id        A 
_struct_site_gen.label_seq_id         42 
_struct_site_gen.pdbx_auth_ins_code   ? 
_struct_site_gen.auth_comp_id         G 
_struct_site_gen.auth_asym_id         A 
_struct_site_gen.auth_seq_id          42 
_struct_site_gen.label_atom_id        . 
_struct_site_gen.label_alt_id         ? 
_struct_site_gen.symmetry             1_555 
_struct_site_gen.details              ? 
# 
_atom_sites.entry_id                    1FIR 
_atom_sites.fract_transf_matrix[1][1]   -0.00542751 
_atom_sites.fract_transf_matrix[1][2]   0.00733642 
_atom_sites.fract_transf_matrix[1][3]   -0.00693973 
_atom_sites.fract_transf_matrix[2][1]   -0.00031116 
_atom_sites.fract_transf_matrix[2][2]   -0.00195458 
_atom_sites.fract_transf_matrix[2][3]   -0.01129186 
_atom_sites.fract_transf_matrix[3][1]   -0.01025245 
_atom_sites.fract_transf_matrix[3][2]   -0.00628798 
_atom_sites.fract_transf_matrix[3][3]   0.00137094 
_atom_sites.fract_transf_vector[1]      0.422651 
_atom_sites.fract_transf_vector[2]      0.275377 
_atom_sites.fract_transf_vector[3]      0.003631 
# 
loop_
_atom_type.symbol 
C  
MG 
N  
NA 
O  
P  
S  
# 
loop_
_atom_site.group_PDB 
_atom_site.id 
_atom_site.type_symbol 
_atom_site.label_atom_id 
_atom_site.label_alt_id 
_atom_site.label_comp_id 
_atom_site.label_asym_id 
_atom_site.label_entity_id 
_atom_site.label_seq_id 
_atom_site.pdbx_PDB_ins_code 
_atom_site.Cartn_x 
_atom_site.Cartn_y 
_atom_site.Cartn_z 
_atom_site.occupancy 
_atom_site.B_iso_or_equiv 
_atom_site.pdbx_formal_charge 
_atom_site.auth_seq_id 
_atom_site.auth_comp_id 
_atom_site.auth_asym_id 
_atom_site.auth_atom_id 
_atom_site.pdbx_PDB_model_num 
ATOM   1    O  OP3   . G   A 1 1  ? 1.537   -61.646 7.485   1.00 77.20  ? 1   G   A OP3   1 
ATOM   2    P  P     . G   A 1 1  ? 1.816   -61.469 5.995   1.00 77.97  ? 1   G   A P     1 
ATOM   3    O  OP1   . G   A 1 1  ? 1.836   -60.004 5.577   1.00 75.27  ? 1   G   A OP1   1 
ATOM   4    O  OP2   . G   A 1 1  ? 3.041   -62.236 5.501   1.00 67.39  ? 1   G   A OP2   1 
ATOM   5    O  "O5'" . G   A 1 1  ? 0.539   -62.153 5.244   1.00 75.49  ? 1   G   A "O5'" 1 
ATOM   6    C  "C5'" . G   A 1 1  ? 0.400   -63.588 5.180   1.00 70.59  ? 1   G   A "C5'" 1 
ATOM   7    C  "C4'" . G   A 1 1  ? -1.051  -63.973 4.976   1.00 60.03  ? 1   G   A "C4'" 1 
ATOM   8    O  "O4'" . G   A 1 1  ? -1.765  -63.931 6.242   1.00 62.77  ? 1   G   A "O4'" 1 
ATOM   9    C  "C3'" . G   A 1 1  ? -1.860  -63.042 4.102   1.00 52.95  ? 1   G   A "C3'" 1 
ATOM   10   O  "O3'" . G   A 1 1  ? -1.621  -63.264 2.739   1.00 51.20  ? 1   G   A "O3'" 1 
ATOM   11   C  "C2'" . G   A 1 1  ? -3.275  -63.369 4.537   1.00 48.24  ? 1   G   A "C2'" 1 
ATOM   12   O  "O2'" . G   A 1 1  ? -3.697  -64.650 4.119   1.00 49.38  ? 1   G   A "O2'" 1 
ATOM   13   C  "C1'" . G   A 1 1  ? -3.071  -63.408 6.042   1.00 41.46  ? 1   G   A "C1'" 1 
ATOM   14   N  N9    . G   A 1 1  ? -3.090  -62.066 6.601   1.00 29.22  ? 1   G   A N9    1 
ATOM   15   C  C8    . G   A 1 1  ? -2.014  -61.339 7.052   1.00 34.89  ? 1   G   A C8    1 
ATOM   16   N  N7    . G   A 1 1  ? -2.353  -60.180 7.543   1.00 35.81  ? 1   G   A N7    1 
ATOM   17   C  C5    . G   A 1 1  ? -3.735  -60.143 7.401   1.00 27.44  ? 1   G   A C5    1 
ATOM   18   C  C6    . G   A 1 1  ? -4.678  -59.148 7.781   1.00 20.62  ? 1   G   A C6    1 
ATOM   19   O  O6    . G   A 1 1  ? -4.474  -58.083 8.362   1.00 19.44  ? 1   G   A O6    1 
ATOM   20   N  N1    . G   A 1 1  ? -5.972  -59.513 7.435   1.00 5.99   ? 1   G   A N1    1 
ATOM   21   C  C2    . G   A 1 1  ? -6.315  -60.692 6.827   1.00 22.77  ? 1   G   A C2    1 
ATOM   22   N  N2    . G   A 1 1  ? -7.606  -60.890 6.594   1.00 20.80  ? 1   G   A N2    1 
ATOM   23   N  N3    . G   A 1 1  ? -5.450  -61.626 6.476   1.00 25.63  ? 1   G   A N3    1 
ATOM   24   C  C4    . G   A 1 1  ? -4.193  -61.292 6.796   1.00 22.36  ? 1   G   A C4    1 
ATOM   25   P  P     . C   A 1 2  ? -1.346  -62.008 1.804   1.00 54.91  ? 2   C   A P     1 
ATOM   26   O  OP1   . C   A 1 2  ? -0.457  -62.458 0.708   1.00 64.89  ? 2   C   A OP1   1 
ATOM   27   O  OP2   . C   A 1 2  ? -0.926  -60.893 2.694   1.00 47.10  ? 2   C   A OP2   1 
ATOM   28   O  "O5'" . C   A 1 2  ? -2.782  -61.644 1.225   1.00 43.51  ? 2   C   A "O5'" 1 
ATOM   29   C  "C5'" . C   A 1 2  ? -3.594  -62.636 0.622   1.00 26.62  ? 2   C   A "C5'" 1 
ATOM   30   C  "C4'" . C   A 1 2  ? -5.043  -62.302 0.847   1.00 35.29  ? 2   C   A "C4'" 1 
ATOM   31   O  "O4'" . C   A 1 2  ? -5.223  -62.087 2.270   1.00 34.03  ? 2   C   A "O4'" 1 
ATOM   32   C  "C3'" . C   A 1 2  ? -5.514  -60.987 0.247   1.00 41.57  ? 2   C   A "C3'" 1 
ATOM   33   O  "O3'" . C   A 1 2  ? -5.858  -61.101 -1.126  1.00 41.97  ? 2   C   A "O3'" 1 
ATOM   34   C  "C2'" . C   A 1 2  ? -6.724  -60.658 1.103   1.00 38.87  ? 2   C   A "C2'" 1 
ATOM   35   O  "O2'" . C   A 1 2  ? -7.899  -61.331 0.698   1.00 40.76  ? 2   C   A "O2'" 1 
ATOM   36   C  "C1'" . C   A 1 2  ? -6.250  -61.134 2.479   1.00 34.89  ? 2   C   A "C1'" 1 
ATOM   37   N  N1    . C   A 1 2  ? -5.703  -60.033 3.280   1.00 29.20  ? 2   C   A N1    1 
ATOM   38   C  C2    . C   A 1 2  ? -6.596  -59.098 3.830   1.00 25.20  ? 2   C   A C2    1 
ATOM   39   O  O2    . C   A 1 2  ? -7.812  -59.257 3.645   1.00 27.06  ? 2   C   A O2    1 
ATOM   40   N  N3    . C   A 1 2  ? -6.115  -58.059 4.534   1.00 3.11   ? 2   C   A N3    1 
ATOM   41   C  C4    . C   A 1 2  ? -4.803  -57.926 4.703   1.00 15.99  ? 2   C   A C4    1 
ATOM   42   N  N4    . C   A 1 2  ? -4.377  -56.871 5.385   1.00 30.00  ? 2   C   A N4    1 
ATOM   43   C  C5    . C   A 1 2  ? -3.868  -58.870 4.175   1.00 31.23  ? 2   C   A C5    1 
ATOM   44   C  C6    . C   A 1 2  ? -4.358  -59.902 3.478   1.00 20.09  ? 2   C   A C6    1 
ATOM   45   P  P     . C   A 1 3  ? -5.519  -59.888 -2.125  1.00 42.29  ? 3   C   A P     1 
ATOM   46   O  OP1   . C   A 1 3  ? -5.660  -60.436 -3.492  1.00 41.34  ? 3   C   A OP1   1 
ATOM   47   O  OP2   . C   A 1 3  ? -4.256  -59.212 -1.729  1.00 46.75  ? 3   C   A OP2   1 
ATOM   48   O  "O5'" . C   A 1 3  ? -6.688  -58.860 -1.852  1.00 14.96  ? 3   C   A "O5'" 1 
ATOM   49   C  "C5'" . C   A 1 3  ? -8.006  -59.261 -2.086  1.00 14.80  ? 3   C   A "C5'" 1 
ATOM   50   C  "C4'" . C   A 1 3  ? -8.929  -58.215 -1.598  1.00 11.10  ? 3   C   A "C4'" 1 
ATOM   51   O  "O4'" . C   A 1 3  ? -8.776  -58.117 -0.170  1.00 24.91  ? 3   C   A "O4'" 1 
ATOM   52   C  "C3'" . C   A 1 3  ? -8.576  -56.826 -2.059  1.00 11.29  ? 3   C   A "C3'" 1 
ATOM   53   O  "O3'" . C   A 1 3  ? -9.065  -56.617 -3.362  1.00 15.49  ? 3   C   A "O3'" 1 
ATOM   54   C  "C2'" . C   A 1 3  ? -9.324  -55.990 -1.038  1.00 27.19  ? 3   C   A "C2'" 1 
ATOM   55   O  "O2'" . C   A 1 3  ? -10.717 -55.978 -1.308  1.00 31.98  ? 3   C   A "O2'" 1 
ATOM   56   C  "C1'" . C   A 1 3  ? -9.050  -56.791 0.236   1.00 22.84  ? 3   C   A "C1'" 1 
ATOM   57   N  N1    . C   A 1 3  ? -7.895  -56.301 0.990   1.00 18.50  ? 3   C   A N1    1 
ATOM   58   C  C2    . C   A 1 3  ? -8.057  -55.176 1.761   1.00 26.69  ? 3   C   A C2    1 
ATOM   59   O  O2    . C   A 1 3  ? -9.168  -54.645 1.785   1.00 46.58  ? 3   C   A O2    1 
ATOM   60   N  N3    . C   A 1 3  ? -7.014  -54.691 2.465   1.00 19.60  ? 3   C   A N3    1 
ATOM   61   C  C4    . C   A 1 3  ? -5.839  -55.307 2.409   1.00 27.63  ? 3   C   A C4    1 
ATOM   62   N  N4    . C   A 1 3  ? -4.834  -54.795 3.111   1.00 42.51  ? 3   C   A N4    1 
ATOM   63   C  C5    . C   A 1 3  ? -5.642  -56.474 1.626   1.00 35.00  ? 3   C   A C5    1 
ATOM   64   C  C6    . C   A 1 3  ? -6.689  -56.934 0.935   1.00 28.14  ? 3   C   A C6    1 
ATOM   65   P  P     . C   A 1 4  ? -8.192  -55.768 -4.403  1.00 25.97  ? 4   C   A P     1 
ATOM   66   O  OP1   . C   A 1 4  ? -8.708  -56.142 -5.744  1.00 23.67  ? 4   C   A OP1   1 
ATOM   67   O  OP2   . C   A 1 4  ? -6.735  -55.901 -4.098  1.00 16.62  ? 4   C   A OP2   1 
ATOM   68   O  "O5'" . C   A 1 4  ? -8.604  -54.270 -4.080  1.00 11.13  ? 4   C   A "O5'" 1 
ATOM   69   C  "C5'" . C   A 1 4  ? -9.969  -53.904 -4.084  1.00 14.52  ? 4   C   A "C5'" 1 
ATOM   70   C  "C4'" . C   A 1 4  ? -10.138 -52.546 -3.474  1.00 12.58  ? 4   C   A "C4'" 1 
ATOM   71   O  "O4'" . C   A 1 4  ? -10.036 -52.647 -2.038  1.00 17.08  ? 4   C   A "O4'" 1 
ATOM   72   C  "C3'" . C   A 1 4  ? -9.087  -51.506 -3.831  1.00 13.47  ? 4   C   A "C3'" 1 
ATOM   73   O  "O3'" . C   A 1 4  ? -9.338  -50.930 -5.105  1.00 19.62  ? 4   C   A "O3'" 1 
ATOM   74   C  "C2'" . C   A 1 4  ? -9.329  -50.502 -2.721  1.00 24.35  ? 4   C   A "C2'" 1 
ATOM   75   O  "O2'" . C   A 1 4  ? -10.556 -49.826 -2.911  1.00 42.71  ? 4   C   A "O2'" 1 
ATOM   76   C  "C1'" . C   A 1 4  ? -9.499  -51.436 -1.527  1.00 28.08  ? 4   C   A "C1'" 1 
ATOM   77   N  N1    . C   A 1 4  ? -8.202  -51.718 -0.911  1.00 24.42  ? 4   C   A N1    1 
ATOM   78   C  C2    . C   A 1 4  ? -7.752  -50.882 0.090   1.00 20.92  ? 4   C   A C2    1 
ATOM   79   O  O2    . C   A 1 4  ? -8.478  -49.953 0.446   1.00 24.14  ? 4   C   A O2    1 
ATOM   80   N  N3    . C   A 1 4  ? -6.547  -51.104 0.645   1.00 11.65  ? 4   C   A N3    1 
ATOM   81   C  C4    . C   A 1 4  ? -5.805  -52.125 0.223   1.00 16.81  ? 4   C   A C4    1 
ATOM   82   N  N4    . C   A 1 4  ? -4.612  -52.307 0.771   1.00 39.73  ? 4   C   A N4    1 
ATOM   83   C  C5    . C   A 1 4  ? -6.249  -53.006 -0.789  1.00 27.07  ? 4   C   A C5    1 
ATOM   84   C  C6    . C   A 1 4  ? -7.445  -52.771 -1.323  1.00 28.71  ? 4   C   A C6    1 
ATOM   85   P  P     . G   A 1 5  ? -8.171  -50.144 -5.890  1.00 19.27  ? 5   G   A P     1 
ATOM   86   O  OP1   . G   A 1 5  ? -8.796  -49.726 -7.166  1.00 22.28  ? 5   G   A OP1   1 
ATOM   87   O  OP2   . G   A 1 5  ? -6.927  -50.958 -5.923  1.00 13.62  ? 5   G   A OP2   1 
ATOM   88   O  "O5'" . G   A 1 5  ? -7.934  -48.818 -5.039  1.00 3.62   ? 5   G   A "O5'" 1 
ATOM   89   C  "C5'" . G   A 1 5  ? -8.804  -47.698 -5.197  1.00 3.09   ? 5   G   A "C5'" 1 
ATOM   90   C  "C4'" . G   A 1 5  ? -8.371  -46.564 -4.300  1.00 17.87  ? 5   G   A "C4'" 1 
ATOM   91   O  "O4'" . G   A 1 5  ? -8.429  -47.001 -2.914  1.00 20.52  ? 5   G   A "O4'" 1 
ATOM   92   C  "C3'" . G   A 1 5  ? -6.937  -46.078 -4.449  1.00 24.49  ? 5   G   A "C3'" 1 
ATOM   93   O  "O3'" . G   A 1 5  ? -6.774  -45.144 -5.512  1.00 23.74  ? 5   G   A "O3'" 1 
ATOM   94   C  "C2'" . G   A 1 5  ? -6.723  -45.381 -3.118  1.00 24.02  ? 5   G   A "C2'" 1 
ATOM   95   O  "O2'" . G   A 1 5  ? -7.363  -44.122 -3.102  1.00 42.95  ? 5   G   A "O2'" 1 
ATOM   96   C  "C1'" . G   A 1 5  ? -7.421  -46.344 -2.160  1.00 17.50  ? 5   G   A "C1'" 1 
ATOM   97   N  N9    . G   A 1 5  ? -6.473  -47.344 -1.690  1.00 14.53  ? 5   G   A N9    1 
ATOM   98   C  C8    . G   A 1 5  ? -6.411  -48.659 -2.065  1.00 22.45  ? 5   G   A C8    1 
ATOM   99   N  N7    . G   A 1 5  ? -5.382  -49.286 -1.563  1.00 22.10  ? 5   G   A N7    1 
ATOM   100  C  C5    . G   A 1 5  ? -4.737  -48.329 -0.794  1.00 24.82  ? 5   G   A C5    1 
ATOM   101  C  C6    . G   A 1 5  ? -3.537  -48.410 -0.039  1.00 31.38  ? 5   G   A C6    1 
ATOM   102  O  O6    . G   A 1 5  ? -2.764  -49.370 0.080   1.00 46.80  ? 5   G   A O6    1 
ATOM   103  N  N1    . G   A 1 5  ? -3.251  -47.209 0.597   1.00 19.48  ? 5   G   A N1    1 
ATOM   104  C  C2    . G   A 1 5  ? -4.004  -46.073 0.500   1.00 26.41  ? 5   G   A C2    1 
ATOM   105  N  N2    . G   A 1 5  ? -3.535  -45.004 1.151   1.00 39.80  ? 5   G   A N2    1 
ATOM   106  N  N3    . G   A 1 5  ? -5.126  -45.983 -0.202  1.00 23.92  ? 5   G   A N3    1 
ATOM   107  C  C4    . G   A 1 5  ? -5.423  -47.137 -0.827  1.00 24.24  ? 5   G   A C4    1 
HETATM 108  P  P     . 2MG A 1 6  ? -5.309  -44.919 -6.156  1.00 23.94  ? 6   2MG A P     1 
HETATM 109  O  OP1   . 2MG A 1 6  ? -5.533  -44.045 -7.320  1.00 23.97  ? 6   2MG A OP1   1 
HETATM 110  O  OP2   . 2MG A 1 6  ? -4.622  -46.221 -6.345  1.00 24.91  ? 6   2MG A OP2   1 
HETATM 111  O  "O5'" . 2MG A 1 6  ? -4.501  -44.084 -5.067  1.00 9.52   ? 6   2MG A "O5'" 1 
HETATM 112  C  "C5'" . 2MG A 1 6  ? -4.854  -42.735 -4.820  1.00 13.55  ? 6   2MG A "C5'" 1 
HETATM 113  C  "C4'" . 2MG A 1 6  ? -3.982  -42.137 -3.749  1.00 14.67  ? 6   2MG A "C4'" 1 
HETATM 114  O  "O4'" . 2MG A 1 6  ? -4.144  -42.877 -2.517  1.00 28.33  ? 6   2MG A "O4'" 1 
HETATM 115  C  "C3'" . 2MG A 1 6  ? -2.491  -42.147 -3.988  1.00 9.71   ? 6   2MG A "C3'" 1 
HETATM 116  O  "O3'" . 2MG A 1 6  ? -2.146  -41.003 -4.728  1.00 3.09   ? 6   2MG A "O3'" 1 
HETATM 117  C  "C2'" . 2MG A 1 6  ? -1.969  -41.992 -2.574  1.00 19.38  ? 6   2MG A "C2'" 1 
HETATM 118  O  "O2'" . 2MG A 1 6  ? -2.203  -40.676 -2.120  1.00 26.75  ? 6   2MG A "O2'" 1 
HETATM 119  C  "C1'" . 2MG A 1 6  ? -2.919  -42.906 -1.811  1.00 22.34  ? 6   2MG A "C1'" 1 
HETATM 120  N  N9    . 2MG A 1 6  ? -2.481  -44.292 -1.772  1.00 23.90  ? 6   2MG A N9    1 
HETATM 121  C  C8    . 2MG A 1 6  ? -3.140  -45.362 -2.320  1.00 36.72  ? 6   2MG A C8    1 
HETATM 122  N  N7    . 2MG A 1 6  ? -2.529  -46.494 -2.121  1.00 47.29  ? 6   2MG A N7    1 
HETATM 123  C  C5    . 2MG A 1 6  ? -1.391  -46.147 -1.409  1.00 35.05  ? 6   2MG A C5    1 
HETATM 124  C  C6    . 2MG A 1 6  ? -0.333  -46.953 -0.936  1.00 34.85  ? 6   2MG A C6    1 
HETATM 125  O  O6    . 2MG A 1 6  ? -0.203  -48.182 -1.019  1.00 49.18  ? 6   2MG A O6    1 
HETATM 126  N  N1    . 2MG A 1 6  ? 0.641   -46.191 -0.312  1.00 23.96  ? 6   2MG A N1    1 
HETATM 127  C  C2    . 2MG A 1 6  ? 0.589   -44.830 -0.146  1.00 33.32  ? 6   2MG A C2    1 
HETATM 128  N  N2    . 2MG A 1 6  ? 1.635   -44.272 0.471   1.00 40.78  ? 6   2MG A N2    1 
HETATM 129  C  CM2   . 2MG A 1 6  ? 1.435   -43.173 1.409   1.00 33.72  ? 6   2MG A CM2   1 
HETATM 130  N  N3    . 2MG A 1 6  ? -0.409  -44.071 -0.558  1.00 15.66  ? 6   2MG A N3    1 
HETATM 131  C  C4    . 2MG A 1 6  ? -1.351  -44.789 -1.185  1.00 17.77  ? 6   2MG A C4    1 
ATOM   132  P  P     . A   A 1 7  ? -0.931  -41.079 -5.760  1.00 25.75  ? 7   A   A P     1 
ATOM   133  O  OP1   . A   A 1 7  ? -0.988  -39.758 -6.446  1.00 21.37  ? 7   A   A OP1   1 
ATOM   134  O  OP2   . A   A 1 7  ? -1.064  -42.324 -6.548  1.00 35.32  ? 7   A   A OP2   1 
ATOM   135  O  "O5'" . A   A 1 7  ? 0.385   -41.267 -4.865  1.00 14.74  ? 7   A   A "O5'" 1 
ATOM   136  C  "C5'" . A   A 1 7  ? 0.739   -40.278 -3.904  1.00 20.21  ? 7   A   A "C5'" 1 
ATOM   137  C  "C4'" . A   A 1 7  ? 2.052   -40.585 -3.206  1.00 15.23  ? 7   A   A "C4'" 1 
ATOM   138  O  "O4'" . A   A 1 7  ? 1.980   -41.863 -2.522  1.00 30.47  ? 7   A   A "O4'" 1 
ATOM   139  C  "C3'" . A   A 1 7  ? 3.226   -40.708 -4.166  1.00 15.91  ? 7   A   A "C3'" 1 
ATOM   140  O  "O3'" . A   A 1 7  ? 4.334   -39.943 -3.747  1.00 11.97  ? 7   A   A "O3'" 1 
ATOM   141  C  "C2'" . A   A 1 7  ? 3.478   -42.199 -4.367  1.00 26.47  ? 7   A   A "C2'" 1 
ATOM   142  O  "O2'" . A   A 1 7  ? 4.858   -42.521 -4.335  1.00 26.60  ? 7   A   A "O2'" 1 
ATOM   143  C  "C1'" . A   A 1 7  ? 2.890   -42.775 -3.088  1.00 22.59  ? 7   A   A "C1'" 1 
ATOM   144  N  N9    . A   A 1 7  ? 2.322   -44.113 -3.121  1.00 17.89  ? 7   A   A N9    1 
ATOM   145  C  C8    . A   A 1 7  ? 1.076   -44.513 -3.496  1.00 30.07  ? 7   A   A C8    1 
ATOM   146  N  N7    . A   A 1 7  ? 0.902   -45.813 -3.434  1.00 46.41  ? 7   A   A N7    1 
ATOM   147  C  C5    . A   A 1 7  ? 2.119   -46.291 -2.982  1.00 24.86  ? 7   A   A C5    1 
ATOM   148  C  C6    . A   A 1 7  ? 2.587   -47.585 -2.736  1.00 32.13  ? 7   A   A C6    1 
ATOM   149  N  N6    . A   A 1 7  ? 1.853   -48.678 -2.926  1.00 65.09  ? 7   A   A N6    1 
ATOM   150  N  N1    . A   A 1 7  ? 3.853   -47.726 -2.292  1.00 29.45  ? 7   A   A N1    1 
ATOM   151  C  C2    . A   A 1 7  ? 4.584   -46.629 -2.114  1.00 38.88  ? 7   A   A C2    1 
ATOM   152  N  N3    . A   A 1 7  ? 4.257   -45.356 -2.321  1.00 43.90  ? 7   A   A N3    1 
ATOM   153  C  C4    . A   A 1 7  ? 2.995   -45.257 -2.765  1.00 31.18  ? 7   A   A C4    1 
ATOM   154  P  P     . U   A 1 8  ? 4.376   -38.389 -4.070  1.00 29.27  ? 8   U   A P     1 
ATOM   155  O  OP1   . U   A 1 8  ? 5.631   -37.861 -3.476  1.00 19.86  ? 8   U   A OP1   1 
ATOM   156  O  OP2   . U   A 1 8  ? 3.055   -37.773 -3.706  1.00 5.33   ? 8   U   A OP2   1 
ATOM   157  O  "O5'" . U   A 1 8  ? 4.571   -38.382 -5.640  1.00 26.17  ? 8   U   A "O5'" 1 
ATOM   158  C  "C5'" . U   A 1 8  ? 5.834   -38.695 -6.181  1.00 31.56  ? 8   U   A "C5'" 1 
ATOM   159  C  "C4'" . U   A 1 8  ? 6.067   -37.877 -7.402  1.00 17.92  ? 8   U   A "C4'" 1 
ATOM   160  O  "O4'" . U   A 1 8  ? 5.039   -38.242 -8.347  1.00 15.27  ? 8   U   A "O4'" 1 
ATOM   161  C  "C3'" . U   A 1 8  ? 5.832   -36.397 -7.231  1.00 19.74  ? 8   U   A "C3'" 1 
ATOM   162  O  "O3'" . U   A 1 8  ? 6.966   -35.749 -6.675  1.00 20.76  ? 8   U   A "O3'" 1 
ATOM   163  C  "C2'" . U   A 1 8  ? 5.611   -36.000 -8.676  1.00 20.88  ? 8   U   A "C2'" 1 
ATOM   164  O  "O2'" . U   A 1 8  ? 6.815   -36.136 -9.387  1.00 36.59  ? 8   U   A "O2'" 1 
ATOM   165  C  "C1'" . U   A 1 8  ? 4.716   -37.131 -9.146  1.00 3.09   ? 8   U   A "C1'" 1 
ATOM   166  N  N1    . U   A 1 8  ? 3.291   -36.862 -8.977  1.00 3.09   ? 8   U   A N1    1 
ATOM   167  C  C2    . U   A 1 8  ? 2.792   -35.770 -9.608  1.00 21.86  ? 8   U   A C2    1 
ATOM   168  O  O2    . U   A 1 8  ? 3.486   -35.065 -10.304 1.00 34.26  ? 8   U   A O2    1 
ATOM   169  N  N3    . U   A 1 8  ? 1.452   -35.534 -9.407  1.00 34.15  ? 8   U   A N3    1 
ATOM   170  C  C4    . U   A 1 8  ? 0.582   -36.292 -8.645  1.00 45.37  ? 8   U   A C4    1 
ATOM   171  O  O4    . U   A 1 8  ? -0.556  -35.866 -8.405  1.00 50.98  ? 8   U   A O4    1 
ATOM   172  C  C5    . U   A 1 8  ? 1.184   -37.440 -8.049  1.00 43.28  ? 8   U   A C5    1 
ATOM   173  C  C6    . U   A 1 8  ? 2.493   -37.674 -8.226  1.00 21.92  ? 8   U   A C6    1 
ATOM   174  P  P     . A   A 1 9  ? 6.756   -34.456 -5.730  1.00 34.13  ? 9   A   A P     1 
ATOM   175  O  OP1   . A   A 1 9  ? 7.409   -34.748 -4.427  1.00 50.18  ? 9   A   A OP1   1 
ATOM   176  O  OP2   . A   A 1 9  ? 5.320   -34.058 -5.758  1.00 23.32  ? 9   A   A OP2   1 
ATOM   177  O  "O5'" . A   A 1 9  ? 7.613   -33.307 -6.423  1.00 18.66  ? 9   A   A "O5'" 1 
ATOM   178  C  "C5'" . A   A 1 9  ? 9.007   -33.478 -6.629  1.00 19.96  ? 9   A   A "C5'" 1 
ATOM   179  C  "C4'" . A   A 1 9  ? 9.709   -32.148 -6.543  1.00 20.88  ? 9   A   A "C4'" 1 
ATOM   180  O  "O4'" . A   A 1 9  ? 9.173   -31.255 -7.550  1.00 19.48  ? 9   A   A "O4'" 1 
ATOM   181  C  "C3'" . A   A 1 9  ? 9.412   -31.479 -5.196  1.00 17.19  ? 9   A   A "C3'" 1 
ATOM   182  O  "O3'" . A   A 1 9  ? 10.566  -30.873 -4.646  1.00 11.89  ? 9   A   A "O3'" 1 
ATOM   183  C  "C2'" . A   A 1 9  ? 8.281   -30.487 -5.447  1.00 12.70  ? 9   A   A "C2'" 1 
ATOM   184  O  "O2'" . A   A 1 9  ? 8.532   -29.265 -4.796  1.00 14.83  ? 9   A   A "O2'" 1 
ATOM   185  C  "C1'" . A   A 1 9  ? 8.499   -30.200 -6.917  1.00 12.26  ? 9   A   A "C1'" 1 
ATOM   186  N  N9    . A   A 1 9  ? 7.448   -29.686 -7.760  1.00 3.09   ? 9   A   A N9    1 
ATOM   187  C  C8    . A   A 1 9  ? 6.091   -29.633 -7.661  1.00 15.64  ? 9   A   A C8    1 
ATOM   188  N  N7    . A   A 1 9  ? 5.520   -29.019 -8.673  1.00 23.46  ? 9   A   A N7    1 
ATOM   189  C  C5    . A   A 1 9  ? 6.587   -28.661 -9.486  1.00 21.73  ? 9   A   A C5    1 
ATOM   190  C  C6    . A   A 1 9  ? 6.670   -27.987 -10.708 1.00 28.26  ? 9   A   A C6    1 
ATOM   191  N  N6    . A   A 1 9  ? 5.608   -27.563 -11.393 1.00 54.73  ? 9   A   A N6    1 
ATOM   192  N  N1    . A   A 1 9  ? 7.900   -27.765 -11.223 1.00 20.30  ? 9   A   A N1    1 
ATOM   193  C  C2    . A   A 1 9  ? 8.963   -28.225 -10.560 1.00 29.01  ? 9   A   A C2    1 
ATOM   194  N  N3    . A   A 1 9  ? 9.010   -28.893 -9.417  1.00 22.51  ? 9   A   A N3    1 
ATOM   195  C  C4    . A   A 1 9  ? 7.773   -29.070 -8.929  1.00 16.55  ? 9   A   A C4    1 
HETATM 196  P  P     . 2MG A 1 10 ? 11.396  -31.626 -3.522  1.00 38.15  ? 10  2MG A P     1 
HETATM 197  O  OP1   . 2MG A 1 10 ? 12.837  -31.320 -3.716  1.00 43.28  ? 10  2MG A OP1   1 
HETATM 198  O  OP2   . 2MG A 1 10 ? 10.943  -33.041 -3.497  1.00 44.31  ? 10  2MG A OP2   1 
HETATM 199  O  "O5'" . 2MG A 1 10 ? 10.909  -30.916 -2.193  1.00 33.90  ? 10  2MG A "O5'" 1 
HETATM 200  C  "C5'" . 2MG A 1 10 ? 11.427  -31.321 -0.940  1.00 49.79  ? 10  2MG A "C5'" 1 
HETATM 201  C  "C4'" . 2MG A 1 10 ? 10.495  -30.893 0.149   1.00 43.51  ? 10  2MG A "C4'" 1 
HETATM 202  O  "O4'" . 2MG A 1 10 ? 10.521  -29.450 0.261   1.00 34.43  ? 10  2MG A "O4'" 1 
HETATM 203  C  "C3'" . 2MG A 1 10 ? 9.054   -31.268 -0.130  1.00 40.61  ? 10  2MG A "C3'" 1 
HETATM 204  O  "O3'" . 2MG A 1 10 ? 8.850   -32.568 0.401   1.00 30.47  ? 10  2MG A "O3'" 1 
HETATM 205  C  "C2'" . 2MG A 1 10 ? 8.287   -30.167 0.586   1.00 37.88  ? 10  2MG A "C2'" 1 
HETATM 206  O  "O2'" . 2MG A 1 10 ? 8.158   -30.415 1.968   1.00 45.36  ? 10  2MG A "O2'" 1 
HETATM 207  C  "C1'" . 2MG A 1 10 ? 9.205   -28.964 0.346   1.00 26.59  ? 10  2MG A "C1'" 1 
HETATM 208  N  N9    . 2MG A 1 10 ? 8.947   -28.310 -0.920  1.00 16.87  ? 10  2MG A N9    1 
HETATM 209  C  C8    . 2MG A 1 10 ? 9.644   -28.474 -2.090  1.00 5.00   ? 10  2MG A C8    1 
HETATM 210  N  N7    . 2MG A 1 10 ? 9.161   -27.765 -3.067  1.00 13.00  ? 10  2MG A N7    1 
HETATM 211  C  C5    . 2MG A 1 10 ? 8.087   -27.093 -2.497  1.00 8.95   ? 10  2MG A C5    1 
HETATM 212  C  C6    . 2MG A 1 10 ? 7.176   -26.181 -3.060  1.00 3.28   ? 10  2MG A C6    1 
HETATM 213  O  O6    . 2MG A 1 10 ? 7.134   -25.765 -4.202  1.00 19.38  ? 10  2MG A O6    1 
HETATM 214  N  N1    . 2MG A 1 10 ? 6.248   -25.741 -2.135  1.00 3.09   ? 10  2MG A N1    1 
HETATM 215  C  C2    . 2MG A 1 10 ? 6.210   -26.124 -0.830  1.00 22.18  ? 10  2MG A C2    1 
HETATM 216  N  N2    . 2MG A 1 10 ? 5.261   -25.565 -0.087  1.00 28.12  ? 10  2MG A N2    1 
HETATM 217  C  CM2   . 2MG A 1 10 ? 4.251   -26.389 0.569   1.00 39.07  ? 10  2MG A CM2   1 
HETATM 218  N  N3    . 2MG A 1 10 ? 7.048   -26.983 -0.288  1.00 8.03   ? 10  2MG A N3    1 
HETATM 219  C  C4    . 2MG A 1 10 ? 7.954   -27.421 -1.174  1.00 15.76  ? 10  2MG A C4    1 
ATOM   220  P  P     . C   A 1 11 ? 7.430   -33.286 0.257   1.00 26.64  ? 11  C   A P     1 
ATOM   221  O  OP1   . C   A 1 11 ? 7.683   -34.642 0.772   1.00 32.01  ? 11  C   A OP1   1 
ATOM   222  O  OP2   . C   A 1 11 ? 6.792   -33.115 -1.074  1.00 15.82  ? 11  C   A OP2   1 
ATOM   223  O  "O5'" . C   A 1 11 ? 6.505   -32.524 1.287   1.00 3.63   ? 11  C   A "O5'" 1 
ATOM   224  C  "C5'" . C   A 1 11 ? 5.229   -33.030 1.555   1.00 6.64   ? 11  C   A "C5'" 1 
ATOM   225  C  "C4'" . C   A 1 11 ? 4.255   -31.913 1.604   1.00 8.50   ? 11  C   A "C4'" 1 
ATOM   226  O  "O4'" . C   A 1 11 ? 4.878   -30.733 1.066   1.00 7.83   ? 11  C   A "O4'" 1 
ATOM   227  C  "C3'" . C   A 1 11 ? 3.058   -32.074 0.698   1.00 15.76  ? 11  C   A "C3'" 1 
ATOM   228  O  "O3'" . C   A 1 11 ? 2.126   -32.980 1.230   1.00 11.02  ? 11  C   A "O3'" 1 
ATOM   229  C  "C2'" . C   A 1 11 ? 2.543   -30.653 0.597   1.00 17.69  ? 11  C   A "C2'" 1 
ATOM   230  O  "O2'" . C   A 1 11 ? 1.725   -30.274 1.689   1.00 14.54  ? 11  C   A "O2'" 1 
ATOM   231  C  "C1'" . C   A 1 11 ? 3.862   -29.875 0.573   1.00 20.60  ? 11  C   A "C1'" 1 
ATOM   232  N  N1    . C   A 1 11 ? 4.252   -29.473 -0.768  1.00 35.57  ? 11  C   A N1    1 
ATOM   233  C  C2    . C   A 1 11 ? 3.360   -28.714 -1.536  1.00 48.37  ? 11  C   A C2    1 
ATOM   234  O  O2    . C   A 1 11 ? 2.248   -28.426 -1.050  1.00 43.62  ? 11  C   A O2    1 
ATOM   235  N  N3    . C   A 1 11 ? 3.730   -28.321 -2.779  1.00 42.11  ? 11  C   A N3    1 
ATOM   236  C  C4    . C   A 1 11 ? 4.927   -28.666 -3.253  1.00 40.25  ? 11  C   A C4    1 
ATOM   237  N  N4    . C   A 1 11 ? 5.257   -28.260 -4.468  1.00 33.39  ? 11  C   A N4    1 
ATOM   238  C  C5    . C   A 1 11 ? 5.846   -29.450 -2.493  1.00 55.16  ? 11  C   A C5    1 
ATOM   239  C  C6    . C   A 1 11 ? 5.471   -29.826 -1.266  1.00 33.27  ? 11  C   A C6    1 
ATOM   240  P  P     . U   A 1 12 ? 1.681   -34.230 0.341   1.00 21.47  ? 12  U   A P     1 
ATOM   241  O  OP1   . U   A 1 12 ? 1.410   -35.401 1.224   1.00 16.22  ? 12  U   A OP1   1 
ATOM   242  O  OP2   . U   A 1 12 ? 2.685   -34.362 -0.742  1.00 32.12  ? 12  U   A OP2   1 
ATOM   243  O  "O5'" . U   A 1 12 ? 0.337   -33.689 -0.313  1.00 4.54   ? 12  U   A "O5'" 1 
ATOM   244  C  "C5'" . U   A 1 12 ? -0.678  -33.172 0.518   1.00 15.68  ? 12  U   A "C5'" 1 
ATOM   245  C  "C4'" . U   A 1 12 ? -1.618  -32.309 -0.272  1.00 14.36  ? 12  U   A "C4'" 1 
ATOM   246  O  "O4'" . U   A 1 12 ? -0.928  -31.121 -0.716  1.00 21.80  ? 12  U   A "O4'" 1 
ATOM   247  C  "C3'" . U   A 1 12 ? -2.172  -32.937 -1.524  1.00 13.09  ? 12  U   A "C3'" 1 
ATOM   248  O  "O3'" . U   A 1 12 ? -3.301  -33.733 -1.210  1.00 8.93   ? 12  U   A "O3'" 1 
ATOM   249  C  "C2'" . U   A 1 12 ? -2.525  -31.715 -2.354  1.00 14.66  ? 12  U   A "C2'" 1 
ATOM   250  O  "O2'" . U   A 1 12 ? -3.737  -31.142 -1.941  1.00 13.64  ? 12  U   A "O2'" 1 
ATOM   251  C  "C1'" . U   A 1 12 ? -1.370  -30.770 -2.009  1.00 17.30  ? 12  U   A "C1'" 1 
ATOM   252  N  N1    . U   A 1 12 ? -0.210  -30.877 -2.905  1.00 29.87  ? 12  U   A N1    1 
ATOM   253  C  C2    . U   A 1 12 ? -0.318  -30.333 -4.161  1.00 13.72  ? 12  U   A C2    1 
ATOM   254  O  O2    . U   A 1 12 ? -1.309  -29.751 -4.521  1.00 16.20  ? 12  U   A O2    1 
ATOM   255  N  N3    . U   A 1 12 ? 0.785   -30.486 -4.960  1.00 12.62  ? 12  U   A N3    1 
ATOM   256  C  C4    . U   A 1 12 ? 1.979   -31.098 -4.611  1.00 34.95  ? 12  U   A C4    1 
ATOM   257  O  O4    . U   A 1 12 ? 2.908   -31.124 -5.416  1.00 44.28  ? 12  U   A O4    1 
ATOM   258  C  C5    . U   A 1 12 ? 2.016   -31.624 -3.282  1.00 30.60  ? 12  U   A C5    1 
ATOM   259  C  C6    . U   A 1 12 ? 0.947   -31.504 -2.497  1.00 28.71  ? 12  U   A C6    1 
ATOM   260  P  P     . C   A 1 13 ? -3.621  -35.016 -2.102  1.00 23.02  ? 13  C   A P     1 
ATOM   261  O  OP1   . C   A 1 13 ? -4.798  -35.713 -1.531  1.00 14.66  ? 13  C   A OP1   1 
ATOM   262  O  OP2   . C   A 1 13 ? -2.337  -35.743 -2.238  1.00 3.09   ? 13  C   A OP2   1 
ATOM   263  O  "O5'" . C   A 1 13 ? -4.066  -34.336 -3.476  1.00 21.81  ? 13  C   A "O5'" 1 
ATOM   264  C  "C5'" . C   A 1 13 ? -3.580  -34.766 -4.754  1.00 26.20  ? 13  C   A "C5'" 1 
ATOM   265  C  "C4'" . C   A 1 13 ? -3.943  -33.734 -5.814  1.00 24.63  ? 13  C   A "C4'" 1 
ATOM   266  O  "O4'" . C   A 1 13 ? -3.167  -32.531 -5.571  1.00 28.12  ? 13  C   A "O4'" 1 
ATOM   267  C  "C3'" . C   A 1 13 ? -3.677  -34.065 -7.281  1.00 16.75  ? 13  C   A "C3'" 1 
ATOM   268  O  "O3'" . C   A 1 13 ? -4.814  -34.693 -7.848  1.00 22.08  ? 13  C   A "O3'" 1 
ATOM   269  C  "C2'" . C   A 1 13 ? -3.555  -32.676 -7.875  1.00 16.61  ? 13  C   A "C2'" 1 
ATOM   270  O  "O2'" . C   A 1 13 ? -4.813  -32.042 -7.949  1.00 14.42  ? 13  C   A "O2'" 1 
ATOM   271  C  "C1'" . C   A 1 13 ? -2.740  -31.980 -6.799  1.00 12.98  ? 13  C   A "C1'" 1 
ATOM   272  N  N1    . C   A 1 13 ? -1.325  -32.294 -6.953  1.00 17.41  ? 13  C   A N1    1 
ATOM   273  C  C2    . C   A 1 13 ? -0.610  -31.650 -7.937  1.00 21.97  ? 13  C   A C2    1 
ATOM   274  O  O2    . C   A 1 13 ? -1.192  -30.816 -8.637  1.00 9.72   ? 13  C   A O2    1 
ATOM   275  N  N3    . C   A 1 13 ? 0.690   -31.952 -8.113  1.00 24.56  ? 13  C   A N3    1 
ATOM   276  C  C4    . C   A 1 13 ? 1.265   -32.874 -7.345  1.00 15.96  ? 13  C   A C4    1 
ATOM   277  N  N4    . C   A 1 13 ? 2.544   -33.172 -7.572  1.00 13.04  ? 13  C   A N4    1 
ATOM   278  C  C5    . C   A 1 13 ? 0.554   -33.539 -6.315  1.00 24.02  ? 13  C   A C5    1 
ATOM   279  C  C6    . C   A 1 13 ? -0.725  -33.220 -6.152  1.00 20.27  ? 13  C   A C6    1 
ATOM   280  P  P     . A   A 1 14 ? -4.635  -35.752 -9.037  1.00 22.47  ? 14  A   A P     1 
ATOM   281  O  OP1   . A   A 1 14 ? -5.990  -36.294 -9.264  1.00 28.01  ? 14  A   A OP1   1 
ATOM   282  O  OP2   . A   A 1 14 ? -3.513  -36.671 -8.709  1.00 15.39  ? 14  A   A OP2   1 
ATOM   283  O  "O5'" . A   A 1 14 ? -4.252  -34.867 -10.302 1.00 28.73  ? 14  A   A "O5'" 1 
ATOM   284  C  "C5'" . A   A 1 14 ? -5.119  -33.815 -10.738 1.00 32.92  ? 14  A   A "C5'" 1 
ATOM   285  C  "C4'" . A   A 1 14 ? -4.591  -33.170 -12.008 1.00 26.71  ? 14  A   A "C4'" 1 
ATOM   286  O  "O4'" . A   A 1 14 ? -3.517  -32.227 -11.752 1.00 22.79  ? 14  A   A "O4'" 1 
ATOM   287  C  "C3'" . A   A 1 14 ? -3.993  -34.120 -13.018 1.00 24.44  ? 14  A   A "C3'" 1 
ATOM   288  O  "O3'" . A   A 1 14 ? -5.030  -34.719 -13.756 1.00 30.92  ? 14  A   A "O3'" 1 
ATOM   289  C  "C2'" . A   A 1 14 ? -3.223  -33.162 -13.895 1.00 24.30  ? 14  A   A "C2'" 1 
ATOM   290  O  "O2'" . A   A 1 14 ? -4.119  -32.435 -14.699 1.00 48.81  ? 14  A   A "O2'" 1 
ATOM   291  C  "C1'" . A   A 1 14 ? -2.634  -32.216 -12.855 1.00 13.63  ? 14  A   A "C1'" 1 
ATOM   292  N  N9    . A   A 1 14 ? -1.336  -32.713 -12.432 1.00 10.17  ? 14  A   A N9    1 
ATOM   293  C  C8    . A   A 1 14 ? -0.977  -33.425 -11.318 1.00 29.53  ? 14  A   A C8    1 
ATOM   294  N  N7    . A   A 1 14 ? 0.295   -33.749 -11.283 1.00 26.67  ? 14  A   A N7    1 
ATOM   295  C  C5    . A   A 1 14 ? 0.803   -33.208 -12.455 1.00 26.89  ? 14  A   A C5    1 
ATOM   296  C  C6    . A   A 1 14 ? 2.090   -33.209 -13.025 1.00 21.19  ? 14  A   A C6    1 
ATOM   297  N  N6    . A   A 1 14 ? 3.149   -33.804 -12.484 1.00 34.87  ? 14  A   A N6    1 
ATOM   298  N  N1    . A   A 1 14 ? 2.253   -32.567 -14.196 1.00 36.98  ? 14  A   A N1    1 
ATOM   299  C  C2    . A   A 1 14 ? 1.188   -31.970 -14.757 1.00 50.51  ? 14  A   A C2    1 
ATOM   300  N  N3    . A   A 1 14 ? -0.068  -31.908 -14.326 1.00 19.39  ? 14  A   A N3    1 
ATOM   301  C  C4    . A   A 1 14 ? -0.192  -32.556 -13.160 1.00 21.97  ? 14  A   A C4    1 
ATOM   302  P  P     . G   A 1 15 ? -4.868  -36.228 -14.221 1.00 29.01  ? 15  G   A P     1 
ATOM   303  O  OP1   . G   A 1 15 ? -6.082  -36.587 -14.999 1.00 3.82   ? 15  G   A OP1   1 
ATOM   304  O  OP2   . G   A 1 15 ? -4.538  -36.970 -12.979 1.00 27.10  ? 15  G   A OP2   1 
ATOM   305  O  "O5'" . G   A 1 15 ? -3.580  -36.160 -15.153 1.00 3.63   ? 15  G   A "O5'" 1 
ATOM   306  C  "C5'" . G   A 1 15 ? -3.627  -35.417 -16.359 1.00 5.00   ? 15  G   A "C5'" 1 
ATOM   307  C  "C4'" . G   A 1 15 ? -2.259  -35.316 -16.968 1.00 3.40   ? 15  G   A "C4'" 1 
ATOM   308  O  "O4'" . G   A 1 15 ? -1.399  -34.659 -16.014 1.00 21.67  ? 15  G   A "O4'" 1 
ATOM   309  C  "C3'" . G   A 1 15 ? -1.542  -36.621 -17.234 1.00 11.96  ? 15  G   A "C3'" 1 
ATOM   310  O  "O3'" . G   A 1 15 ? -1.925  -37.202 -18.470 1.00 10.24  ? 15  G   A "O3'" 1 
ATOM   311  C  "C2'" . G   A 1 15 ? -0.097  -36.167 -17.280 1.00 13.46  ? 15  G   A "C2'" 1 
ATOM   312  O  "O2'" . G   A 1 15 ? 0.188   -35.522 -18.496 1.00 24.14  ? 15  G   A "O2'" 1 
ATOM   313  C  "C1'" . G   A 1 15 ? -0.076  -35.133 -16.156 1.00 14.35  ? 15  G   A "C1'" 1 
ATOM   314  N  N9    . G   A 1 15 ? 0.322   -35.701 -14.880 1.00 16.00  ? 15  G   A N9    1 
ATOM   315  C  C8    . G   A 1 15 ? -0.477  -35.878 -13.774 1.00 13.18  ? 15  G   A C8    1 
ATOM   316  N  N7    . G   A 1 15 ? 0.147   -36.455 -12.780 1.00 18.86  ? 15  G   A N7    1 
ATOM   317  C  C5    . G   A 1 15 ? 1.433   -36.671 -13.262 1.00 9.46   ? 15  G   A C5    1 
ATOM   318  C  C6    . G   A 1 15 ? 2.543   -37.283 -12.645 1.00 3.28   ? 15  G   A C6    1 
ATOM   319  O  O6    . G   A 1 15 ? 2.610   -37.782 -11.529 1.00 23.28  ? 15  G   A O6    1 
ATOM   320  N  N1    . G   A 1 15 ? 3.656   -37.285 -13.476 1.00 17.47  ? 15  G   A N1    1 
ATOM   321  C  C2    . G   A 1 15 ? 3.698   -36.756 -14.746 1.00 33.42  ? 15  G   A C2    1 
ATOM   322  N  N2    . G   A 1 15 ? 4.890   -36.836 -15.383 1.00 26.52  ? 15  G   A N2    1 
ATOM   323  N  N3    . G   A 1 15 ? 2.655   -36.188 -15.343 1.00 10.00  ? 15  G   A N3    1 
ATOM   324  C  C4    . G   A 1 15 ? 1.564   -36.186 -14.548 1.00 13.32  ? 15  G   A C4    1 
HETATM 325  P  P     . H2U A 1 16 ? -1.679  -38.768 -18.708 1.00 26.40  ? 16  H2U A P     1 
HETATM 326  O  OP1   . H2U A 1 16 ? -2.551  -39.576 -17.811 1.00 23.76  ? 16  H2U A OP1   1 
HETATM 327  O  OP2   . H2U A 1 16 ? -0.224  -38.984 -18.687 1.00 17.00  ? 16  H2U A OP2   1 
HETATM 328  O  "O5'" . H2U A 1 16 ? -2.159  -38.992 -20.200 1.00 46.55  ? 16  H2U A "O5'" 1 
HETATM 329  C  "C5'" . H2U A 1 16 ? -3.052  -40.048 -20.520 1.00 74.04  ? 16  H2U A "C5'" 1 
HETATM 330  C  "C4'" . H2U A 1 16 ? -4.460  -39.674 -20.121 1.00 71.23  ? 16  H2U A "C4'" 1 
HETATM 331  O  "O4'" . H2U A 1 16 ? -4.733  -38.339 -20.612 1.00 82.84  ? 16  H2U A "O4'" 1 
HETATM 332  C  "C3'" . H2U A 1 16 ? -5.514  -40.567 -20.750 1.00 68.02  ? 16  H2U A "C3'" 1 
HETATM 333  O  "O3'" . H2U A 1 16 ? -6.283  -41.413 -19.911 1.00 49.19  ? 16  H2U A "O3'" 1 
HETATM 334  C  "C1'" . H2U A 1 16 ? -5.643  -38.381 -21.701 1.00 90.32  ? 16  H2U A "C1'" 1 
HETATM 335  C  "C2'" . H2U A 1 16 ? -6.070  -39.828 -21.968 1.00 77.24  ? 16  H2U A "C2'" 1 
HETATM 336  O  "O2'" . H2U A 1 16 ? -7.483  -39.824 -22.017 1.00 72.49  ? 16  H2U A "O2'" 1 
HETATM 337  N  N1    . H2U A 1 16 ? -4.998  -37.762 -22.869 1.00 106.31 ? 16  H2U A N1    1 
HETATM 338  C  C2    . H2U A 1 16 ? -5.623  -36.681 -23.478 1.00 117.95 ? 16  H2U A C2    1 
HETATM 339  O  O2    . H2U A 1 16 ? -6.814  -36.423 -23.325 1.00 121.09 ? 16  H2U A O2    1 
HETATM 340  N  N3    . H2U A 1 16 ? -4.803  -35.907 -24.271 1.00 120.10 ? 16  H2U A N3    1 
HETATM 341  C  C4    . H2U A 1 16 ? -3.462  -36.122 -24.576 1.00 108.26 ? 16  H2U A C4    1 
HETATM 342  O  O4    . H2U A 1 16 ? -2.845  -35.263 -25.217 1.00 109.95 ? 16  H2U A O4    1 
HETATM 343  C  C5    . H2U A 1 16 ? -2.854  -37.388 -24.104 1.00 104.14 ? 16  H2U A C5    1 
HETATM 344  C  C6    . H2U A 1 16 ? -3.811  -38.376 -23.477 1.00 93.77  ? 16  H2U A C6    1 
ATOM   345  P  P     . C   A 1 17 ? -5.718  -42.868 -19.529 1.00 42.70  ? 17  C   A P     1 
ATOM   346  O  OP1   . C   A 1 17 ? -6.797  -43.634 -18.855 1.00 43.49  ? 17  C   A OP1   1 
ATOM   347  O  OP2   . C   A 1 17 ? -4.422  -42.664 -18.829 1.00 39.44  ? 17  C   A OP2   1 
ATOM   348  O  "O5'" . C   A 1 17 ? -5.414  -43.558 -20.930 1.00 15.26  ? 17  C   A "O5'" 1 
ATOM   349  C  "C5'" . C   A 1 17 ? -4.690  -44.779 -20.975 1.00 31.32  ? 17  C   A "C5'" 1 
ATOM   350  C  "C4'" . C   A 1 17 ? -4.533  -45.216 -22.393 1.00 18.45  ? 17  C   A "C4'" 1 
ATOM   351  O  "O4'" . C   A 1 17 ? -5.793  -45.637 -22.894 1.00 30.73  ? 17  C   A "O4'" 1 
ATOM   352  C  "C3'" . C   A 1 17 ? -4.062  -44.068 -23.239 1.00 5.15   ? 17  C   A "C3'" 1 
ATOM   353  O  "O3'" . C   A 1 17 ? -2.701  -44.330 -23.585 1.00 20.13  ? 17  C   A "O3'" 1 
ATOM   354  C  "C2'" . C   A 1 17 ? -4.869  -44.148 -24.525 1.00 18.55  ? 17  C   A "C2'" 1 
ATOM   355  O  "O2'" . C   A 1 17 ? -3.989  -44.495 -25.566 1.00 27.57  ? 17  C   A "O2'" 1 
ATOM   356  C  "C1'" . C   A 1 17 ? -5.907  -45.248 -24.230 1.00 41.71  ? 17  C   A "C1'" 1 
ATOM   357  N  N1    . C   A 1 17 ? -7.353  -45.111 -24.524 1.00 64.14  ? 17  C   A N1    1 
ATOM   358  C  C2    . C   A 1 17 ? -7.808  -45.261 -25.834 1.00 70.85  ? 17  C   A C2    1 
ATOM   359  O  O2    . C   A 1 17 ? -6.983  -45.405 -26.747 1.00 88.97  ? 17  C   A O2    1 
ATOM   360  N  N3    . C   A 1 17 ? -9.140  -45.244 -26.074 1.00 72.88  ? 17  C   A N3    1 
ATOM   361  C  C4    . C   A 1 17 ? -10.002 -45.079 -25.070 1.00 53.13  ? 17  C   A C4    1 
ATOM   362  N  N4    . C   A 1 17 ? -11.300 -45.096 -25.354 1.00 47.53  ? 17  C   A N4    1 
ATOM   363  C  C5    . C   A 1 17 ? -9.570  -44.889 -23.736 1.00 60.99  ? 17  C   A C5    1 
ATOM   364  C  C6    . C   A 1 17 ? -8.248  -44.900 -23.509 1.00 76.38  ? 17  C   A C6    1 
ATOM   365  P  P     . G   A 1 18 ? -1.978  -45.741 -23.166 1.00 28.37  ? 18  G   A P     1 
ATOM   366  O  OP1   . G   A 1 18 ? -2.413  -46.824 -24.066 1.00 27.82  ? 18  G   A OP1   1 
ATOM   367  O  OP2   . G   A 1 18 ? -1.949  -45.974 -21.705 1.00 27.72  ? 18  G   A OP2   1 
ATOM   368  O  "O5'" . G   A 1 18 ? -0.472  -45.456 -23.525 1.00 4.27   ? 18  G   A "O5'" 1 
ATOM   369  C  "C5'" . G   A 1 18 ? -0.112  -44.144 -23.879 1.00 24.53  ? 18  G   A "C5'" 1 
ATOM   370  C  "C4'" . G   A 1 18 ? 1.020   -43.708 -23.040 1.00 8.06   ? 18  G   A "C4'" 1 
ATOM   371  O  "O4'" . G   A 1 18 ? 1.832   -44.869 -22.843 1.00 25.85  ? 18  G   A "O4'" 1 
ATOM   372  C  "C3'" . G   A 1 18 ? 1.855   -42.669 -23.769 1.00 9.40   ? 18  G   A "C3'" 1 
ATOM   373  O  "O3'" . G   A 1 18 ? 2.297   -41.668 -22.844 1.00 15.59  ? 18  G   A "O3'" 1 
ATOM   374  C  "C2'" . G   A 1 18 ? 2.958   -43.479 -24.449 1.00 14.63  ? 18  G   A "C2'" 1 
ATOM   375  O  "O2'" . G   A 1 18 ? 4.213   -42.846 -24.383 1.00 38.68  ? 18  G   A "O2'" 1 
ATOM   376  C  "C1'" . G   A 1 18 ? 3.028   -44.730 -23.562 1.00 33.67  ? 18  G   A "C1'" 1 
ATOM   377  N  N9    . G   A 1 18 ? 3.338   -46.011 -24.176 1.00 30.22  ? 18  G   A N9    1 
ATOM   378  C  C8    . G   A 1 18 ? 2.483   -46.827 -24.862 1.00 29.00  ? 18  G   A C8    1 
ATOM   379  N  N7    . G   A 1 18 ? 3.059   -47.910 -25.294 1.00 45.54  ? 18  G   A N7    1 
ATOM   380  C  C5    . G   A 1 18 ? 4.372   -47.798 -24.865 1.00 27.95  ? 18  G   A C5    1 
ATOM   381  C  C6    . G   A 1 18 ? 5.476   -48.650 -25.066 1.00 36.54  ? 18  G   A C6    1 
ATOM   382  O  O6    . G   A 1 18 ? 5.526   -49.714 -25.693 1.00 50.37  ? 18  G   A O6    1 
ATOM   383  N  N1    . G   A 1 18 ? 6.618   -48.153 -24.467 1.00 32.39  ? 18  G   A N1    1 
ATOM   384  C  C2    . G   A 1 18 ? 6.696   -46.986 -23.776 1.00 28.91  ? 18  G   A C2    1 
ATOM   385  N  N2    . G   A 1 18 ? 7.897   -46.687 -23.277 1.00 33.81  ? 18  G   A N2    1 
ATOM   386  N  N3    . G   A 1 18 ? 5.677   -46.172 -23.589 1.00 23.95  ? 18  G   A N3    1 
ATOM   387  C  C4    . G   A 1 18 ? 4.554   -46.639 -24.164 1.00 16.72  ? 18  G   A C4    1 
ATOM   388  P  P     A G   A 1 19 ? 2.237   -40.118 -23.222 0.70 19.96  ? 19  G   A P     1 
ATOM   389  P  P     B G   A 1 19 ? 2.213   -40.119 -23.171 0.30 19.75  ? 19  G   A P     1 
ATOM   390  O  OP1   A G   A 1 19 ? 2.030   -39.414 -21.945 0.70 20.65  ? 19  G   A OP1   1 
ATOM   391  O  OP1   B G   A 1 19 ? 2.062   -39.518 -21.838 0.30 19.34  ? 19  G   A OP1   1 
ATOM   392  O  OP2   A G   A 1 19 ? 1.233   -39.984 -24.304 0.70 21.88  ? 19  G   A OP2   1 
ATOM   393  O  OP2   B G   A 1 19 ? 1.169   -39.892 -24.189 0.30 19.14  ? 19  G   A OP2   1 
ATOM   394  O  "O5'" A G   A 1 19 ? 3.686   -39.737 -23.787 0.70 7.33   ? 19  G   A "O5'" 1 
ATOM   395  O  "O5'" B G   A 1 19 ? 3.647   -39.683 -23.727 0.30 19.86  ? 19  G   A "O5'" 1 
ATOM   396  C  "C5'" A G   A 1 19 ? 3.816   -38.667 -24.725 0.70 17.04  ? 19  G   A "C5'" 1 
ATOM   397  C  "C5'" B G   A 1 19 ? 3.741   -38.661 -24.716 0.30 27.80  ? 19  G   A "C5'" 1 
ATOM   398  C  "C4'" A G   A 1 19 ? 5.262   -38.424 -25.091 0.70 20.28  ? 19  G   A "C4'" 1 
ATOM   399  C  "C4'" B G   A 1 19 ? 5.177   -38.358 -25.059 0.30 36.42  ? 19  G   A "C4'" 1 
ATOM   400  O  "O4'" A G   A 1 19 ? 5.791   -39.647 -25.656 0.70 23.60  ? 19  G   A "O4'" 1 
ATOM   401  O  "O4'" B G   A 1 19 ? 5.712   -39.513 -25.757 0.30 39.95  ? 19  G   A "O4'" 1 
ATOM   402  C  "C3'" A G   A 1 19 ? 5.379   -37.359 -26.190 0.70 29.75  ? 19  G   A "C3'" 1 
ATOM   403  C  "C3'" B G   A 1 19 ? 5.194   -37.193 -26.076 0.30 41.79  ? 19  G   A "C3'" 1 
ATOM   404  O  "O3'" A G   A 1 19 ? 6.263   -36.255 -26.005 0.70 18.93  ? 19  G   A "O3'" 1 
ATOM   405  O  "O3'" B G   A 1 19 ? 6.120   -36.118 -25.909 0.30 44.09  ? 19  G   A "O3'" 1 
ATOM   406  C  "C2'" A G   A 1 19 ? 5.532   -38.111 -27.500 0.70 44.90  ? 19  G   A "C2'" 1 
ATOM   407  C  "C2'" B G   A 1 19 ? 5.344   -37.822 -27.440 0.30 47.45  ? 19  G   A "C2'" 1 
ATOM   408  O  "O2'" A G   A 1 19 ? 6.559   -37.538 -28.287 0.70 69.21  ? 19  G   A "O2'" 1 
ATOM   409  O  "O2'" B G   A 1 19 ? 6.294   -37.050 -28.154 0.30 54.30  ? 19  G   A "O2'" 1 
ATOM   410  C  "C1'" A G   A 1 19 ? 6.021   -39.488 -27.045 0.70 41.06  ? 19  G   A "C1'" 1 
ATOM   411  C  "C1'" B G   A 1 19 ? 6.003   -39.144 -27.077 0.30 48.40  ? 19  G   A "C1'" 1 
ATOM   412  N  N9    A G   A 1 19 ? 5.376   -40.576 -27.771 0.70 39.32  ? 19  G   A N9    1 
ATOM   413  N  N9    B G   A 1 19 ? 6.015   -40.268 -28.006 0.30 53.05  ? 19  G   A N9    1 
ATOM   414  C  C8    A G   A 1 19 ? 4.032   -40.808 -27.898 0.70 39.54  ? 19  G   A C8    1 
ATOM   415  C  C8    B G   A 1 19 ? 5.474   -41.523 -27.893 0.30 55.57  ? 19  G   A C8    1 
ATOM   416  N  N7    A G   A 1 19 ? 3.760   -41.847 -28.639 0.70 44.56  ? 19  G   A N7    1 
ATOM   417  N  N7    B G   A 1 19 ? 5.817   -42.313 -28.881 0.30 55.46  ? 19  G   A N7    1 
ATOM   418  C  C5    A G   A 1 19 ? 5.000   -42.332 -29.014 0.70 39.57  ? 19  G   A C5    1 
ATOM   419  C  C5    B G   A 1 19 ? 6.600   -41.510 -29.715 0.30 63.07  ? 19  G   A C5    1 
ATOM   420  C  C6    A G   A 1 19 ? 5.336   -43.447 -29.794 0.70 48.75  ? 19  G   A C6    1 
ATOM   421  C  C6    B G   A 1 19 ? 7.257   -41.790 -30.977 0.30 70.60  ? 19  G   A C6    1 
ATOM   422  O  O6    A G   A 1 19 ? 4.586   -44.243 -30.350 0.70 50.73  ? 19  G   A O6    1 
ATOM   423  O  O6    B G   A 1 19 ? 7.304   -42.845 -31.606 0.30 75.23  ? 19  G   A O6    1 
ATOM   424  N  N1    A G   A 1 19 ? 6.708   -43.599 -29.899 0.70 61.55  ? 19  G   A N1    1 
ATOM   425  N  N1    B G   A 1 19 ? 7.886   -40.662 -31.497 0.30 76.09  ? 19  G   A N1    1 
ATOM   426  C  C2    A G   A 1 19 ? 7.640   -42.771 -29.326 0.70 69.40  ? 19  G   A C2    1 
ATOM   427  C  C2    B G   A 1 19 ? 7.907   -39.425 -30.903 0.30 77.50  ? 19  G   A C2    1 
ATOM   428  N  N2    A G   A 1 19 ? 8.924   -43.089 -29.525 0.70 79.69  ? 19  G   A N2    1 
ATOM   429  N  N2    B G   A 1 19 ? 8.556   -38.450 -31.568 0.30 83.28  ? 19  G   A N2    1 
ATOM   430  N  N3    A G   A 1 19 ? 7.335   -41.713 -28.605 0.70 66.74  ? 19  G   A N3    1 
ATOM   431  N  N3    B G   A 1 19 ? 7.329   -39.158 -29.738 0.30 72.20  ? 19  G   A N3    1 
ATOM   432  C  C4    A G   A 1 19 ? 6.007   -41.559 -28.483 0.70 45.04  ? 19  G   A C4    1 
ATOM   433  C  C4    B G   A 1 19 ? 6.695   -40.239 -29.209 0.30 60.45  ? 19  G   A C4    1 
HETATM 434  P  P     A H2U A 1 20 ? 6.515   -35.698 -24.536 0.50 43.02  ? 20  H2U A P     1 
HETATM 435  P  P     B H2U A 1 20 ? 6.555   -35.685 -24.445 0.50 52.70  ? 20  H2U A P     1 
HETATM 436  O  OP1   A H2U A 1 20 ? 6.931   -36.830 -23.674 0.50 49.01  ? 20  H2U A OP1   1 
HETATM 437  O  OP1   B H2U A 1 20 ? 7.018   -36.888 -23.709 0.50 55.00  ? 20  H2U A OP1   1 
HETATM 438  O  OP2   A H2U A 1 20 ? 5.318   -34.904 -24.177 0.50 48.78  ? 20  H2U A OP2   1 
HETATM 439  O  OP2   B H2U A 1 20 ? 5.427   -34.878 -23.917 0.50 56.73  ? 20  H2U A OP2   1 
HETATM 440  O  "O5'" A H2U A 1 20 ? 7.779   -34.741 -24.645 0.50 46.16  ? 20  H2U A "O5'" 1 
HETATM 441  O  "O5'" B H2U A 1 20 ? 7.827   -34.757 -24.631 0.50 52.45  ? 20  H2U A "O5'" 1 
HETATM 442  C  "C5'" A H2U A 1 20 ? 8.829   -34.824 -23.677 0.50 55.45  ? 20  H2U A "C5'" 1 
HETATM 443  C  "C5'" B H2U A 1 20 ? 8.899   -34.810 -23.691 0.50 58.50  ? 20  H2U A "C5'" 1 
HETATM 444  C  "C4'" A H2U A 1 20 ? 9.559   -33.505 -23.582 0.50 56.85  ? 20  H2U A "C4'" 1 
HETATM 445  C  "C4'" B H2U A 1 20 ? 9.583   -33.470 -23.619 0.50 58.63  ? 20  H2U A "C4'" 1 
HETATM 446  O  "O4'" A H2U A 1 20 ? 9.641   -32.969 -24.922 0.50 62.73  ? 20  H2U A "O4'" 1 
HETATM 447  O  "O4'" B H2U A 1 20 ? 9.595   -32.918 -24.958 0.50 64.11  ? 20  H2U A "O4'" 1 
HETATM 448  C  "C3'" A H2U A 1 20 ? 8.885   -32.421 -22.746 0.50 56.22  ? 20  H2U A "C3'" 1 
HETATM 449  C  "C3'" B H2U A 1 20 ? 8.887   -32.419 -22.760 0.50 57.38  ? 20  H2U A "C3'" 1 
HETATM 450  O  "O3'" A H2U A 1 20 ? 9.497   -32.316 -21.444 0.50 37.81  ? 20  H2U A "O3'" 1 
HETATM 451  O  "O3'" B H2U A 1 20 ? 9.527   -32.318 -21.462 0.50 38.13  ? 20  H2U A "O3'" 1 
HETATM 452  C  "C1'" A H2U A 1 20 ? 9.720   -31.573 -24.853 0.50 68.13  ? 20  H2U A "C1'" 1 
HETATM 453  C  "C1'" B H2U A 1 20 ? 9.705   -31.523 -24.865 0.50 69.60  ? 20  H2U A "C1'" 1 
HETATM 454  C  "C2'" A H2U A 1 20 ? 9.275   -31.113 -23.455 0.50 66.83  ? 20  H2U A "C2'" 1 
HETATM 455  C  "C2'" B H2U A 1 20 ? 9.183   -31.087 -23.486 0.50 67.97  ? 20  H2U A "C2'" 1 
HETATM 456  O  "O2'" A H2U A 1 20 ? 10.359  -30.480 -22.804 0.50 77.96  ? 20  H2U A "O2'" 1 
HETATM 457  O  "O2'" B H2U A 1 20 ? 10.185  -30.328 -22.830 0.50 79.75  ? 20  H2U A "O2'" 1 
HETATM 458  N  N1    A H2U A 1 20 ? 9.080   -30.989 -26.043 0.50 71.99  ? 20  H2U A N1    1 
HETATM 459  N  N1    B H2U A 1 20 ? 9.180   -30.884 -26.088 0.50 73.81  ? 20  H2U A N1    1 
HETATM 460  C  C2    A H2U A 1 20 ? 9.342   -29.667 -26.354 0.50 75.91  ? 20  H2U A C2    1 
HETATM 461  C  C2    B H2U A 1 20 ? 9.791   -29.712 -26.538 0.50 78.34  ? 20  H2U A C2    1 
HETATM 462  O  O2    A H2U A 1 20 ? 9.584   -28.822 -25.509 0.50 74.04  ? 20  H2U A O2    1 
HETATM 463  O  O2    B H2U A 1 20 ? 10.401  -28.954 -25.799 0.50 79.97  ? 20  H2U A O2    1 
HETATM 464  N  N3    A H2U A 1 20 ? 9.301   -29.366 -27.703 0.50 82.07  ? 20  H2U A N3    1 
HETATM 465  N  N3    B H2U A 1 20 ? 9.666   -29.461 -27.894 0.50 82.76  ? 20  H2U A N3    1 
HETATM 466  C  C4    A H2U A 1 20 ? 8.953   -30.211 -28.760 0.50 80.53  ? 20  H2U A C4    1 
HETATM 467  C  C4    B H2U A 1 20 ? 8.959   -30.204 -28.843 0.50 81.58  ? 20  H2U A C4    1 
HETATM 468  O  O4    A H2U A 1 20 ? 9.078   -29.807 -29.927 0.50 70.53  ? 20  H2U A O4    1 
HETATM 469  O  O4    B H2U A 1 20 ? 9.042   -29.899 -30.044 0.50 71.59  ? 20  H2U A O4    1 
HETATM 470  C  C5    A H2U A 1 20 ? 8.443   -31.556 -28.399 0.50 78.28  ? 20  H2U A C5    1 
HETATM 471  C  C5    B H2U A 1 20 ? 8.134   -31.328 -28.328 0.50 80.17  ? 20  H2U A C5    1 
HETATM 472  C  C6    A H2U A 1 20 ? 8.221   -31.795 -26.911 0.50 79.89  ? 20  H2U A C6    1 
HETATM 473  C  C6    B H2U A 1 20 ? 8.030   -31.432 -26.806 0.50 81.34  ? 20  H2U A C6    1 
ATOM   474  P  P     . A   A 1 21 ? 9.312   -33.464 -20.332 1.00 25.23  ? 21  A   A P     1 
ATOM   475  O  OP1   . A   A 1 21 ? 10.556  -33.512 -19.530 1.00 12.19  ? 21  A   A OP1   1 
ATOM   476  O  OP2   . A   A 1 21 ? 8.805   -34.698 -20.982 1.00 23.61  ? 21  A   A OP2   1 
ATOM   477  O  "O5'" . A   A 1 21 ? 8.168   -32.911 -19.389 1.00 8.36   ? 21  A   A "O5'" 1 
ATOM   478  C  "C5'" . A   A 1 21 ? 6.819   -32.992 -19.806 1.00 26.14  ? 21  A   A "C5'" 1 
ATOM   479  C  "C4'" . A   A 1 21 ? 5.898   -32.617 -18.674 1.00 34.91  ? 21  A   A "C4'" 1 
ATOM   480  O  "O4'" . A   A 1 21 ? 5.717   -33.728 -17.761 1.00 14.29  ? 21  A   A "O4'" 1 
ATOM   481  C  "C3'" . A   A 1 21 ? 6.348   -31.441 -17.817 1.00 29.92  ? 21  A   A "C3'" 1 
ATOM   482  O  "O3'" . A   A 1 21 ? 5.967   -30.202 -18.440 1.00 29.25  ? 21  A   A "O3'" 1 
ATOM   483  C  "C2'" . A   A 1 21 ? 5.599   -31.707 -16.512 1.00 13.56  ? 21  A   A "C2'" 1 
ATOM   484  O  "O2'" . A   A 1 21 ? 4.254   -31.259 -16.566 1.00 16.34  ? 21  A   A "O2'" 1 
ATOM   485  C  "C1'" . A   A 1 21 ? 5.641   -33.238 -16.437 1.00 7.82   ? 21  A   A "C1'" 1 
ATOM   486  N  N9    . A   A 1 21 ? 6.806   -33.761 -15.742 1.00 10.07  ? 21  A   A N9    1 
ATOM   487  C  C8    . A   A 1 21 ? 8.053   -33.898 -16.272 1.00 41.28  ? 21  A   A C8    1 
ATOM   488  N  N7    . A   A 1 21 ? 8.923   -34.423 -15.448 1.00 43.96  ? 21  A   A N7    1 
ATOM   489  C  C5    . A   A 1 21 ? 8.198   -34.635 -14.297 1.00 8.10   ? 21  A   A C5    1 
ATOM   490  C  C6    . A   A 1 21 ? 8.552   -35.161 -13.074 1.00 21.66  ? 21  A   A C6    1 
ATOM   491  N  N6    . A   A 1 21 ? 9.787   -35.566 -12.777 1.00 36.99  ? 21  A   A N6    1 
ATOM   492  N  N1    . A   A 1 21 ? 7.594   -35.260 -12.140 1.00 42.58  ? 21  A   A N1    1 
ATOM   493  C  C2    . A   A 1 21 ? 6.364   -34.832 -12.439 1.00 44.42  ? 21  A   A C2    1 
ATOM   494  N  N3    . A   A 1 21 ? 5.911   -34.301 -13.562 1.00 21.60  ? 21  A   A N3    1 
ATOM   495  C  C4    . A   A 1 21 ? 6.891   -34.231 -14.462 1.00 8.16   ? 21  A   A C4    1 
ATOM   496  P  P     . G   A 1 22 ? 6.860   -28.885 -18.212 1.00 17.05  ? 22  G   A P     1 
ATOM   497  O  OP1   . G   A 1 22 ? 6.352   -27.856 -19.135 1.00 13.06  ? 22  G   A OP1   1 
ATOM   498  O  OP2   . G   A 1 22 ? 8.286   -29.291 -18.252 1.00 20.66  ? 22  G   A OP2   1 
ATOM   499  O  "O5'" . G   A 1 22 ? 6.556   -28.479 -16.704 1.00 24.00  ? 22  G   A "O5'" 1 
ATOM   500  C  "C5'" . G   A 1 22 ? 6.105   -27.180 -16.352 1.00 19.73  ? 22  G   A "C5'" 1 
ATOM   501  C  "C4'" . G   A 1 22 ? 4.640   -27.220 -15.983 1.00 24.32  ? 22  G   A "C4'" 1 
ATOM   502  O  "O4'" . G   A 1 22 ? 4.201   -28.585 -15.772 1.00 29.77  ? 22  G   A "O4'" 1 
ATOM   503  C  "C3'" . G   A 1 22 ? 4.268   -26.519 -14.694 1.00 23.36  ? 22  G   A "C3'" 1 
ATOM   504  O  "O3'" . G   A 1 22 ? 4.101   -25.139 -14.912 1.00 33.14  ? 22  G   A "O3'" 1 
ATOM   505  C  "C2'" . G   A 1 22 ? 2.937   -27.164 -14.355 1.00 22.17  ? 22  G   A "C2'" 1 
ATOM   506  O  "O2'" . G   A 1 22 ? 1.886   -26.633 -15.140 1.00 29.54  ? 22  G   A "O2'" 1 
ATOM   507  C  "C1'" . G   A 1 22 ? 3.207   -28.611 -14.763 1.00 16.80  ? 22  G   A "C1'" 1 
ATOM   508  N  N9    . G   A 1 22 ? 3.708   -29.417 -13.659 1.00 15.21  ? 22  G   A N9    1 
ATOM   509  C  C8    . G   A 1 22 ? 4.982   -29.903 -13.478 1.00 21.37  ? 22  G   A C8    1 
ATOM   510  N  N7    . G   A 1 22 ? 5.106   -30.628 -12.402 1.00 5.15   ? 22  G   A N7    1 
ATOM   511  C  C5    . G   A 1 22 ? 3.840   -30.612 -11.842 1.00 6.68   ? 22  G   A C5    1 
ATOM   512  C  C6    . G   A 1 22 ? 3.356   -31.232 -10.684 1.00 3.09   ? 22  G   A C6    1 
ATOM   513  O  O6    . G   A 1 22 ? 3.966   -31.948 -9.893  1.00 3.09   ? 22  G   A O6    1 
ATOM   514  N  N1    . G   A 1 22 ? 2.011   -30.954 -10.480 1.00 3.09   ? 22  G   A N1    1 
ATOM   515  C  C2    . G   A 1 22 ? 1.237   -30.171 -11.297 1.00 11.97  ? 22  G   A C2    1 
ATOM   516  N  N2    . G   A 1 22 ? -0.039  -30.013 -10.941 1.00 33.29  ? 22  G   A N2    1 
ATOM   517  N  N3    . G   A 1 22 ? 1.679   -29.586 -12.388 1.00 11.19  ? 22  G   A N3    1 
ATOM   518  C  C4    . G   A 1 22 ? 2.976   -29.852 -12.600 1.00 11.87  ? 22  G   A C4    1 
ATOM   519  P  P     . A   A 1 23 ? 4.284   -24.138 -13.685 1.00 40.14  ? 23  A   A P     1 
ATOM   520  O  OP1   . A   A 1 23 ? 4.433   -22.750 -14.196 1.00 37.89  ? 23  A   A OP1   1 
ATOM   521  O  OP2   . A   A 1 23 ? 5.370   -24.745 -12.862 1.00 26.95  ? 23  A   A OP2   1 
ATOM   522  O  "O5'" . A   A 1 23 ? 2.877   -24.214 -12.949 1.00 21.32  ? 23  A   A "O5'" 1 
ATOM   523  C  "C5'" . A   A 1 23 ? 1.728   -23.645 -13.555 1.00 17.67  ? 23  A   A "C5'" 1 
ATOM   524  C  "C4'" . A   A 1 23 ? 0.517   -23.880 -12.694 1.00 21.57  ? 23  A   A "C4'" 1 
ATOM   525  O  "O4'" . A   A 1 23 ? 0.352   -25.301 -12.499 1.00 32.34  ? 23  A   A "O4'" 1 
ATOM   526  C  "C3'" . A   A 1 23 ? 0.578   -23.323 -11.286 1.00 30.34  ? 23  A   A "C3'" 1 
ATOM   527  O  "O3'" . A   A 1 23 ? 0.147   -21.978 -11.321 1.00 26.53  ? 23  A   A "O3'" 1 
ATOM   528  C  "C2'" . A   A 1 23 ? -0.437  -24.195 -10.567 1.00 25.19  ? 23  A   A "C2'" 1 
ATOM   529  O  "O2'" . A   A 1 23 ? -1.753  -23.841 -10.931 1.00 29.81  ? 23  A   A "O2'" 1 
ATOM   530  C  "C1'" . A   A 1 23 ? -0.147  -25.551 -11.197 1.00 23.68  ? 23  A   A "C1'" 1 
ATOM   531  N  N9    . A   A 1 23 ? 0.842   -26.358 -10.496 1.00 16.10  ? 23  A   A N9    1 
ATOM   532  C  C8    . A   A 1 23 ? 2.167   -26.492 -10.805 1.00 26.04  ? 23  A   A C8    1 
ATOM   533  N  N7    . A   A 1 23 ? 2.809   -27.331 -10.033 1.00 24.74  ? 23  A   A N7    1 
ATOM   534  C  C5    . A   A 1 23 ? 1.840   -27.771 -9.148  1.00 21.33  ? 23  A   A C5    1 
ATOM   535  C  C6    . A   A 1 23 ? 1.885   -28.682 -8.088  1.00 24.28  ? 23  A   A C6    1 
ATOM   536  N  N6    . A   A 1 23 ? 2.987   -29.337 -7.736  1.00 27.13  ? 23  A   A N6    1 
ATOM   537  N  N1    . A   A 1 23 ? 0.745   -28.902 -7.397  1.00 18.12  ? 23  A   A N1    1 
ATOM   538  C  C2    . A   A 1 23 ? -0.359  -28.232 -7.763  1.00 27.35  ? 23  A   A C2    1 
ATOM   539  N  N3    . A   A 1 23 ? -0.526  -27.350 -8.748  1.00 13.55  ? 23  A   A N3    1 
ATOM   540  C  C4    . A   A 1 23 ? 0.625   -27.166 -9.412  1.00 18.23  ? 23  A   A C4    1 
ATOM   541  P  P     . G   A 1 24 ? 0.564   -20.973 -10.147 1.00 25.89  ? 24  G   A P     1 
ATOM   542  O  OP1   . G   A 1 24 ? -0.068  -19.716 -10.618 1.00 15.00  ? 24  G   A OP1   1 
ATOM   543  O  OP2   . G   A 1 24 ? 2.024   -21.010 -9.849  1.00 12.39  ? 24  G   A OP2   1 
ATOM   544  O  "O5'" . G   A 1 24 ? -0.188  -21.523 -8.854  1.00 16.29  ? 24  G   A "O5'" 1 
ATOM   545  C  "C5'" . G   A 1 24 ? -1.521  -21.119 -8.581  1.00 26.85  ? 24  G   A "C5'" 1 
ATOM   546  C  "C4'" . G   A 1 24 ? -2.013  -21.748 -7.308  1.00 26.21  ? 24  G   A "C4'" 1 
ATOM   547  O  "O4'" . G   A 1 24 ? -1.953  -23.188 -7.433  1.00 25.17  ? 24  G   A "O4'" 1 
ATOM   548  C  "C3'" . G   A 1 24 ? -1.197  -21.454 -6.070  1.00 33.58  ? 24  G   A "C3'" 1 
ATOM   549  O  "O3'" . G   A 1 24 ? -1.597  -20.216 -5.525  1.00 32.69  ? 24  G   A "O3'" 1 
ATOM   550  C  "C2'" . G   A 1 24 ? -1.572  -22.620 -5.171  1.00 35.75  ? 24  G   A "C2'" 1 
ATOM   551  O  "O2'" . G   A 1 24 ? -2.856  -22.470 -4.590  1.00 45.35  ? 24  G   A "O2'" 1 
ATOM   552  C  "C1'" . G   A 1 24 ? -1.597  -23.760 -6.190  1.00 25.69  ? 24  G   A "C1'" 1 
ATOM   553  N  N9    . G   A 1 24 ? -0.280  -24.334 -6.370  1.00 9.90   ? 24  G   A N9    1 
ATOM   554  C  C8    . G   A 1 24 ? 0.615   -24.015 -7.359  1.00 20.89  ? 24  G   A C8    1 
ATOM   555  N  N7    . G   A 1 24 ? 1.734   -24.677 -7.268  1.00 23.04  ? 24  G   A N7    1 
ATOM   556  C  C5    . G   A 1 24 ? 1.556   -25.480 -6.156  1.00 7.55   ? 24  G   A C5    1 
ATOM   557  C  C6    . G   A 1 24 ? 2.425   -26.394 -5.576  1.00 11.30  ? 24  G   A C6    1 
ATOM   558  O  O6    . G   A 1 24 ? 3.554   -26.687 -5.943  1.00 29.78  ? 24  G   A O6    1 
ATOM   559  N  N1    . G   A 1 24 ? 1.866   -26.997 -4.454  1.00 30.25  ? 24  G   A N1    1 
ATOM   560  C  C2    . G   A 1 24 ? 0.604   -26.732 -3.960  1.00 50.84  ? 24  G   A C2    1 
ATOM   561  N  N2    . G   A 1 24 ? 0.231   -27.408 -2.852  1.00 51.90  ? 24  G   A N2    1 
ATOM   562  N  N3    . G   A 1 24 ? -0.230  -25.864 -4.513  1.00 38.00  ? 24  G   A N3    1 
ATOM   563  C  C4    . G   A 1 24 ? 0.312   -25.279 -5.597  1.00 17.93  ? 24  G   A C4    1 
ATOM   564  P  P     . C   A 1 25 ? -0.482  -19.195 -5.016  1.00 46.79  ? 25  C   A P     1 
ATOM   565  O  OP1   . C   A 1 25 ? -1.170  -17.915 -4.684  1.00 49.95  ? 25  C   A OP1   1 
ATOM   566  O  OP2   . C   A 1 25 ? 0.621   -19.200 -6.007  1.00 40.68  ? 25  C   A OP2   1 
ATOM   567  O  "O5'" . C   A 1 25 ? 0.038   -19.891 -3.683  1.00 30.75  ? 25  C   A "O5'" 1 
ATOM   568  C  "C5'" . C   A 1 25 ? -0.862  -20.137 -2.618  1.00 29.12  ? 25  C   A "C5'" 1 
ATOM   569  C  "C4'" . C   A 1 25 ? -0.255  -21.091 -1.629  1.00 34.90  ? 25  C   A "C4'" 1 
ATOM   570  O  "O4'" . C   A 1 25 ? -0.091  -22.389 -2.254  1.00 36.06  ? 25  C   A "O4'" 1 
ATOM   571  C  "C3'" . C   A 1 25 ? 1.147   -20.762 -1.150  1.00 32.65  ? 25  C   A "C3'" 1 
ATOM   572  O  "O3'" . C   A 1 25 ? 1.163   -19.813 -0.103  1.00 29.49  ? 25  C   A "O3'" 1 
ATOM   573  C  "C2'" . C   A 1 25 ? 1.627   -22.106 -0.633  1.00 32.71  ? 25  C   A "C2'" 1 
ATOM   574  O  "O2'" . C   A 1 25 ? 1.195   -22.384 0.679   1.00 42.64  ? 25  C   A "O2'" 1 
ATOM   575  C  "C1'" . C   A 1 25 ? 0.992   -23.065 -1.641  1.00 31.92  ? 25  C   A "C1'" 1 
ATOM   576  N  N1    . C   A 1 25 ? 1.983   -23.367 -2.663  1.00 26.64  ? 25  C   A N1    1 
ATOM   577  C  C2    . C   A 1 25 ? 3.026   -24.197 -2.324  1.00 23.54  ? 25  C   A C2    1 
ATOM   578  O  O2    . C   A 1 25 ? 3.012   -24.714 -1.211  1.00 28.00  ? 25  C   A O2    1 
ATOM   579  N  N3    . C   A 1 25 ? 4.017   -24.418 -3.206  1.00 22.76  ? 25  C   A N3    1 
ATOM   580  C  C4    . C   A 1 25 ? 3.966   -23.849 -4.408  1.00 40.06  ? 25  C   A C4    1 
ATOM   581  N  N4    . C   A 1 25 ? 4.975   -24.062 -5.250  1.00 59.42  ? 25  C   A N4    1 
ATOM   582  C  C5    . C   A 1 25 ? 2.877   -23.026 -4.800  1.00 51.48  ? 25  C   A C5    1 
ATOM   583  C  C6    . C   A 1 25 ? 1.911   -22.815 -3.905  1.00 35.77  ? 25  C   A C6    1 
ATOM   584  P  P     . A   A 1 26 ? 2.442   -18.873 0.065   1.00 37.80  ? 26  A   A P     1 
ATOM   585  O  OP1   . A   A 1 26 ? 2.256   -17.995 1.245   1.00 42.78  ? 26  A   A OP1   1 
ATOM   586  O  OP2   . A   A 1 26 ? 2.652   -18.267 -1.272  1.00 51.55  ? 26  A   A OP2   1 
ATOM   587  O  "O5'" . A   A 1 26 ? 3.638   -19.887 0.327   1.00 3.09   ? 26  A   A "O5'" 1 
ATOM   588  C  "C5'" . A   A 1 26 ? 3.667   -20.646 1.496   1.00 3.09   ? 26  A   A "C5'" 1 
ATOM   589  C  "C4'" . A   A 1 26 ? 4.917   -21.468 1.548   1.00 14.27  ? 26  A   A "C4'" 1 
ATOM   590  O  "O4'" . A   A 1 26 ? 4.879   -22.507 0.540   1.00 25.90  ? 26  A   A "O4'" 1 
ATOM   591  C  "C3'" . A   A 1 26 ? 6.226   -20.752 1.274   1.00 19.06  ? 26  A   A "C3'" 1 
ATOM   592  O  "O3'" . A   A 1 26 ? 6.668   -20.057 2.435   1.00 29.49  ? 26  A   A "O3'" 1 
ATOM   593  C  "C2'" . A   A 1 26 ? 7.129   -21.942 0.976   1.00 29.44  ? 26  A   A "C2'" 1 
ATOM   594  O  "O2'" . A   A 1 26 ? 7.467   -22.654 2.146   1.00 29.16  ? 26  A   A "O2'" 1 
ATOM   595  C  "C1'" . A   A 1 26 ? 6.201   -22.817 0.132   1.00 28.12  ? 26  A   A "C1'" 1 
ATOM   596  N  N9    . A   A 1 26 ? 6.332   -22.505 -1.289  1.00 33.27  ? 26  A   A N9    1 
ATOM   597  C  C8    . A   A 1 26 ? 5.463   -21.787 -2.065  1.00 32.11  ? 26  A   A C8    1 
ATOM   598  N  N7    . A   A 1 26 ? 5.880   -21.601 -3.293  1.00 36.14  ? 26  A   A N7    1 
ATOM   599  C  C5    . A   A 1 26 ? 7.099   -22.257 -3.334  1.00 31.92  ? 26  A   A C5    1 
ATOM   600  C  C6    . A   A 1 26 ? 8.056   -22.402 -4.349  1.00 31.14  ? 26  A   A C6    1 
ATOM   601  N  N6    . A   A 1 26 ? 7.925   -21.874 -5.566  1.00 27.41  ? 26  A   A N6    1 
ATOM   602  N  N1    . A   A 1 26 ? 9.170   -23.109 -4.066  1.00 32.51  ? 26  A   A N1    1 
ATOM   603  C  C2    . A   A 1 26 ? 9.302   -23.628 -2.841  1.00 30.57  ? 26  A   A C2    1 
ATOM   604  N  N3    . A   A 1 26 ? 8.476   -23.553 -1.799  1.00 40.55  ? 26  A   A N3    1 
ATOM   605  C  C4    . A   A 1 26 ? 7.381   -22.839 -2.114  1.00 32.98  ? 26  A   A C4    1 
HETATM 606  N  N1    . PSU A 1 27 ? 7.931   -19.468 -2.799  1.00 25.46  ? 27  PSU A N1    1 
HETATM 607  C  C2    . PSU A 1 27 ? 8.410   -19.083 -4.020  1.00 19.85  ? 27  PSU A C2    1 
HETATM 608  N  N3    . PSU A 1 27 ? 9.761   -19.238 -4.140  1.00 30.60  ? 27  PSU A N3    1 
HETATM 609  C  C4    . PSU A 1 27 ? 10.595  -19.732 -3.159  1.00 43.67  ? 27  PSU A C4    1 
HETATM 610  C  C5    . PSU A 1 27 ? 9.932   -20.103 -1.934  1.00 34.65  ? 27  PSU A C5    1 
HETATM 611  C  C6    . PSU A 1 27 ? 8.604   -19.920 -1.867  1.00 27.96  ? 27  PSU A C6    1 
HETATM 612  O  O2    . PSU A 1 27 ? 7.707   -18.651 -4.908  1.00 16.10  ? 27  PSU A O2    1 
HETATM 613  O  O4    . PSU A 1 27 ? 11.806  -19.824 -3.365  1.00 65.04  ? 27  PSU A O4    1 
HETATM 614  C  "C1'" . PSU A 1 27 ? 10.740  -20.678 -0.813  1.00 41.47  ? 27  PSU A "C1'" 1 
HETATM 615  C  "C2'" . PSU A 1 27 ? 11.940  -19.834 -0.399  1.00 44.31  ? 27  PSU A "C2'" 1 
HETATM 616  O  "O2'" . PSU A 1 27 ? 13.028  -20.702 -0.149  1.00 49.91  ? 27  PSU A "O2'" 1 
HETATM 617  C  "C3'" . PSU A 1 27 ? 11.392  -19.196 0.866   1.00 46.35  ? 27  PSU A "C3'" 1 
HETATM 618  C  "C4'" . PSU A 1 27 ? 10.696  -20.375 1.527   1.00 38.65  ? 27  PSU A "C4'" 1 
HETATM 619  O  "O3'" . PSU A 1 27 ? 12.369  -18.591 1.697   1.00 41.96  ? 27  PSU A "O3'" 1 
HETATM 620  O  "O4'" . PSU A 1 27 ? 10.183  -21.151 0.407   1.00 45.07  ? 27  PSU A "O4'" 1 
HETATM 621  C  "C5'" . PSU A 1 27 ? 9.550   -19.977 2.427   1.00 21.13  ? 27  PSU A "C5'" 1 
HETATM 622  O  "O5'" . PSU A 1 27 ? 8.803   -18.936 1.813   1.00 17.99  ? 27  PSU A "O5'" 1 
HETATM 623  P  P     . PSU A 1 27 ? 7.332   -18.604 2.295   1.00 35.75  ? 27  PSU A P     1 
HETATM 624  O  OP1   . PSU A 1 27 ? 7.442   -17.989 3.640   1.00 42.34  ? 27  PSU A OP1   1 
HETATM 625  O  OP2   . PSU A 1 27 ? 6.598   -17.884 1.222   1.00 36.43  ? 27  PSU A OP2   1 
ATOM   626  P  P     . C   A 1 28 ? 12.545  -16.995 1.668   1.00 41.70  ? 28  C   A P     1 
ATOM   627  O  OP1   . C   A 1 28 ? 13.406  -16.660 2.824   1.00 48.29  ? 28  C   A OP1   1 
ATOM   628  O  OP2   . C   A 1 28 ? 11.219  -16.341 1.531   1.00 40.27  ? 28  C   A OP2   1 
ATOM   629  O  "O5'" . C   A 1 28 ? 13.345  -16.746 0.316   1.00 33.61  ? 28  C   A "O5'" 1 
ATOM   630  C  "C5'" . C   A 1 28 ? 14.593  -17.401 0.097   1.00 44.15  ? 28  C   A "C5'" 1 
ATOM   631  C  "C4'" . C   A 1 28 ? 15.159  -17.024 -1.249  1.00 44.67  ? 28  C   A "C4'" 1 
ATOM   632  O  "O4'" . C   A 1 28 ? 14.458  -17.738 -2.296  1.00 52.95  ? 28  C   A "O4'" 1 
ATOM   633  C  "C3'" . C   A 1 28 ? 15.003  -15.566 -1.638  1.00 53.99  ? 28  C   A "C3'" 1 
ATOM   634  O  "O3'" . C   A 1 28 ? 16.013  -14.752 -1.073  1.00 61.93  ? 28  C   A "O3'" 1 
ATOM   635  C  "C2'" . C   A 1 28 ? 15.136  -15.635 -3.149  1.00 48.78  ? 28  C   A "C2'" 1 
ATOM   636  O  "O2'" . C   A 1 28 ? 16.473  -15.787 -3.577  1.00 67.84  ? 28  C   A "O2'" 1 
ATOM   637  C  "C1'" . C   A 1 28 ? 14.366  -16.916 -3.446  1.00 44.39  ? 28  C   A "C1'" 1 
ATOM   638  N  N1    . C   A 1 28 ? 12.962  -16.600 -3.686  1.00 31.09  ? 28  C   A N1    1 
ATOM   639  C  C2    . C   A 1 28 ? 12.657  -15.907 -4.825  1.00 24.86  ? 28  C   A C2    1 
ATOM   640  O  O2    . C   A 1 28 ? 13.584  -15.581 -5.570  1.00 44.74  ? 28  C   A O2    1 
ATOM   641  N  N3    . C   A 1 28 ? 11.372  -15.592 -5.092  1.00 21.56  ? 28  C   A N3    1 
ATOM   642  C  C4    . C   A 1 28 ? 10.412  -15.940 -4.237  1.00 34.15  ? 28  C   A C4    1 
ATOM   643  N  N4    . C   A 1 28 ? 9.158   -15.584 -4.523  1.00 25.53  ? 28  C   A N4    1 
ATOM   644  C  C5    . C   A 1 28 ? 10.698  -16.661 -3.045  1.00 40.29  ? 28  C   A C5    1 
ATOM   645  C  C6    . C   A 1 28 ? 11.980  -16.969 -2.810  1.00 43.37  ? 28  C   A C6    1 
ATOM   646  P  P     . A   A 1 29 ? 15.726  -13.193 -0.820  1.00 64.06  ? 29  A   A P     1 
ATOM   647  O  OP1   . A   A 1 29 ? 16.915  -12.711 -0.091  1.00 75.88  ? 29  A   A OP1   1 
ATOM   648  O  OP2   . A   A 1 29 ? 14.382  -13.058 -0.205  1.00 68.41  ? 29  A   A OP2   1 
ATOM   649  O  "O5'" . A   A 1 29 ? 15.693  -12.532 -2.273  1.00 49.70  ? 29  A   A "O5'" 1 
ATOM   650  C  "C5'" . A   A 1 29 ? 16.875  -12.469 -3.065  1.00 42.54  ? 29  A   A "C5'" 1 
ATOM   651  C  "C4'" . A   A 1 29 ? 16.582  -11.838 -4.400  1.00 39.72  ? 29  A   A "C4'" 1 
ATOM   652  O  "O4'" . A   A 1 29 ? 15.733  -12.705 -5.184  1.00 46.60  ? 29  A   A "O4'" 1 
ATOM   653  C  "C3'" . A   A 1 29 ? 15.817  -10.539 -4.318  1.00 45.29  ? 29  A   A "C3'" 1 
ATOM   654  O  "O3'" . A   A 1 29 ? 16.732  -9.485  -4.111  1.00 48.07  ? 29  A   A "O3'" 1 
ATOM   655  C  "C2'" . A   A 1 29 ? 15.126  -10.453 -5.676  1.00 42.49  ? 29  A   A "C2'" 1 
ATOM   656  O  "O2'" . A   A 1 29 ? 15.893  -9.884  -6.712  1.00 50.34  ? 29  A   A "O2'" 1 
ATOM   657  C  "C1'" . A   A 1 29 ? 14.862  -11.923 -5.983  1.00 40.00  ? 29  A   A "C1'" 1 
ATOM   658  N  N9    . A   A 1 29 ? 13.509  -12.305 -5.639  1.00 32.63  ? 29  A   A N9    1 
ATOM   659  C  C8    . A   A 1 29 ? 13.120  -13.009 -4.534  1.00 26.84  ? 29  A   A C8    1 
ATOM   660  N  N7    . A   A 1 29 ? 11.835  -13.233 -4.481  1.00 39.28  ? 29  A   A N7    1 
ATOM   661  C  C5    . A   A 1 29 ? 11.341  -12.623 -5.627  1.00 29.98  ? 29  A   A C5    1 
ATOM   662  C  C6    . A   A 1 29 ? 10.046  -12.498 -6.145  1.00 29.64  ? 29  A   A C6    1 
ATOM   663  N  N6    . A   A 1 29 ? 8.964   -13.012 -5.548  1.00 35.27  ? 29  A   A N6    1 
ATOM   664  N  N1    . A   A 1 29 ? 9.896   -11.824 -7.309  1.00 12.51  ? 29  A   A N1    1 
ATOM   665  C  C2    . A   A 1 29 ? 10.981  -11.324 -7.902  1.00 18.14  ? 29  A   A C2    1 
ATOM   666  N  N3    . A   A 1 29 ? 12.253  -11.375 -7.510  1.00 34.08  ? 29  A   A N3    1 
ATOM   667  C  C4    . A   A 1 29 ? 12.364  -12.047 -6.350  1.00 28.10  ? 29  A   A C4    1 
ATOM   668  P  P     . G   A 1 30 ? 16.243  -8.159  -3.365  1.00 56.25  ? 30  G   A P     1 
ATOM   669  O  OP1   . G   A 1 30 ? 17.467  -7.352  -3.174  1.00 59.85  ? 30  G   A OP1   1 
ATOM   670  O  OP2   . G   A 1 30 ? 15.432  -8.561  -2.182  1.00 54.55  ? 30  G   A OP2   1 
ATOM   671  O  "O5'" . G   A 1 30 ? 15.332  -7.442  -4.461  1.00 41.36  ? 30  G   A "O5'" 1 
ATOM   672  C  "C5'" . G   A 1 30 ? 15.948  -6.910  -5.621  1.00 44.21  ? 30  G   A "C5'" 1 
ATOM   673  C  "C4'" . G   A 1 30 ? 14.962  -6.763  -6.743  1.00 39.54  ? 30  G   A "C4'" 1 
ATOM   674  O  "O4'" . G   A 1 30 ? 14.296  -8.025  -6.972  1.00 47.49  ? 30  G   A "O4'" 1 
ATOM   675  C  "C3'" . G   A 1 30 ? 13.805  -5.818  -6.528  1.00 40.23  ? 30  G   A "C3'" 1 
ATOM   676  O  "O3'" . G   A 1 30 ? 14.211  -4.476  -6.702  1.00 41.29  ? 30  G   A "O3'" 1 
ATOM   677  C  "C2'" . G   A 1 30 ? 12.858  -6.264  -7.634  1.00 45.65  ? 30  G   A "C2'" 1 
ATOM   678  O  "O2'" . G   A 1 30 ? 13.249  -5.832  -8.920  1.00 54.14  ? 30  G   A "O2'" 1 
ATOM   679  C  "C1'" . G   A 1 30 ? 13.026  -7.780  -7.557  1.00 50.25  ? 30  G   A "C1'" 1 
ATOM   680  N  N9    . G   A 1 30 ? 12.006  -8.380  -6.710  1.00 52.67  ? 30  G   A N9    1 
ATOM   681  C  C8    . G   A 1 30 ? 12.196  -9.083  -5.547  1.00 48.36  ? 30  G   A C8    1 
ATOM   682  N  N7    . G   A 1 30 ? 11.081  -9.489  -5.009  1.00 47.53  ? 30  G   A N7    1 
ATOM   683  C  C5    . G   A 1 30 ? 10.097  -9.026  -5.868  1.00 40.59  ? 30  G   A C5    1 
ATOM   684  C  C6    . G   A 1 30 ? 8.698   -9.162  -5.804  1.00 41.72  ? 30  G   A C6    1 
ATOM   685  O  O6    . G   A 1 30 ? 8.024   -9.753  -4.954  1.00 36.33  ? 30  G   A O6    1 
ATOM   686  N  N1    . G   A 1 30 ? 8.074   -8.527  -6.873  1.00 46.10  ? 30  G   A N1    1 
ATOM   687  C  C2    . G   A 1 30 ? 8.722   -7.854  -7.879  1.00 48.69  ? 30  G   A C2    1 
ATOM   688  N  N2    . G   A 1 30 ? 7.939   -7.289  -8.814  1.00 48.81  ? 30  G   A N2    1 
ATOM   689  N  N3    . G   A 1 30 ? 10.038  -7.737  -7.960  1.00 31.62  ? 30  G   A N3    1 
ATOM   690  C  C4    . G   A 1 30 ? 10.655  -8.340  -6.924  1.00 44.92  ? 30  G   A C4    1 
ATOM   691  P  P     . A   A 1 31 ? 13.355  -3.302  -6.020  1.00 59.25  ? 31  A   A P     1 
ATOM   692  O  OP1   . A   A 1 31 ? 14.072  -2.027  -6.284  1.00 65.69  ? 31  A   A OP1   1 
ATOM   693  O  OP2   . A   A 1 31 ? 13.042  -3.689  -4.616  1.00 55.59  ? 31  A   A OP2   1 
ATOM   694  O  "O5'" . A   A 1 31 ? 11.997  -3.284  -6.853  1.00 41.36  ? 31  A   A "O5'" 1 
ATOM   695  C  "C5'" . A   A 1 31 ? 11.971  -2.757  -8.167  1.00 35.98  ? 31  A   A "C5'" 1 
ATOM   696  C  "C4'" . A   A 1 31 ? 10.555  -2.643  -8.660  1.00 43.25  ? 31  A   A "C4'" 1 
ATOM   697  O  "O4'" . A   A 1 31 ? 9.959   -3.960  -8.697  1.00 47.93  ? 31  A   A "O4'" 1 
ATOM   698  C  "C3'" . A   A 1 31 ? 9.614   -1.828  -7.795  1.00 48.11  ? 31  A   A "C3'" 1 
ATOM   699  O  "O3'" . A   A 1 31 ? 9.727   -0.448  -8.107  1.00 62.86  ? 31  A   A "O3'" 1 
ATOM   700  C  "C2'" . A   A 1 31 ? 8.256   -2.394  -8.186  1.00 38.61  ? 31  A   A "C2'" 1 
ATOM   701  O  "O2'" . A   A 1 31 ? 7.780   -1.880  -9.422  1.00 24.70  ? 31  A   A "O2'" 1 
ATOM   702  C  "C1'" . A   A 1 31 ? 8.598   -3.881  -8.308  1.00 42.06  ? 31  A   A "C1'" 1 
ATOM   703  N  N9    . A   A 1 31 ? 8.473   -4.616  -7.053  1.00 35.84  ? 31  A   A N9    1 
ATOM   704  C  C8    . A   A 1 31 ? 9.497   -5.026  -6.234  1.00 42.18  ? 31  A   A C8    1 
ATOM   705  N  N7    . A   A 1 31 ? 9.097   -5.665  -5.161  1.00 37.81  ? 31  A   A N7    1 
ATOM   706  C  C5    . A   A 1 31 ? 7.717   -5.671  -5.278  1.00 44.34  ? 31  A   A C5    1 
ATOM   707  C  C6    . A   A 1 31 ? 6.709   -6.178  -4.451  1.00 43.24  ? 31  A   A C6    1 
ATOM   708  N  N6    . A   A 1 31 ? 6.946   -6.761  -3.274  1.00 31.53  ? 31  A   A N6    1 
ATOM   709  N  N1    . A   A 1 31 ? 5.430   -6.050  -4.870  1.00 44.40  ? 31  A   A N1    1 
ATOM   710  C  C2    . A   A 1 31 ? 5.196   -5.419  -6.034  1.00 53.32  ? 31  A   A C2    1 
ATOM   711  N  N3    . A   A 1 31 ? 6.063   -4.873  -6.888  1.00 46.66  ? 31  A   A N3    1 
ATOM   712  C  C4    . A   A 1 31 ? 7.319   -5.039  -6.447  1.00 42.32  ? 31  A   A C4    1 
ATOM   713  P  P     . C   A 1 32 ? 9.817   0.625   -6.920  1.00 69.30  ? 32  C   A P     1 
ATOM   714  O  OP1   . C   A 1 32 ? 10.005  1.965   -7.545  1.00 75.69  ? 32  C   A OP1   1 
ATOM   715  O  OP2   . C   A 1 32 ? 10.812  0.118   -5.929  1.00 62.68  ? 32  C   A OP2   1 
ATOM   716  O  "O5'" . C   A 1 32 ? 8.358   0.582   -6.286  1.00 56.94  ? 32  C   A "O5'" 1 
ATOM   717  C  "C5'" . C   A 1 32 ? 7.234   0.827   -7.110  1.00 50.35  ? 32  C   A "C5'" 1 
ATOM   718  C  "C4'" . C   A 1 32 ? 5.951   0.541   -6.371  1.00 46.99  ? 32  C   A "C4'" 1 
ATOM   719  O  "O4'" . C   A 1 32 ? 5.905   -0.834  -5.921  1.00 41.68  ? 32  C   A "O4'" 1 
ATOM   720  C  "C3'" . C   A 1 32 ? 5.715   1.252   -5.065  1.00 46.30  ? 32  C   A "C3'" 1 
ATOM   721  O  "O3'" . C   A 1 32 ? 5.404   2.605   -5.267  1.00 57.83  ? 32  C   A "O3'" 1 
ATOM   722  C  "C2'" . C   A 1 32 ? 4.520   0.476   -4.537  1.00 37.32  ? 32  C   A "C2'" 1 
ATOM   723  O  "O2'" . C   A 1 32 ? 3.335   0.780   -5.238  1.00 23.02  ? 32  C   A "O2'" 1 
ATOM   724  C  "C1'" . C   A 1 32 ? 4.928   -0.945  -4.902  1.00 26.36  ? 32  C   A "C1'" 1 
ATOM   725  N  N1    . C   A 1 32 ? 5.493   -1.684  -3.772  1.00 18.09  ? 32  C   A N1    1 
ATOM   726  C  C2    . C   A 1 32 ? 4.618   -2.153  -2.792  1.00 26.24  ? 32  C   A C2    1 
ATOM   727  O  O2    . C   A 1 32 ? 3.393   -1.902  -2.908  1.00 12.37  ? 32  C   A O2    1 
ATOM   728  N  N3    . C   A 1 32 ? 5.115   -2.867  -1.750  1.00 25.75  ? 32  C   A N3    1 
ATOM   729  C  C4    . C   A 1 32 ? 6.425   -3.118  -1.678  1.00 27.99  ? 32  C   A C4    1 
ATOM   730  N  N4    . C   A 1 32 ? 6.866   -3.854  -0.652  1.00 28.75  ? 32  C   A N4    1 
ATOM   731  C  C5    . C   A 1 32 ? 7.340   -2.636  -2.659  1.00 24.74  ? 32  C   A C5    1 
ATOM   732  C  C6    . C   A 1 32 ? 6.836   -1.925  -3.677  1.00 15.42  ? 32  C   A C6    1 
ATOM   733  P  P     . U   A 1 33 ? 5.919   3.677   -4.207  1.00 69.74  ? 33  U   A P     1 
ATOM   734  O  OP1   . U   A 1 33 ? 5.100   4.894   -4.458  1.00 80.75  ? 33  U   A OP1   1 
ATOM   735  O  OP2   . U   A 1 33 ? 7.406   3.751   -4.257  1.00 69.45  ? 33  U   A OP2   1 
ATOM   736  O  "O5'" . U   A 1 33 ? 5.522   3.029   -2.808  1.00 57.10  ? 33  U   A "O5'" 1 
ATOM   737  C  "C5'" . U   A 1 33 ? 4.163   2.986   -2.399  1.00 55.67  ? 33  U   A "C5'" 1 
ATOM   738  C  "C4'" . U   A 1 33 ? 4.062   2.471   -0.989  1.00 54.45  ? 33  U   A "C4'" 1 
ATOM   739  O  "O4'" . U   A 1 33 ? 4.432   1.073   -0.950  1.00 56.97  ? 33  U   A "O4'" 1 
ATOM   740  C  "C3'" . U   A 1 33 ? 5.001   3.099   0.022   1.00 55.31  ? 33  U   A "C3'" 1 
ATOM   741  O  "O3'" . U   A 1 33 ? 4.475   4.329   0.483   1.00 60.56  ? 33  U   A "O3'" 1 
ATOM   742  C  "C2'" . U   A 1 33 ? 4.982   2.062   1.135   1.00 56.89  ? 33  U   A "C2'" 1 
ATOM   743  O  "O2'" . U   A 1 33 ? 3.830   2.170   1.958   1.00 54.77  ? 33  U   A "O2'" 1 
ATOM   744  C  "C1'" . U   A 1 33 ? 4.939   0.760   0.333   1.00 51.04  ? 33  U   A "C1'" 1 
ATOM   745  N  N1    . U   A 1 33 ? 6.266   0.167   0.166   1.00 42.17  ? 33  U   A N1    1 
ATOM   746  C  C2    . U   A 1 33 ? 6.650   -0.808  1.074   1.00 53.12  ? 33  U   A C2    1 
ATOM   747  O  O2    . U   A 1 33 ? 5.926   -1.206  1.974   1.00 62.53  ? 33  U   A O2    1 
ATOM   748  N  N3    . U   A 1 33 ? 7.909   -1.307  0.887   1.00 48.87  ? 33  U   A N3    1 
ATOM   749  C  C4    . U   A 1 33 ? 8.798   -0.947  -0.094  1.00 55.55  ? 33  U   A C4    1 
ATOM   750  O  O4    . U   A 1 33 ? 9.901   -1.494  -0.132  1.00 67.25  ? 33  U   A O4    1 
ATOM   751  C  C5    . U   A 1 33 ? 8.319   0.064   -1.003  1.00 60.05  ? 33  U   A C5    1 
ATOM   752  C  C6    . U   A 1 33 ? 7.098   0.570   -0.842  1.00 36.39  ? 33  U   A C6    1 
HETATM 753  N  N1    . 70U A 1 34 ? 6.463   4.783   5.770   1.00 30.06  ? 34  70U A N1    1 
HETATM 754  C  C2    . 70U A 1 34 ? 6.321   3.973   6.879   1.00 37.18  ? 34  70U A C2    1 
HETATM 755  S  S2    . 70U A 1 34 ? 7.277   3.604   7.579   1.00 36.24  ? 34  70U A S2    1 
HETATM 756  N  N3    . 70U A 1 34 ? 5.015   3.596   7.138   1.00 19.70  ? 34  70U A N3    1 
HETATM 757  C  C4    . 70U A 1 34 ? 3.890   3.930   6.392   1.00 22.16  ? 34  70U A C4    1 
HETATM 758  O  O4    . 70U A 1 34 ? 2.793   3.506   6.724   1.00 31.05  ? 34  70U A O4    1 
HETATM 759  C  C5    . 70U A 1 34 ? 4.139   4.772   5.236   1.00 29.76  ? 34  70U A C5    1 
HETATM 760  C  C6    . 70U A 1 34 ? 5.387   5.164   5.009   1.00 27.69  ? 34  70U A C6    1 
HETATM 761  C  C5M   . 70U A 1 34 ? 3.016   5.138   4.318   1.00 44.03  ? 34  70U A C5M   1 
HETATM 762  C  C8    . 70U A 1 34 ? 1.781   5.634   5.018   1.00 61.16  ? 34  70U A C8    1 
HETATM 763  O  O8    . 70U A 1 34 ? 0.903   4.821   5.379   1.00 75.53  ? 34  70U A O8    1 
HETATM 764  O  O9    . 70U A 1 34 ? 1.670   7.031   5.237   1.00 68.30  ? 34  70U A O9    1 
HETATM 765  C  C9    . 70U A 1 34 ? 1.965   7.124   6.621   1.00 71.86  ? 34  70U A C9    1 
HETATM 766  C  "C1'" . 70U A 1 34 ? 7.787   5.239   5.376   1.00 30.91  ? 34  70U A "C1'" 1 
HETATM 767  O  "O2'" . 70U A 1 34 ? 9.999   4.331   5.302   1.00 24.24  ? 34  70U A "O2'" 1 
HETATM 768  C  "C2'" . 70U A 1 34 ? 8.663   4.074   4.931   1.00 31.43  ? 34  70U A "C2'" 1 
HETATM 769  O  "O3'" . 70U A 1 34 ? 9.529   3.518   2.741   1.00 48.83  ? 34  70U A "O3'" 1 
HETATM 770  C  "C3'" . 70U A 1 34 ? 8.424   4.074   3.428   1.00 32.66  ? 34  70U A "C3'" 1 
HETATM 771  C  "C4'" . 70U A 1 34 ? 8.341   5.553   3.129   1.00 29.56  ? 34  70U A "C4'" 1 
HETATM 772  O  "O4'" . 70U A 1 34 ? 7.627   6.099   4.261   1.00 32.64  ? 34  70U A "O4'" 1 
HETATM 773  C  "C5'" . 70U A 1 34 ? 7.645   5.927   1.851   1.00 33.82  ? 34  70U A "C5'" 1 
HETATM 774  O  "O5'" . 70U A 1 34 ? 6.328   5.404   1.823   1.00 38.46  ? 34  70U A "O5'" 1 
HETATM 775  P  P     . 70U A 1 34 ? 5.417   5.626   0.535   1.00 56.97  ? 34  70U A P     1 
HETATM 776  O  OP1   . 70U A 1 34 ? 4.496   6.784   0.720   1.00 57.25  ? 34  70U A OP1   1 
HETATM 777  O  OP2   . 70U A 1 34 ? 6.346   5.606   -0.626  1.00 59.38  ? 34  70U A OP2   1 
ATOM   778  P  P     . U   A 1 35 ? 9.320   2.227   1.817   1.00 52.80  ? 35  U   A P     1 
ATOM   779  O  OP1   . U   A 1 35 ? 10.570  2.091   1.024   1.00 48.28  ? 35  U   A OP1   1 
ATOM   780  O  OP2   . U   A 1 35 ? 8.011   2.406   1.120   1.00 53.74  ? 35  U   A OP2   1 
ATOM   781  O  "O5'" . U   A 1 35 ? 9.248   1.008   2.845   1.00 25.17  ? 35  U   A "O5'" 1 
ATOM   782  C  "C5'" . U   A 1 35 ? 10.434  0.553   3.482   1.00 21.58  ? 35  U   A "C5'" 1 
ATOM   783  C  "C4'" . U   A 1 35 ? 10.111  -0.121  4.790   1.00 26.04  ? 35  U   A "C4'" 1 
ATOM   784  O  "O4'" . U   A 1 35 ? 9.226   0.744   5.543   1.00 34.90  ? 35  U   A "O4'" 1 
ATOM   785  C  "C3'" . U   A 1 35 ? 9.291   -1.393  4.726   1.00 40.08  ? 35  U   A "C3'" 1 
ATOM   786  O  "O3'" . U   A 1 35 ? 10.019  -2.525  4.307   1.00 52.43  ? 35  U   A "O3'" 1 
ATOM   787  C  "C2'" . U   A 1 35 ? 8.758   -1.487  6.152   1.00 27.54  ? 35  U   A "C2'" 1 
ATOM   788  O  "O2'" . U   A 1 35 ? 9.695   -1.848  7.152   1.00 12.00  ? 35  U   A "O2'" 1 
ATOM   789  C  "C1'" . U   A 1 35 ? 8.366   -0.038  6.365   1.00 23.33  ? 35  U   A "C1'" 1 
ATOM   790  N  N1    . U   A 1 35 ? 6.984   0.201   5.941   1.00 11.44  ? 35  U   A N1    1 
ATOM   791  C  C2    . U   A 1 35 ? 6.003   -0.451  6.653   1.00 19.86  ? 35  U   A C2    1 
ATOM   792  O  O2    . U   A 1 35 ? 6.269   -1.218  7.567   1.00 5.31   ? 35  U   A O2    1 
ATOM   793  N  N3    . U   A 1 35 ? 4.715   -0.176  6.252   1.00 14.90  ? 35  U   A N3    1 
ATOM   794  C  C4    . U   A 1 35 ? 4.338   0.669   5.212   1.00 28.39  ? 35  U   A C4    1 
ATOM   795  O  O4    . U   A 1 35 ? 3.140   0.814   4.948   1.00 48.79  ? 35  U   A O4    1 
ATOM   796  C  C5    . U   A 1 35 ? 5.429   1.294   4.518   1.00 11.25  ? 35  U   A C5    1 
ATOM   797  C  C6    . U   A 1 35 ? 6.682   1.042   4.895   1.00 3.09   ? 35  U   A C6    1 
ATOM   798  P  P     . U   A 1 36 ? 9.230   -3.733  3.617   1.00 58.88  ? 36  U   A P     1 
ATOM   799  O  OP1   . U   A 1 36 ? 10.244  -4.757  3.244   1.00 57.51  ? 36  U   A OP1   1 
ATOM   800  O  OP2   . U   A 1 36 ? 8.280   -3.197  2.588   1.00 38.85  ? 36  U   A OP2   1 
ATOM   801  O  "O5'" . U   A 1 36 ? 8.341   -4.299  4.808   1.00 60.16  ? 36  U   A "O5'" 1 
ATOM   802  C  "C5'" . U   A 1 36 ? 8.943   -4.976  5.901   1.00 56.99  ? 36  U   A "C5'" 1 
ATOM   803  C  "C4'" . U   A 1 36 ? 7.912   -5.830  6.586   1.00 57.77  ? 36  U   A "C4'" 1 
ATOM   804  O  "O4'" . U   A 1 36 ? 6.895   -4.967  7.166   1.00 53.03  ? 36  U   A "O4'" 1 
ATOM   805  C  "C3'" . U   A 1 36 ? 7.094   -6.682  5.637   1.00 60.75  ? 36  U   A "C3'" 1 
ATOM   806  O  "O3'" . U   A 1 36 ? 7.722   -7.870  5.213   1.00 60.43  ? 36  U   A "O3'" 1 
ATOM   807  C  "C2'" . U   A 1 36 ? 5.861   -6.977  6.470   1.00 56.41  ? 36  U   A "C2'" 1 
ATOM   808  O  "O2'" . U   A 1 36 ? 6.090   -7.993  7.433   1.00 56.51  ? 36  U   A "O2'" 1 
ATOM   809  C  "C1'" . U   A 1 36 ? 5.633   -5.613  7.114   1.00 39.17  ? 36  U   A "C1'" 1 
ATOM   810  N  N1    . U   A 1 36 ? 4.725   -4.788  6.311   1.00 16.75  ? 36  U   A N1    1 
ATOM   811  C  C2    . U   A 1 36 ? 3.377   -4.941  6.547   1.00 38.27  ? 36  U   A C2    1 
ATOM   812  O  O2    . U   A 1 36 ? 2.938   -5.743  7.359   1.00 53.30  ? 36  U   A O2    1 
ATOM   813  N  N3    . U   A 1 36 ? 2.557   -4.131  5.800   1.00 40.15  ? 36  U   A N3    1 
ATOM   814  C  C4    . U   A 1 36 ? 2.940   -3.213  4.854   1.00 42.31  ? 36  U   A C4    1 
ATOM   815  O  O4    . U   A 1 36 ? 2.076   -2.561  4.264   1.00 42.07  ? 36  U   A O4    1 
ATOM   816  C  C5    . U   A 1 36 ? 4.364   -3.126  4.649   1.00 43.61  ? 36  U   A C5    1 
ATOM   817  C  C6    . U   A 1 36 ? 5.187   -3.900  5.372   1.00 20.14  ? 36  U   A C6    1 
HETATM 818  P  P     . 12A A 1 37 ? 7.023   -8.723  4.062   1.00 56.71  ? 37  12A A P     1 
HETATM 819  O  OP1   . 12A A 1 37 ? 7.577   -10.099 4.098   1.00 68.62  ? 37  12A A OP1   1 
HETATM 820  O  OP2   . 12A A 1 37 ? 7.064   -7.934  2.797   1.00 43.08  ? 37  12A A OP2   1 
HETATM 821  O  "O5'" . 12A A 1 37 ? 5.511   -8.779  4.540   1.00 41.29  ? 37  12A A "O5'" 1 
HETATM 822  C  "C5'" . 12A A 1 37 ? 4.492   -9.057  3.619   1.00 42.30  ? 37  12A A "C5'" 1 
HETATM 823  C  "C4'" . 12A A 1 37 ? 3.219   -9.388  4.335   1.00 45.45  ? 37  12A A "C4'" 1 
HETATM 824  O  "O4'" . 12A A 1 37 ? 2.786   -8.250  5.113   1.00 40.76  ? 37  12A A "O4'" 1 
HETATM 825  C  "C3'" . 12A A 1 37 ? 2.088   -9.710  3.375   1.00 51.45  ? 37  12A A "C3'" 1 
HETATM 826  O  "O3'" . 12A A 1 37 ? 2.047   -11.126 3.251   1.00 58.47  ? 37  12A A "O3'" 1 
HETATM 827  C  "C2'" . 12A A 1 37 ? 0.870   -9.154  4.096   1.00 48.80  ? 37  12A A "C2'" 1 
HETATM 828  O  "O2'" . 12A A 1 37 ? 0.367   -10.020 5.092   1.00 61.31  ? 37  12A A "O2'" 1 
HETATM 829  C  "C1'" . 12A A 1 37 ? 1.471   -7.913  4.751   1.00 38.65  ? 37  12A A "C1'" 1 
HETATM 830  N  N9    . 12A A 1 37 ? 1.599   -6.823  3.808   1.00 22.29  ? 37  12A A N9    1 
HETATM 831  C  C8    . 12A A 1 37 ? 2.770   -6.296  3.353   1.00 26.58  ? 37  12A A C8    1 
HETATM 832  N  N7    . 12A A 1 37 ? 2.612   -5.312  2.511   1.00 39.65  ? 37  12A A N7    1 
HETATM 833  C  C5    . 12A A 1 37 ? 1.239   -5.188  2.407   1.00 16.46  ? 37  12A A C5    1 
HETATM 834  C  C6    . 12A A 1 37 ? 0.443   -4.330  1.680   1.00 20.59  ? 37  12A A C6    1 
HETATM 835  N  N6    . 12A A 1 37 ? 0.912   -3.374  0.911   1.00 28.58  ? 37  12A A N6    1 
HETATM 836  N  N1    . 12A A 1 37 ? -0.887  -4.468  1.786   1.00 16.24  ? 37  12A A N1    1 
HETATM 837  C  C2    . 12A A 1 37 ? -1.370  -5.406  2.600   1.00 21.95  ? 37  12A A C2    1 
HETATM 838  N  N3    . 12A A 1 37 ? -0.716  -6.283  3.342   1.00 21.30  ? 37  12A A N3    1 
HETATM 839  C  C4    . 12A A 1 37 ? 0.603   -6.116  3.198   1.00 25.44  ? 37  12A A C4    1 
HETATM 840  S  S2    . 12A A 1 37 ? -2.698  -5.504  2.721   1.00 50.20  ? 37  12A A S2    1 
HETATM 841  C  C2M   . 12A A 1 37 ? -3.293  -4.583  1.264   1.00 48.83  ? 37  12A A C2M   1 
HETATM 842  C  CC    . 12A A 1 37 ? 0.239   -2.244  0.861   1.00 49.38  ? 37  12A A CC    1 
HETATM 843  O  OO    . 12A A 1 37 ? -0.794  -2.108  1.512   1.00 60.77  ? 37  12A A OO    1 
HETATM 844  N  N     . 12A A 1 37 ? 0.705   -1.273  0.094   1.00 74.22  ? 37  12A A N     1 
HETATM 845  C  CA    . 12A A 1 37 ? 0.000   0.000   0.000   1.00 89.95  ? 37  12A A CA    1 
HETATM 846  C  C     . 12A A 1 37 ? -1.494  -0.136  0.365   1.00 76.87  ? 37  12A A C     1 
HETATM 847  O  O     . 12A A 1 37 ? -1.846  0.283   1.496   1.00 51.17  ? 37  12A A O     1 
HETATM 848  O  OXT   . 12A A 1 37 ? -2.280  -0.682  -0.448  1.00 56.70  ? 37  12A A OXT   1 
HETATM 849  C  CB    . 12A A 1 37 ? 0.178   0.616   -1.425  1.00 103.18 ? 37  12A A CB    1 
HETATM 850  O  OG1   . 12A A 1 37 ? -0.871  1.561   -1.679  1.00 109.07 ? 37  12A A OG1   1 
HETATM 851  C  CG2   . 12A A 1 37 ? 0.199   -0.484  -2.502  1.00 109.83 ? 37  12A A CG2   1 
ATOM   852  P  P     . A   A 1 38 ? 2.273   -11.819 1.823   1.00 57.60  ? 38  A   A P     1 
ATOM   853  O  OP1   . A   A 1 38 ? 2.040   -13.267 2.096   1.00 60.80  ? 38  A   A OP1   1 
ATOM   854  O  OP2   . A   A 1 38 ? 3.558   -11.392 1.213   1.00 71.77  ? 38  A   A OP2   1 
ATOM   855  O  "O5'" . A   A 1 38 ? 1.075   -11.237 0.956   1.00 31.10  ? 38  A   A "O5'" 1 
ATOM   856  C  "C5'" . A   A 1 38 ? -0.229  -11.677 1.233   1.00 21.48  ? 38  A   A "C5'" 1 
ATOM   857  C  "C4'" . A   A 1 38 ? -1.206  -10.626 0.870   1.00 13.49  ? 38  A   A "C4'" 1 
ATOM   858  O  "O4'" . A   A 1 38 ? -0.739  -9.370  1.392   1.00 12.16  ? 38  A   A "O4'" 1 
ATOM   859  C  "C3'" . A   A 1 38 ? -1.275  -10.323 -0.601  1.00 30.81  ? 38  A   A "C3'" 1 
ATOM   860  O  "O3'" . A   A 1 38 ? -1.981  -11.338 -1.280  1.00 45.48  ? 38  A   A "O3'" 1 
ATOM   861  C  "C2'" . A   A 1 38 ? -1.989  -8.991  -0.566  1.00 22.95  ? 38  A   A "C2'" 1 
ATOM   862  O  "O2'" . A   A 1 38 ? -3.335  -9.146  -0.172  1.00 35.66  ? 38  A   A "O2'" 1 
ATOM   863  C  "C1'" . A   A 1 38 ? -1.221  -8.326  0.567   1.00 26.53  ? 38  A   A "C1'" 1 
ATOM   864  N  N9    . A   A 1 38 ? -0.078  -7.572  0.070   1.00 38.11  ? 38  A   A N9    1 
ATOM   865  C  C8    . A   A 1 38 ? 1.254   -7.740  0.361   1.00 46.79  ? 38  A   A C8    1 
ATOM   866  N  N7    . A   A 1 38 ? 2.036   -6.855  -0.220  1.00 41.80  ? 38  A   A N7    1 
ATOM   867  C  C5    . A   A 1 38 ? 1.157   -6.065  -0.947  1.00 28.72  ? 38  A   A C5    1 
ATOM   868  C  C6    . A   A 1 38 ? 1.355   -4.943  -1.751  1.00 38.68  ? 38  A   A C6    1 
ATOM   869  N  N6    . A   A 1 38 ? 2.548   -4.396  -1.966  1.00 61.72  ? 38  A   A N6    1 
ATOM   870  N  N1    . A   A 1 38 ? 0.273   -4.381  -2.329  1.00 43.30  ? 38  A   A N1    1 
ATOM   871  C  C2    . A   A 1 38 ? -0.927  -4.925  -2.092  1.00 57.44  ? 38  A   A C2    1 
ATOM   872  N  N3    . A   A 1 38 ? -1.243  -5.978  -1.344  1.00 41.07  ? 38  A   A N3    1 
ATOM   873  C  C4    . A   A 1 38 ? -0.142  -6.505  -0.791  1.00 30.15  ? 38  A   A C4    1 
HETATM 874  N  N1    . PSU A 1 39 ? 2.552   -9.329  -2.707  1.00 19.81  ? 39  PSU A N1    1 
HETATM 875  C  C2    . PSU A 1 39 ? 3.586   -8.483  -3.012  1.00 23.53  ? 39  PSU A C2    1 
HETATM 876  N  N3    . PSU A 1 39 ? 3.222   -7.443  -3.823  1.00 20.59  ? 39  PSU A N3    1 
HETATM 877  C  C4    . PSU A 1 39 ? 1.957   -7.213  -4.296  1.00 23.30  ? 39  PSU A C4    1 
HETATM 878  C  C5    . PSU A 1 39 ? 0.970   -8.172  -3.849  1.00 17.98  ? 39  PSU A C5    1 
HETATM 879  C  C6    . PSU A 1 39 ? 1.385   -9.192  -3.076  1.00 25.75  ? 39  PSU A C6    1 
HETATM 880  O  O2    . PSU A 1 39 ? 4.713   -8.638  -2.595  1.00 44.94  ? 39  PSU A O2    1 
HETATM 881  O  O4    . PSU A 1 39 ? 1.745   -6.261  -5.045  1.00 29.40  ? 39  PSU A O4    1 
HETATM 882  C  "C1'" . PSU A 1 39 ? -0.437  -7.997  -4.239  1.00 22.44  ? 39  PSU A "C1'" 1 
HETATM 883  C  "C2'" . PSU A 1 39 ? -0.684  -8.170  -5.736  1.00 21.57  ? 39  PSU A "C2'" 1 
HETATM 884  O  "O2'" . PSU A 1 39 ? -1.516  -7.138  -6.237  1.00 10.38  ? 39  PSU A "O2'" 1 
HETATM 885  C  "C3'" . PSU A 1 39 ? -1.361  -9.527  -5.737  1.00 33.03  ? 39  PSU A "C3'" 1 
HETATM 886  C  "C4'" . PSU A 1 39 ? -2.291  -9.421  -4.540  1.00 20.56  ? 39  PSU A "C4'" 1 
HETATM 887  O  "O3'" . PSU A 1 39 ? -2.031  -9.823  -6.951  1.00 42.44  ? 39  PSU A "O3'" 1 
HETATM 888  O  "O4'" . PSU A 1 39 ? -1.510  -8.665  -3.582  1.00 30.59  ? 39  PSU A "O4'" 1 
HETATM 889  C  "C5'" . PSU A 1 39 ? -2.642  -10.732 -3.905  1.00 3.09   ? 39  PSU A "C5'" 1 
HETATM 890  O  "O5'" . PSU A 1 39 ? -1.458  -11.483 -3.711  1.00 15.65  ? 39  PSU A "O5'" 1 
HETATM 891  P  P     . PSU A 1 39 ? -1.201  -12.244 -2.344  1.00 41.82  ? 39  PSU A P     1 
HETATM 892  O  OP1   . PSU A 1 39 ? -1.846  -13.580 -2.366  1.00 49.24  ? 39  PSU A OP1   1 
HETATM 893  O  OP2   . PSU A 1 39 ? 0.247   -12.135 -2.031  1.00 42.38  ? 39  PSU A OP2   1 
ATOM   894  P  P     . C   A 1 40 ? -1.363  -10.868 -7.978  1.00 43.41  ? 40  C   A P     1 
ATOM   895  O  OP1   . C   A 1 40 ? -2.459  -11.249 -8.909  1.00 36.93  ? 40  C   A OP1   1 
ATOM   896  O  OP2   . C   A 1 40 ? -0.622  -11.938 -7.221  1.00 16.34  ? 40  C   A OP2   1 
ATOM   897  O  "O5'" . C   A 1 40 ? -0.291  -9.971  -8.740  1.00 22.76  ? 40  C   A "O5'" 1 
ATOM   898  C  "C5'" . C   A 1 40 ? -0.719  -8.980  -9.664  1.00 29.34  ? 40  C   A "C5'" 1 
ATOM   899  C  "C4'" . C   A 1 40 ? 0.472   -8.304  -10.273 1.00 35.14  ? 40  C   A "C4'" 1 
ATOM   900  O  "O4'" . C   A 1 40 ? 1.193   -7.628  -9.215  1.00 40.13  ? 40  C   A "O4'" 1 
ATOM   901  C  "C3'" . C   A 1 40 ? 1.530   -9.228  -10.853 1.00 52.30  ? 40  C   A "C3'" 1 
ATOM   902  O  "O3'" . C   A 1 40 ? 1.214   -9.690  -12.163 1.00 57.15  ? 40  C   A "O3'" 1 
ATOM   903  C  "C2'" . C   A 1 40 ? 2.738   -8.308  -10.852 1.00 51.78  ? 40  C   A "C2'" 1 
ATOM   904  O  "O2'" . C   A 1 40 ? 2.619   -7.282  -11.817 1.00 71.76  ? 40  C   A "O2'" 1 
ATOM   905  C  "C1'" . C   A 1 40 ? 2.584   -7.658  -9.486  1.00 39.65  ? 40  C   A "C1'" 1 
ATOM   906  N  N1    . C   A 1 40 ? 3.235   -8.431  -8.430  1.00 33.49  ? 40  C   A N1    1 
ATOM   907  C  C2    . C   A 1 40 ? 4.605   -8.236  -8.197  1.00 34.68  ? 40  C   A C2    1 
ATOM   908  O  O2    . C   A 1 40 ? 5.239   -7.466  -8.938  1.00 36.59  ? 40  C   A O2    1 
ATOM   909  N  N3    . C   A 1 40 ? 5.200   -8.895  -7.180  1.00 19.31  ? 40  C   A N3    1 
ATOM   910  C  C4    . C   A 1 40 ? 4.490   -9.738  -6.430  1.00 21.24  ? 40  C   A C4    1 
ATOM   911  N  N4    . C   A 1 40 ? 5.114   -10.356 -5.430  1.00 32.62  ? 40  C   A N4    1 
ATOM   912  C  C5    . C   A 1 40 ? 3.106   -9.984  -6.672  1.00 33.17  ? 40  C   A C5    1 
ATOM   913  C  C6    . C   A 1 40 ? 2.523   -9.315  -7.673  1.00 19.21  ? 40  C   A C6    1 
ATOM   914  P  P     . U   A 1 41 ? 1.879   -11.051 -12.707 1.00 44.82  ? 41  U   A P     1 
ATOM   915  O  OP1   . U   A 1 41 ? 1.377   -11.161 -14.096 1.00 43.83  ? 41  U   A OP1   1 
ATOM   916  O  OP2   . U   A 1 41 ? 1.651   -12.168 -11.746 1.00 28.25  ? 41  U   A OP2   1 
ATOM   917  O  "O5'" . U   A 1 41 ? 3.438   -10.740 -12.712 1.00 18.14  ? 41  U   A "O5'" 1 
ATOM   918  C  "C5'" . U   A 1 41 ? 3.965   -9.784  -13.612 1.00 21.24  ? 41  U   A "C5'" 1 
ATOM   919  C  "C4'" . U   A 1 41 ? 5.455   -9.747  -13.499 1.00 27.52  ? 41  U   A "C4'" 1 
ATOM   920  O  "O4'" . U   A 1 41 ? 5.816   -9.284  -12.178 1.00 32.80  ? 41  U   A "O4'" 1 
ATOM   921  C  "C3'" . U   A 1 41 ? 6.133   -11.096 -13.571 1.00 35.05  ? 41  U   A "C3'" 1 
ATOM   922  O  "O3'" . U   A 1 41 ? 6.234   -11.563 -14.910 1.00 39.08  ? 41  U   A "O3'" 1 
ATOM   923  C  "C2'" . U   A 1 41 ? 7.477   -10.801 -12.916 1.00 30.04  ? 41  U   A "C2'" 1 
ATOM   924  O  "O2'" . U   A 1 41 ? 8.391   -10.103 -13.740 1.00 30.90  ? 41  U   A "O2'" 1 
ATOM   925  C  "C1'" . U   A 1 41 ? 7.049   -9.868  -11.788 1.00 27.64  ? 41  U   A "C1'" 1 
ATOM   926  N  N1    . U   A 1 41 ? 6.843   -10.569 -10.519 1.00 18.94  ? 41  U   A N1    1 
ATOM   927  C  C2    . U   A 1 41 ? 7.953   -10.848 -9.738  1.00 27.09  ? 41  U   A C2    1 
ATOM   928  O  O2    . U   A 1 41 ? 9.088   -10.546 -10.057 1.00 44.19  ? 41  U   A O2    1 
ATOM   929  N  N3    . U   A 1 41 ? 7.686   -11.502 -8.570  1.00 27.33  ? 41  U   A N3    1 
ATOM   930  C  C4    . U   A 1 41 ? 6.459   -11.907 -8.115  1.00 44.09  ? 41  U   A C4    1 
ATOM   931  O  O4    . U   A 1 41 ? 6.387   -12.543 -7.063  1.00 48.01  ? 41  U   A O4    1 
ATOM   932  C  C5    . U   A 1 41 ? 5.364   -11.580 -8.978  1.00 54.87  ? 41  U   A C5    1 
ATOM   933  C  C6    . U   A 1 41 ? 5.592   -10.936 -10.123 1.00 24.85  ? 41  U   A C6    1 
ATOM   934  P  P     . G   A 1 42 ? 6.252   -13.139 -15.184 1.00 37.95  ? 42  G   A P     1 
ATOM   935  O  OP1   . G   A 1 42 ? 6.085   -13.353 -16.635 1.00 33.35  ? 42  G   A OP1   1 
ATOM   936  O  OP2   . G   A 1 42 ? 5.303   -13.765 -14.239 1.00 46.36  ? 42  G   A OP2   1 
ATOM   937  O  "O5'" . G   A 1 42 ? 7.710   -13.582 -14.726 1.00 15.43  ? 42  G   A "O5'" 1 
ATOM   938  C  "C5'" . G   A 1 42 ? 8.850   -13.082 -15.394 1.00 17.89  ? 42  G   A "C5'" 1 
ATOM   939  C  "C4'" . G   A 1 42 ? 10.087  -13.330 -14.575 1.00 21.53  ? 42  G   A "C4'" 1 
ATOM   940  O  "O4'" . G   A 1 42 ? 9.955   -12.657 -13.303 1.00 22.45  ? 42  G   A "O4'" 1 
ATOM   941  C  "C3'" . G   A 1 42 ? 10.384  -14.757 -14.151 1.00 28.17  ? 42  G   A "C3'" 1 
ATOM   942  O  "O3'" . G   A 1 42 ? 10.966  -15.517 -15.197 1.00 37.91  ? 42  G   A "O3'" 1 
ATOM   943  C  "C2'" . G   A 1 42 ? 11.381  -14.540 -13.022 1.00 23.16  ? 42  G   A "C2'" 1 
ATOM   944  O  "O2'" . G   A 1 42 ? 12.693  -14.320 -13.480 1.00 8.07   ? 42  G   A "O2'" 1 
ATOM   945  C  "C1'" . G   A 1 42 ? 10.811  -13.283 -12.352 1.00 28.99  ? 42  G   A "C1'" 1 
ATOM   946  N  N9    . G   A 1 42 ? 10.020  -13.668 -11.188 1.00 33.49  ? 42  G   A N9    1 
ATOM   947  C  C8    . G   A 1 42 ? 8.653   -13.643 -11.046 1.00 37.95  ? 42  G   A C8    1 
ATOM   948  N  N7    . G   A 1 42 ? 8.248   -14.177 -9.930  1.00 9.36   ? 42  G   A N7    1 
ATOM   949  C  C5    . G   A 1 42 ? 9.416   -14.551 -9.294  1.00 11.67  ? 42  G   A C5    1 
ATOM   950  C  C6    . G   A 1 42 ? 9.601   -15.210 -8.081  1.00 29.21  ? 42  G   A C6    1 
ATOM   951  O  O6    . G   A 1 42 ? 8.734   -15.621 -7.296  1.00 48.45  ? 42  G   A O6    1 
ATOM   952  N  N1    . G   A 1 42 ? 10.957  -15.396 -7.804  1.00 31.11  ? 42  G   A N1    1 
ATOM   953  C  C2    . G   A 1 42 ? 11.997  -14.992 -8.618  1.00 37.35  ? 42  G   A C2    1 
ATOM   954  N  N2    . G   A 1 42 ? 13.251  -15.255 -8.191  1.00 15.76  ? 42  G   A N2    1 
ATOM   955  N  N3    . G   A 1 42 ? 11.821  -14.379 -9.768  1.00 28.05  ? 42  G   A N3    1 
ATOM   956  C  C4    . G   A 1 42 ? 10.516  -14.200 -10.042 1.00 16.63  ? 42  G   A C4    1 
ATOM   957  P  P     . A   A 1 43 ? 10.832  -17.121 -15.182 1.00 42.08  ? 43  A   A P     1 
ATOM   958  O  OP1   . A   A 1 43 ? 11.287  -17.563 -16.515 1.00 58.96  ? 43  A   A OP1   1 
ATOM   959  O  OP2   . A   A 1 43 ? 9.486   -17.524 -14.700 1.00 39.05  ? 43  A   A OP2   1 
ATOM   960  O  "O5'" . A   A 1 43 ? 11.930  -17.579 -14.127 1.00 19.45  ? 43  A   A "O5'" 1 
ATOM   961  C  "C5'" . A   A 1 43 ? 13.289  -17.303 -14.388 1.00 19.46  ? 43  A   A "C5'" 1 
ATOM   962  C  "C4'" . A   A 1 43 ? 14.101  -17.472 -13.147 1.00 22.68  ? 43  A   A "C4'" 1 
ATOM   963  O  "O4'" . A   A 1 43 ? 13.498  -16.684 -12.098 1.00 30.32  ? 43  A   A "O4'" 1 
ATOM   964  C  "C3'" . A   A 1 43 ? 14.115  -18.876 -12.575 1.00 27.23  ? 43  A   A "C3'" 1 
ATOM   965  O  "O3'" . A   A 1 43 ? 15.121  -19.643 -13.189 1.00 34.43  ? 43  A   A "O3'" 1 
ATOM   966  C  "C2'" . A   A 1 43 ? 14.500  -18.604 -11.141 1.00 28.33  ? 43  A   A "C2'" 1 
ATOM   967  O  "O2'" . A   A 1 43 ? 15.883  -18.327 -11.080 1.00 24.40  ? 43  A   A "O2'" 1 
ATOM   968  C  "C1'" . A   A 1 43 ? 13.667  -17.352 -10.855 1.00 34.03  ? 43  A   A "C1'" 1 
ATOM   969  N  N9    . A   A 1 43 ? 12.336  -17.660 -10.328 1.00 33.52  ? 43  A   A N9    1 
ATOM   970  C  C8    . A   A 1 43 ? 11.124  -17.408 -10.926 1.00 31.26  ? 43  A   A C8    1 
ATOM   971  N  N7    . A   A 1 43 ? 10.096  -17.794 -10.214 1.00 35.88  ? 43  A   A N7    1 
ATOM   972  C  C5    . A   A 1 43 ? 10.670  -18.341 -9.072  1.00 37.10  ? 43  A   A C5    1 
ATOM   973  C  C6    . A   A 1 43 ? 10.111  -18.923 -7.920  1.00 46.28  ? 43  A   A C6    1 
ATOM   974  N  N6    . A   A 1 43 ? 8.797   -19.074 -7.737  1.00 79.32  ? 43  A   A N6    1 
ATOM   975  N  N1    . A   A 1 43 ? 10.951  -19.351 -6.955  1.00 31.03  ? 43  A   A N1    1 
ATOM   976  C  C2    . A   A 1 43 ? 12.266  -19.203 -7.154  1.00 33.08  ? 43  A   A C2    1 
ATOM   977  N  N3    . A   A 1 43 ? 12.912  -18.681 -8.195  1.00 19.60  ? 43  A   A N3    1 
ATOM   978  C  C4    . A   A 1 43 ? 12.045  -18.262 -9.128  1.00 20.37  ? 43  A   A C4    1 
ATOM   979  P  P     . G   A 1 44 ? 14.722  -20.990 -13.945 1.00 51.61  ? 44  G   A P     1 
ATOM   980  O  OP1   . G   A 1 44 ? 15.727  -21.163 -15.023 1.00 55.59  ? 44  G   A OP1   1 
ATOM   981  O  OP2   . G   A 1 44 ? 13.267  -20.942 -14.291 1.00 45.27  ? 44  G   A OP2   1 
ATOM   982  O  "O5'" . G   A 1 44 ? 15.030  -22.097 -12.853 1.00 33.40  ? 44  G   A "O5'" 1 
ATOM   983  C  "C5'" . G   A 1 44 ? 16.373  -22.370 -12.530 1.00 31.81  ? 44  G   A "C5'" 1 
ATOM   984  C  "C4'" . G   A 1 44 ? 16.573  -22.222 -11.064 1.00 27.15  ? 44  G   A "C4'" 1 
ATOM   985  O  "O4'" . G   A 1 44 ? 15.663  -21.201 -10.605 1.00 28.94  ? 44  G   A "O4'" 1 
ATOM   986  C  "C3'" . G   A 1 44 ? 16.144  -23.426 -10.265 1.00 29.22  ? 44  G   A "C3'" 1 
ATOM   987  O  "O3'" . G   A 1 44 ? 17.182  -24.371 -10.240 1.00 42.42  ? 44  G   A "O3'" 1 
ATOM   988  C  "C2'" . G   A 1 44 ? 15.906  -22.830 -8.896  1.00 33.56  ? 44  G   A "C2'" 1 
ATOM   989  O  "O2'" . G   A 1 44 ? 17.095  -22.628 -8.176  1.00 27.93  ? 44  G   A "O2'" 1 
ATOM   990  C  "C1'" . G   A 1 44 ? 15.266  -21.497 -9.277  1.00 40.30  ? 44  G   A "C1'" 1 
ATOM   991  N  N9    . G   A 1 44 ? 13.813  -21.595 -9.226  1.00 50.21  ? 44  G   A N9    1 
ATOM   992  C  C8    . G   A 1 44 ? 12.890  -21.161 -10.147 1.00 51.03  ? 44  G   A C8    1 
ATOM   993  N  N7    . G   A 1 44 ? 11.656  -21.361 -9.767  1.00 40.44  ? 44  G   A N7    1 
ATOM   994  C  C5    . G   A 1 44 ? 11.778  -21.980 -8.533  1.00 28.76  ? 44  G   A C5    1 
ATOM   995  C  C6    . G   A 1 44 ? 10.798  -22.429 -7.648  1.00 15.63  ? 44  G   A C6    1 
ATOM   996  O  O6    . G   A 1 44 ? 9.575   -22.394 -7.778  1.00 11.54  ? 44  G   A O6    1 
ATOM   997  N  N1    . G   A 1 44 ? 11.362  -22.977 -6.507  1.00 15.34  ? 44  G   A N1    1 
ATOM   998  C  C2    . G   A 1 44 ? 12.707  -23.087 -6.264  1.00 27.01  ? 44  G   A C2    1 
ATOM   999  N  N2    . G   A 1 44 ? 13.068  -23.630 -5.100  1.00 55.16  ? 44  G   A N2    1 
ATOM   1000 N  N3    . G   A 1 44 ? 13.632  -22.691 -7.092  1.00 13.54  ? 44  G   A N3    1 
ATOM   1001 C  C4    . G   A 1 44 ? 13.102  -22.140 -8.195  1.00 36.88  ? 44  G   A C4    1 
ATOM   1002 P  P     . G   A 1 45 ? 16.889  -25.850 -10.770 1.00 62.14  ? 45  G   A P     1 
ATOM   1003 O  OP1   . G   A 1 45 ? 18.171  -26.622 -10.849 1.00 57.72  ? 45  G   A OP1   1 
ATOM   1004 O  OP2   . G   A 1 45 ? 16.015  -25.700 -11.983 1.00 51.80  ? 45  G   A OP2   1 
ATOM   1005 O  "O5'" . G   A 1 45 ? 16.011  -26.494 -9.615  1.00 48.61  ? 45  G   A "O5'" 1 
ATOM   1006 C  "C5'" . G   A 1 45 ? 16.588  -26.824 -8.368  1.00 34.72  ? 45  G   A "C5'" 1 
ATOM   1007 C  "C4'" . G   A 1 45 ? 15.511  -27.290 -7.446  1.00 30.47  ? 45  G   A "C4'" 1 
ATOM   1008 O  "O4'" . G   A 1 45 ? 14.516  -26.243 -7.363  1.00 35.51  ? 45  G   A "O4'" 1 
ATOM   1009 C  "C3'" . G   A 1 45 ? 14.734  -28.471 -7.976  1.00 28.14  ? 45  G   A "C3'" 1 
ATOM   1010 O  "O3'" . G   A 1 45 ? 15.404  -29.657 -7.604  1.00 27.47  ? 45  G   A "O3'" 1 
ATOM   1011 C  "C2'" . G   A 1 45 ? 13.415  -28.337 -7.242  1.00 34.29  ? 45  G   A "C2'" 1 
ATOM   1012 O  "O2'" . G   A 1 45 ? 13.574  -28.809 -5.914  1.00 57.13  ? 45  G   A "O2'" 1 
ATOM   1013 C  "C1'" . G   A 1 45 ? 13.231  -26.816 -7.227  1.00 31.59  ? 45  G   A "C1'" 1 
ATOM   1014 N  N9    . G   A 1 45 ? 12.393  -26.251 -8.273  1.00 10.55  ? 45  G   A N9    1 
ATOM   1015 C  C8    . G   A 1 45 ? 12.800  -25.875 -9.525  1.00 35.56  ? 45  G   A C8    1 
ATOM   1016 N  N7    . G   A 1 45 ? 11.840  -25.368 -10.248 1.00 39.09  ? 45  G   A N7    1 
ATOM   1017 C  C5    . G   A 1 45 ? 10.731  -25.417 -9.420  1.00 33.83  ? 45  G   A C5    1 
ATOM   1018 C  C6    . G   A 1 45 ? 9.394   -25.004 -9.656  1.00 34.63  ? 45  G   A C6    1 
ATOM   1019 O  O6    . G   A 1 45 ? 8.911   -24.502 -10.670 1.00 51.48  ? 45  G   A O6    1 
ATOM   1020 N  N1    . G   A 1 45 ? 8.589   -25.236 -8.555  1.00 34.56  ? 45  G   A N1    1 
ATOM   1021 C  C2    . G   A 1 45 ? 9.015   -25.798 -7.380  1.00 48.71  ? 45  G   A C2    1 
ATOM   1022 N  N2    . G   A 1 45 ? 8.075   -25.960 -6.452  1.00 58.25  ? 45  G   A N2    1 
ATOM   1023 N  N3    . G   A 1 45 ? 10.264  -26.181 -7.140  1.00 31.13  ? 45  G   A N3    1 
ATOM   1024 C  C4    . G   A 1 45 ? 11.060  -25.965 -8.198  1.00 26.10  ? 45  G   A C4    1 
HETATM 1025 P  P     . 7MG A 1 46 ? 15.960  -30.634 -8.747  1.00 50.41  ? 46  7MG A P     1 
HETATM 1026 O  OP1   . 7MG A 1 46 ? 17.433  -30.750 -8.586  1.00 54.31  ? 46  7MG A OP1   1 
HETATM 1027 O  OP2   . 7MG A 1 46 ? 15.397  -30.186 -10.050 1.00 39.67  ? 46  7MG A OP2   1 
HETATM 1028 O  "O5'" . 7MG A 1 46 ? 15.308  -32.039 -8.396  1.00 40.40  ? 46  7MG A "O5'" 1 
HETATM 1029 C  "C5'" . 7MG A 1 46 ? 14.289  -32.136 -7.418  1.00 39.62  ? 46  7MG A "C5'" 1 
HETATM 1030 C  "C4'" . 7MG A 1 46 ? 13.182  -33.015 -7.924  1.00 34.72  ? 46  7MG A "C4'" 1 
HETATM 1031 O  "O4'" . 7MG A 1 46 ? 12.388  -32.331 -8.903  1.00 37.98  ? 46  7MG A "O4'" 1 
HETATM 1032 C  "C3'" . 7MG A 1 46 ? 13.639  -34.297 -8.608  1.00 33.83  ? 46  7MG A "C3'" 1 
HETATM 1033 O  "O3'" . 7MG A 1 46 ? 13.546  -35.324 -7.632  1.00 33.79  ? 46  7MG A "O3'" 1 
HETATM 1034 C  "C2'" . 7MG A 1 46 ? 12.576  -34.577 -9.678  1.00 39.69  ? 46  7MG A "C2'" 1 
HETATM 1035 O  "O2'" . 7MG A 1 46 ? 11.757  -35.676 -9.363  1.00 67.22  ? 46  7MG A "O2'" 1 
HETATM 1036 C  "C1'" . 7MG A 1 46 ? 11.719  -33.315 -9.634  1.00 37.88  ? 46  7MG A "C1'" 1 
HETATM 1037 N  N9    . 7MG A 1 46 ? 11.208  -32.761 -10.869 1.00 22.83  ? 46  7MG A N9    1 
HETATM 1038 C  C8    . 7MG A 1 46 ? 11.870  -32.488 -12.027 1.00 26.64  ? 46  7MG A C8    1 
HETATM 1039 N  N7    . 7MG A 1 46 ? 11.093  -31.985 -12.941 1.00 26.33  ? 46  7MG A N7    1 
HETATM 1040 C  C5    . 7MG A 1 46 ? 9.845   -31.956 -12.348 1.00 12.43  ? 46  7MG A C5    1 
HETATM 1041 C  C6    . 7MG A 1 46 ? 8.605   -31.531 -12.849 1.00 10.94  ? 46  7MG A C6    1 
HETATM 1042 O  O6    . 7MG A 1 46 ? 8.333   -31.111 -13.967 1.00 44.20  ? 46  7MG A O6    1 
HETATM 1043 N  N1    . 7MG A 1 46 ? 7.605   -31.632 -11.893 1.00 31.41  ? 46  7MG A N1    1 
HETATM 1044 C  C2    . 7MG A 1 46 ? 7.780   -32.090 -10.616 1.00 33.15  ? 46  7MG A C2    1 
HETATM 1045 N  N2    . 7MG A 1 46 ? 6.696   -32.085 -9.827  1.00 28.28  ? 46  7MG A N2    1 
HETATM 1046 N  N3    . 7MG A 1 46 ? 8.934   -32.513 -10.147 1.00 19.04  ? 46  7MG A N3    1 
HETATM 1047 C  C4    . 7MG A 1 46 ? 9.912   -32.415 -11.063 1.00 17.54  ? 46  7MG A C4    1 
HETATM 1048 C  CM7   . 7MG A 1 46 ? 11.465  -31.488 -14.159 1.00 50.84  ? 46  7MG A CM7   1 
HETATM 1049 P  P     . H2U A 1 47 ? 14.805  -36.230 -7.298  1.00 34.84  ? 47  H2U A P     1 
HETATM 1050 O  OP1   . H2U A 1 47 ? 15.524  -35.661 -6.143  1.00 41.03  ? 47  H2U A OP1   1 
HETATM 1051 O  OP2   . H2U A 1 47 ? 15.518  -36.492 -8.569  1.00 38.80  ? 47  H2U A OP2   1 
HETATM 1052 O  "O5'" . H2U A 1 47 ? 14.160  -37.598 -6.845  1.00 43.34  ? 47  H2U A "O5'" 1 
HETATM 1053 C  "C5'" . H2U A 1 47 ? 13.604  -38.471 -7.817  1.00 52.66  ? 47  H2U A "C5'" 1 
HETATM 1054 C  "C4'" . H2U A 1 47 ? 14.685  -39.328 -8.428  1.00 38.41  ? 47  H2U A "C4'" 1 
HETATM 1055 O  "O4'" . H2U A 1 47 ? 15.755  -39.520 -7.479  1.00 48.17  ? 47  H2U A "O4'" 1 
HETATM 1056 C  "C3'" . H2U A 1 47 ? 14.192  -40.711 -8.795  1.00 36.31  ? 47  H2U A "C3'" 1 
HETATM 1057 O  "O3'" . H2U A 1 47 ? 13.798  -40.671 -10.156 1.00 20.57  ? 47  H2U A "O3'" 1 
HETATM 1058 C  "C1'" . H2U A 1 47 ? 16.218  -40.851 -7.536  1.00 49.51  ? 47  H2U A "C1'" 1 
HETATM 1059 C  "C2'" . H2U A 1 47 ? 15.431  -41.586 -8.620  1.00 51.30  ? 47  H2U A "C2'" 1 
HETATM 1060 O  "O2'" . H2U A 1 47 ? 16.248  -41.652 -9.767  1.00 74.45  ? 47  H2U A "O2'" 1 
HETATM 1061 N  N1    . H2U A 1 47 ? 16.101  -41.430 -6.196  1.00 44.61  ? 47  H2U A N1    1 
HETATM 1062 C  C2    . H2U A 1 47 ? 17.093  -42.278 -5.744  1.00 46.59  ? 47  H2U A C2    1 
HETATM 1063 O  O2    . H2U A 1 47 ? 17.786  -42.951 -6.482  1.00 34.63  ? 47  H2U A O2    1 
HETATM 1064 N  N3    . H2U A 1 47 ? 17.240  -42.305 -4.377  1.00 73.78  ? 47  H2U A N3    1 
HETATM 1065 C  C4    . H2U A 1 47 ? 16.469  -41.627 -3.427  1.00 89.58  ? 47  H2U A C4    1 
HETATM 1066 O  O4    . H2U A 1 47 ? 16.800  -41.664 -2.235  1.00 96.48  ? 47  H2U A O4    1 
HETATM 1067 C  C5    . H2U A 1 47 ? 15.278  -40.900 -3.919  1.00 87.94  ? 47  H2U A C5    1 
HETATM 1068 C  C6    . H2U A 1 47 ? 14.947  -41.112 -5.381  1.00 68.27  ? 47  H2U A C6    1 
HETATM 1069 P  P     . 5MC A 1 48 ? 12.255  -40.662 -10.543 1.00 15.41  ? 48  5MC A P     1 
HETATM 1070 O  OP1   . 5MC A 1 48 ? 12.070  -41.662 -11.616 1.00 11.49  ? 48  5MC A OP1   1 
HETATM 1071 O  OP2   . 5MC A 1 48 ? 11.870  -39.266 -10.763 1.00 10.17  ? 48  5MC A OP2   1 
HETATM 1072 O  "O5'" . 5MC A 1 48 ? 11.509  -41.136 -9.228  1.00 22.06  ? 48  5MC A "O5'" 1 
HETATM 1073 C  "C5'" . 5MC A 1 48 ? 10.235  -41.769 -9.299  1.00 28.05  ? 48  5MC A "C5'" 1 
HETATM 1074 C  "C4'" . 5MC A 1 48 ? 9.132   -40.735 -9.397  1.00 36.44  ? 48  5MC A "C4'" 1 
HETATM 1075 O  "O4'" . 5MC A 1 48 ? 9.379   -39.864 -10.513 1.00 32.52  ? 48  5MC A "O4'" 1 
HETATM 1076 C  "C3'" . 5MC A 1 48 ? 7.742   -41.316 -9.621  1.00 38.00  ? 48  5MC A "C3'" 1 
HETATM 1077 O  "O3'" . 5MC A 1 48 ? 7.101   -41.336 -8.349  1.00 34.12  ? 48  5MC A "O3'" 1 
HETATM 1078 C  "C2'" . 5MC A 1 48 ? 7.017   -40.288 -10.490 1.00 30.39  ? 48  5MC A "C2'" 1 
HETATM 1079 O  "O2'" . 5MC A 1 48 ? 6.193   -39.457 -9.726  1.00 56.01  ? 48  5MC A "O2'" 1 
HETATM 1080 C  "C1'" . 5MC A 1 48 ? 8.149   -39.415 -11.015 1.00 32.99  ? 48  5MC A "C1'" 1 
HETATM 1081 N  N1    . 5MC A 1 48 ? 8.263   -39.242 -12.456 1.00 30.90  ? 48  5MC A N1    1 
HETATM 1082 C  C2    . 5MC A 1 48 ? 7.254   -38.563 -13.140 1.00 40.43  ? 48  5MC A C2    1 
HETATM 1083 O  O2    . 5MC A 1 48 ? 6.227   -38.232 -12.529 1.00 34.54  ? 48  5MC A O2    1 
HETATM 1084 N  N3    . 5MC A 1 48 ? 7.418   -38.298 -14.453 1.00 53.14  ? 48  5MC A N3    1 
HETATM 1085 C  C4    . 5MC A 1 48 ? 8.527   -38.707 -15.077 1.00 62.13  ? 48  5MC A C4    1 
HETATM 1086 N  N4    . 5MC A 1 48 ? 8.670   -38.413 -16.371 1.00 76.10  ? 48  5MC A N4    1 
HETATM 1087 C  C5    . 5MC A 1 48 ? 9.540   -39.438 -14.408 1.00 52.07  ? 48  5MC A C5    1 
HETATM 1088 C  C6    . 5MC A 1 48 ? 9.368   -39.686 -13.114 1.00 33.93  ? 48  5MC A C6    1 
HETATM 1089 C  CM5   . 5MC A 1 48 ? 10.743  -39.884 -15.171 1.00 77.17  ? 48  5MC A CM5   1 
HETATM 1090 P  P     . 5MC A 1 49 ? 6.319   -42.639 -7.857  1.00 37.40  ? 49  5MC A P     1 
HETATM 1091 O  OP1   . 5MC A 1 49 ? 6.177   -43.561 -9.015  1.00 35.22  ? 49  5MC A OP1   1 
HETATM 1092 O  OP2   . 5MC A 1 49 ? 5.109   -42.147 -7.154  1.00 27.21  ? 49  5MC A OP2   1 
HETATM 1093 O  "O5'" . 5MC A 1 49 ? 7.324   -43.270 -6.796  1.00 27.57  ? 49  5MC A "O5'" 1 
HETATM 1094 C  "C5'" . 5MC A 1 49 ? 8.046   -42.429 -5.914  1.00 24.77  ? 49  5MC A "C5'" 1 
HETATM 1095 C  "C4'" . 5MC A 1 49 ? 8.861   -43.248 -4.939  1.00 27.42  ? 49  5MC A "C4'" 1 
HETATM 1096 O  "O4'" . 5MC A 1 49 ? 8.039   -43.816 -3.877  1.00 30.45  ? 49  5MC A "O4'" 1 
HETATM 1097 C  "C3'" . 5MC A 1 49 ? 9.575   -44.438 -5.534  1.00 12.65  ? 49  5MC A "C3'" 1 
HETATM 1098 O  "O3'" . 5MC A 1 49 ? 10.781  -44.034 -6.099  1.00 9.15   ? 49  5MC A "O3'" 1 
HETATM 1099 C  "C2'" . 5MC A 1 49 ? 9.828   -45.269 -4.302  1.00 27.28  ? 49  5MC A "C2'" 1 
HETATM 1100 O  "O2'" . 5MC A 1 49 ? 10.822  -44.633 -3.522  1.00 32.64  ? 49  5MC A "O2'" 1 
HETATM 1101 C  "C1'" . 5MC A 1 49 ? 8.468   -45.145 -3.614  1.00 29.67  ? 49  5MC A "C1'" 1 
HETATM 1102 N  N1    . 5MC A 1 49 ? 7.462   -46.040 -4.209  1.00 40.56  ? 49  5MC A N1    1 
HETATM 1103 C  C2    . 5MC A 1 49 ? 7.770   -47.390 -4.425  1.00 46.75  ? 49  5MC A C2    1 
HETATM 1104 O  O2    . 5MC A 1 49 ? 8.883   -47.817 -4.098  1.00 60.49  ? 49  5MC A O2    1 
HETATM 1105 N  N3    . 5MC A 1 49 ? 6.847   -48.191 -4.997  1.00 37.43  ? 49  5MC A N3    1 
HETATM 1106 C  C4    . 5MC A 1 49 ? 5.674   -47.689 -5.370  1.00 41.08  ? 49  5MC A C4    1 
HETATM 1107 N  N4    . 5MC A 1 49 ? 4.815   -48.502 -5.966  1.00 65.79  ? 49  5MC A N4    1 
HETATM 1108 C  C5    . 5MC A 1 49 ? 5.335   -46.325 -5.157  1.00 45.49  ? 49  5MC A C5    1 
HETATM 1109 C  C6    . 5MC A 1 49 ? 6.243   -45.546 -4.571  1.00 44.09  ? 49  5MC A C6    1 
HETATM 1110 C  CM5   . 5MC A 1 49 ? 3.999   -45.826 -5.602  1.00 62.70  ? 49  5MC A CM5   1 
ATOM   1111 P  P     . A   A 1 50 ? 11.225  -44.690 -7.471  1.00 33.24  ? 50  A   A P     1 
ATOM   1112 O  OP1   . A   A 1 50 ? 12.456  -44.052 -8.048  1.00 19.51  ? 50  A   A OP1   1 
ATOM   1113 O  OP2   . A   A 1 50 ? 9.946   -44.693 -8.237  1.00 33.43  ? 50  A   A OP2   1 
ATOM   1114 O  "O5'" . A   A 1 50 ? 11.619  -46.152 -7.020  1.00 3.09   ? 50  A   A "O5'" 1 
ATOM   1115 C  "C5'" . A   A 1 50 ? 12.742  -46.330 -6.202  1.00 15.62  ? 50  A   A "C5'" 1 
ATOM   1116 C  "C4'" . A   A 1 50 ? 12.974  -47.776 -5.985  1.00 13.91  ? 50  A   A "C4'" 1 
ATOM   1117 O  "O4'" . A   A 1 50 ? 11.791  -48.332 -5.374  1.00 15.24  ? 50  A   A "O4'" 1 
ATOM   1118 C  "C3'" . A   A 1 50 ? 13.133  -48.561 -7.266  1.00 11.41  ? 50  A   A "C3'" 1 
ATOM   1119 O  "O3'" . A   A 1 50 ? 14.486  -48.487 -7.670  1.00 27.71  ? 50  A   A "O3'" 1 
ATOM   1120 C  "C2'" . A   A 1 50 ? 12.756  -49.956 -6.808  1.00 12.78  ? 50  A   A "C2'" 1 
ATOM   1121 O  "O2'" . A   A 1 50 ? 13.819  -50.536 -6.085  1.00 4.36   ? 50  A   A "O2'" 1 
ATOM   1122 C  "C1'" . A   A 1 50 ? 11.603  -49.649 -5.848  1.00 22.72  ? 50  A   A "C1'" 1 
ATOM   1123 N  N9    . A   A 1 50 ? 10.279  -49.711 -6.456  1.00 27.20  ? 50  A   A N9    1 
ATOM   1124 C  C8    . A   A 1 50 ? 9.528   -48.675 -6.940  1.00 48.63  ? 50  A   A C8    1 
ATOM   1125 N  N7    . A   A 1 50 ? 8.374   -49.049 -7.436  1.00 52.19  ? 50  A   A N7    1 
ATOM   1126 C  C5    . A   A 1 50 ? 8.371   -50.421 -7.262  1.00 27.91  ? 50  A   A C5    1 
ATOM   1127 C  C6    . A   A 1 50 ? 7.441   -51.403 -7.585  1.00 24.19  ? 50  A   A C6    1 
ATOM   1128 N  N6    . A   A 1 50 ? 6.286   -51.153 -8.191  1.00 52.23  ? 50  A   A N6    1 
ATOM   1129 N  N1    . A   A 1 50 ? 7.737   -52.675 -7.268  1.00 33.43  ? 50  A   A N1    1 
ATOM   1130 C  C2    . A   A 1 50 ? 8.902   -52.928 -6.674  1.00 43.78  ? 50  A   A C2    1 
ATOM   1131 N  N3    . A   A 1 50 ? 9.867   -52.090 -6.330  1.00 38.38  ? 50  A   A N3    1 
ATOM   1132 C  C4    . A   A 1 50 ? 9.535   -50.838 -6.655  1.00 20.71  ? 50  A   A C4    1 
ATOM   1133 P  P     . G   A 1 51 ? 14.904  -48.986 -9.134  1.00 44.36  ? 51  G   A P     1 
ATOM   1134 O  OP1   . G   A 1 51 ? 16.366  -48.765 -9.323  1.00 44.66  ? 51  G   A OP1   1 
ATOM   1135 O  OP2   . G   A 1 51 ? 13.936  -48.355 -10.072 1.00 52.06  ? 51  G   A OP2   1 
ATOM   1136 O  "O5'" . G   A 1 51 ? 14.654  -50.557 -9.078  1.00 26.06  ? 51  G   A "O5'" 1 
ATOM   1137 C  "C5'" . G   A 1 51 ? 15.503  -51.382 -8.306  1.00 20.70  ? 51  G   A "C5'" 1 
ATOM   1138 C  "C4'" . G   A 1 51 ? 15.157  -52.827 -8.522  1.00 20.01  ? 51  G   A "C4'" 1 
ATOM   1139 O  "O4'" . G   A 1 51 ? 13.927  -53.176 -7.838  1.00 16.25  ? 51  G   A "O4'" 1 
ATOM   1140 C  "C3'" . G   A 1 51 ? 14.917  -53.184 -9.966  1.00 24.48  ? 51  G   A "C3'" 1 
ATOM   1141 O  "O3'" . G   A 1 51 ? 16.157  -53.498 -10.564 1.00 33.67  ? 51  G   A "O3'" 1 
ATOM   1142 C  "C2'" . G   A 1 51 ? 14.054  -54.426 -9.848  1.00 29.86  ? 51  G   A "C2'" 1 
ATOM   1143 O  "O2'" . G   A 1 51 ? 14.857  -55.562 -9.610  1.00 38.02  ? 51  G   A "O2'" 1 
ATOM   1144 C  "C1'" . G   A 1 51 ? 13.196  -54.095 -8.622  1.00 24.66  ? 51  G   A "C1'" 1 
ATOM   1145 N  N9    . G   A 1 51 ? 11.945  -53.444 -8.976  1.00 28.45  ? 51  G   A N9    1 
ATOM   1146 C  C8    . G   A 1 51 ? 11.702  -52.095 -8.953  1.00 36.94  ? 51  G   A C8    1 
ATOM   1147 N  N7    . G   A 1 51 ? 10.495  -51.786 -9.330  1.00 42.55  ? 51  G   A N7    1 
ATOM   1148 C  C5    . G   A 1 51 ? 9.906   -53.005 -9.622  1.00 27.04  ? 51  G   A C5    1 
ATOM   1149 C  C6    . G   A 1 51 ? 8.608   -53.300 -10.077 1.00 24.44  ? 51  G   A C6    1 
ATOM   1150 O  O6    . G   A 1 51 ? 7.690   -52.521 -10.325 1.00 12.36  ? 51  G   A O6    1 
ATOM   1151 N  N1    . G   A 1 51 ? 8.421   -54.663 -10.233 1.00 29.72  ? 51  G   A N1    1 
ATOM   1152 C  C2    . G   A 1 51 ? 9.363   -55.618 -9.980  1.00 21.92  ? 51  G   A C2    1 
ATOM   1153 N  N2    . G   A 1 51 ? 8.973   -56.874 -10.178 1.00 33.99  ? 51  G   A N2    1 
ATOM   1154 N  N3    . G   A 1 51 ? 10.586  -55.360 -9.558  1.00 16.59  ? 51  G   A N3    1 
ATOM   1155 C  C4    . G   A 1 51 ? 10.787  -54.040 -9.401  1.00 22.85  ? 51  G   A C4    1 
ATOM   1156 P  P     . G   A 1 52 ? 16.312  -53.390 -12.147 1.00 45.84  ? 52  G   A P     1 
ATOM   1157 O  OP1   . G   A 1 52 ? 17.706  -53.773 -12.506 1.00 34.89  ? 52  G   A OP1   1 
ATOM   1158 O  OP2   . G   A 1 52 ? 15.777  -52.055 -12.544 1.00 46.21  ? 52  G   A OP2   1 
ATOM   1159 O  "O5'" . G   A 1 52 ? 15.326  -54.503 -12.702 1.00 34.21  ? 52  G   A "O5'" 1 
ATOM   1160 C  "C5'" . G   A 1 52 ? 15.677  -55.865 -12.623 1.00 17.30  ? 52  G   A "C5'" 1 
ATOM   1161 C  "C4'" . G   A 1 52 ? 14.479  -56.715 -12.915 1.00 24.26  ? 52  G   A "C4'" 1 
ATOM   1162 O  "O4'" . G   A 1 52 ? 13.407  -56.273 -12.046 1.00 31.77  ? 52  G   A "O4'" 1 
ATOM   1163 C  "C3'" . G   A 1 52 ? 13.862  -56.586 -14.293 1.00 19.26  ? 52  G   A "C3'" 1 
ATOM   1164 O  "O3'" . G   A 1 52 ? 14.513  -57.410 -15.238 1.00 12.67  ? 52  G   A "O3'" 1 
ATOM   1165 C  "C2'" . G   A 1 52 ? 12.466  -57.122 -14.046 1.00 26.61  ? 52  G   A "C2'" 1 
ATOM   1166 O  "O2'" . G   A 1 52 ? 12.457  -58.533 -14.006 1.00 39.67  ? 52  G   A "O2'" 1 
ATOM   1167 C  "C1'" . G   A 1 52 ? 12.163  -56.540 -12.663 1.00 33.87  ? 52  G   A "C1'" 1 
ATOM   1168 N  N9    . G   A 1 52 ? 11.430  -55.287 -12.781 1.00 49.20  ? 52  G   A N9    1 
ATOM   1169 C  C8    . G   A 1 52 ? 11.812  -54.036 -12.360 1.00 49.16  ? 52  G   A C8    1 
ATOM   1170 N  N7    . G   A 1 52 ? 10.939  -53.112 -12.663 1.00 51.31  ? 52  G   A N7    1 
ATOM   1171 C  C5    . G   A 1 52 ? 9.926   -53.801 -13.314 1.00 44.75  ? 52  G   A C5    1 
ATOM   1172 C  C6    . G   A 1 52 ? 8.732   -53.342 -13.882 1.00 45.70  ? 52  G   A C6    1 
ATOM   1173 O  O6    . G   A 1 52 ? 8.312   -52.189 -13.946 1.00 75.05  ? 52  G   A O6    1 
ATOM   1174 N  N1    . G   A 1 52 ? 7.987   -54.382 -14.426 1.00 37.51  ? 52  G   A N1    1 
ATOM   1175 C  C2    . G   A 1 52 ? 8.360   -55.694 -14.430 1.00 31.49  ? 52  G   A C2    1 
ATOM   1176 N  N2    . G   A 1 52 ? 7.517   -56.553 -14.992 1.00 37.21  ? 52  G   A N2    1 
ATOM   1177 N  N3    . G   A 1 52 ? 9.481   -56.134 -13.917 1.00 38.67  ? 52  G   A N3    1 
ATOM   1178 C  C4    . G   A 1 52 ? 10.210  -55.142 -13.377 1.00 47.03  ? 52  G   A C4    1 
ATOM   1179 P  P     . G   A 1 53 ? 14.627  -56.917 -16.759 1.00 27.81  ? 53  G   A P     1 
ATOM   1180 O  OP1   . G   A 1 53 ? 15.417  -57.907 -17.521 1.00 38.72  ? 53  G   A OP1   1 
ATOM   1181 O  OP2   . G   A 1 53 ? 15.057  -55.500 -16.720 1.00 29.55  ? 53  G   A OP2   1 
ATOM   1182 O  "O5'" . G   A 1 53 ? 13.149  -56.998 -17.320 1.00 13.30  ? 53  G   A "O5'" 1 
ATOM   1183 C  "C5'" . G   A 1 53 ? 12.573  -58.261 -17.539 1.00 20.48  ? 53  G   A "C5'" 1 
ATOM   1184 C  "C4'" . G   A 1 53 ? 11.142  -58.127 -17.971 1.00 16.74  ? 53  G   A "C4'" 1 
ATOM   1185 O  "O4'" . G   A 1 53 ? 10.410  -57.312 -17.023 1.00 19.93  ? 53  G   A "O4'" 1 
ATOM   1186 C  "C3'" . G   A 1 53 ? 10.880  -57.399 -19.267 1.00 6.21   ? 53  G   A "C3'" 1 
ATOM   1187 O  "O3'" . G   A 1 53 ? 11.096  -58.231 -20.379 1.00 6.56   ? 53  G   A "O3'" 1 
ATOM   1188 C  "C2'" . G   A 1 53 ? 9.394   -57.153 -19.150 1.00 19.67  ? 53  G   A "C2'" 1 
ATOM   1189 O  "O2'" . G   A 1 53 ? 8.710   -58.365 -19.389 1.00 29.72  ? 53  G   A "O2'" 1 
ATOM   1190 C  "C1'" . G   A 1 53 ? 9.279   -56.764 -17.675 1.00 23.19  ? 53  G   A "C1'" 1 
ATOM   1191 N  N9    . G   A 1 53 ? 9.279   -55.319 -17.490 1.00 29.15  ? 53  G   A N9    1 
ATOM   1192 C  C8    . G   A 1 53 ? 10.265  -54.536 -16.943 1.00 47.43  ? 53  G   A C8    1 
ATOM   1193 N  N7    . G   A 1 53 ? 9.954   -53.269 -16.911 1.00 39.18  ? 53  G   A N7    1 
ATOM   1194 C  C5    . G   A 1 53 ? 8.687   -53.219 -17.472 1.00 46.58  ? 53  G   A C5    1 
ATOM   1195 C  C6    . G   A 1 53 ? 7.821   -52.121 -17.690 1.00 47.87  ? 53  G   A C6    1 
ATOM   1196 O  O6    . G   A 1 53 ? 8.012   -50.927 -17.437 1.00 72.78  ? 53  G   A O6    1 
ATOM   1197 N  N1    . G   A 1 53 ? 6.625   -52.523 -18.264 1.00 29.14  ? 53  G   A N1    1 
ATOM   1198 C  C2    . G   A 1 53 ? 6.306   -53.812 -18.592 1.00 28.98  ? 53  G   A C2    1 
ATOM   1199 N  N2    . G   A 1 53 ? 5.108   -53.994 -19.133 1.00 46.11  ? 53  G   A N2    1 
ATOM   1200 N  N3    . G   A 1 53 ? 7.102   -54.840 -18.401 1.00 11.90  ? 53  G   A N3    1 
ATOM   1201 C  C4    . G   A 1 53 ? 8.263   -54.476 -17.837 1.00 29.69  ? 53  G   A C4    1 
HETATM 1202 N  N1    . 2MU A 1 54 ? 7.739   -53.960 -21.737 1.00 16.50  ? 54  2MU A N1    1 
HETATM 1203 C  C2    . 2MU A 1 54 ? 7.177   -52.730 -21.609 1.00 16.45  ? 54  2MU A C2    1 
HETATM 1204 N  N3    . 2MU A 1 54 ? 8.036   -51.746 -21.205 1.00 8.94   ? 54  2MU A N3    1 
HETATM 1205 C  C4    . 2MU A 1 54 ? 9.364   -51.887 -20.893 1.00 14.23  ? 54  2MU A C4    1 
HETATM 1206 C  C5    . 2MU A 1 54 ? 9.868   -53.226 -20.966 1.00 29.85  ? 54  2MU A C5    1 
HETATM 1207 C  C5M   . 2MU A 1 54 ? 11.287  -53.488 -20.573 1.00 59.18  ? 54  2MU A C5M   1 
HETATM 1208 C  C6    . 2MU A 1 54 ? 9.043   -54.188 -21.382 1.00 23.38  ? 54  2MU A C6    1 
HETATM 1209 O  O2    . 2MU A 1 54 ? 5.997   -52.527 -21.827 1.00 17.40  ? 54  2MU A O2    1 
HETATM 1210 O  O4    . 2MU A 1 54 ? 10.026  -50.910 -20.597 1.00 21.64  ? 54  2MU A O4    1 
HETATM 1211 C  "C1'" . 2MU A 1 54 ? 6.905   -55.009 -22.331 1.00 25.33  ? 54  2MU A "C1'" 1 
HETATM 1212 C  "C2'" . 2MU A 1 54 ? 7.001   -54.905 -23.857 1.00 22.06  ? 54  2MU A "C2'" 1 
HETATM 1213 O  "O2'" . 2MU A 1 54 ? 5.826   -55.312 -24.521 1.00 23.32  ? 54  2MU A "O2'" 1 
HETATM 1214 C  "C3'" . 2MU A 1 54 ? 8.158   -55.840 -24.137 1.00 14.34  ? 54  2MU A "C3'" 1 
HETATM 1215 C  "C4'" . 2MU A 1 54 ? 7.916   -56.959 -23.143 1.00 17.03  ? 54  2MU A "C4'" 1 
HETATM 1216 O  "O3'" . 2MU A 1 54 ? 8.081   -56.306 -25.459 1.00 3.09   ? 54  2MU A "O3'" 1 
HETATM 1217 O  "O4'" . 2MU A 1 54 ? 7.435   -56.273 -21.964 1.00 29.65  ? 54  2MU A "O4'" 1 
HETATM 1218 C  "C5'" . 2MU A 1 54 ? 9.127   -57.777 -22.774 1.00 13.03  ? 54  2MU A "C5'" 1 
HETATM 1219 O  "O5'" . 2MU A 1 54 ? 10.177  -56.932 -22.320 1.00 14.55  ? 54  2MU A "O5'" 1 
HETATM 1220 C  "C6'" . 2MU A 1 54 ? 4.864   -54.452 -23.922 1.00 28.66  ? 54  2MU A "C6'" 1 
HETATM 1221 P  P     . 2MU A 1 54 ? 11.530  -57.566 -21.763 1.00 28.53  ? 54  2MU A P     1 
HETATM 1222 O  OP1   . 2MU A 1 54 ? 11.942  -58.656 -22.690 1.00 20.42  ? 54  2MU A OP1   1 
HETATM 1223 O  OP2   . 2MU A 1 54 ? 12.497  -56.482 -21.412 1.00 8.03   ? 54  2MU A OP2   1 
HETATM 1224 N  N1    . PSU A 1 55 ? 11.235  -52.115 -23.736 1.00 45.47  ? 55  PSU A N1    1 
HETATM 1225 C  C2    . PSU A 1 55 ? 11.552  -50.972 -23.057 1.00 36.35  ? 55  PSU A C2    1 
HETATM 1226 N  N3    . PSU A 1 55 ? 10.795  -49.900 -23.445 1.00 28.13  ? 55  PSU A N3    1 
HETATM 1227 C  C4    . PSU A 1 55 ? 9.799   -49.931 -24.392 1.00 8.85   ? 55  PSU A C4    1 
HETATM 1228 C  C5    . PSU A 1 55 ? 9.568   -51.219 -24.978 1.00 6.28   ? 55  PSU A C5    1 
HETATM 1229 C  C6    . PSU A 1 55 ? 10.356  -52.227 -24.591 1.00 41.55  ? 55  PSU A C6    1 
HETATM 1230 O  O2    . PSU A 1 55 ? 12.412  -50.922 -22.191 1.00 31.43  ? 55  PSU A O2    1 
HETATM 1231 O  O4    . PSU A 1 55 ? 9.191   -48.903 -24.674 1.00 32.33  ? 55  PSU A O4    1 
HETATM 1232 C  "C1'" . PSU A 1 55 ? 8.475   -51.392 -25.951 1.00 6.22   ? 55  PSU A "C1'" 1 
HETATM 1233 C  "C2'" . PSU A 1 55 ? 8.796   -50.922 -27.371 1.00 7.59   ? 55  PSU A "C2'" 1 
HETATM 1234 O  "O2'" . PSU A 1 55 ? 7.721   -50.142 -27.853 1.00 11.59  ? 55  PSU A "O2'" 1 
HETATM 1235 C  "C3'" . PSU A 1 55 ? 8.874   -52.247 -28.104 1.00 3.09   ? 55  PSU A "C3'" 1 
HETATM 1236 C  "C4'" . PSU A 1 55 ? 7.713   -52.994 -27.497 1.00 6.84   ? 55  PSU A "C4'" 1 
HETATM 1237 O  "O3'" . PSU A 1 55 ? 8.735   -52.123 -29.502 1.00 3.09   ? 55  PSU A "O3'" 1 
HETATM 1238 O  "O4'" . PSU A 1 55 ? 7.752   -52.604 -26.100 1.00 6.54   ? 55  PSU A "O4'" 1 
HETATM 1239 C  "C5'" . PSU A 1 55 ? 7.842   -54.480 -27.579 1.00 13.69  ? 55  PSU A "C5'" 1 
HETATM 1240 O  "O5'" . PSU A 1 55 ? 9.143   -54.862 -27.178 1.00 17.33  ? 55  PSU A "O5'" 1 
HETATM 1241 P  P     . PSU A 1 55 ? 9.370   -56.208 -26.376 1.00 20.91  ? 55  PSU A P     1 
HETATM 1242 O  OP1   . PSU A 1 55 ? 9.388   -57.363 -27.318 1.00 8.49   ? 55  PSU A OP1   1 
HETATM 1243 O  OP2   . PSU A 1 55 ? 10.491  -55.988 -25.433 1.00 6.67   ? 55  PSU A OP2   1 
ATOM   1244 P  P     . C   A 1 56 ? 10.043  -52.238 -30.422 1.00 26.11  ? 56  C   A P     1 
ATOM   1245 O  OP1   . C   A 1 56 ? 9.675   -52.376 -31.854 1.00 16.00  ? 56  C   A OP1   1 
ATOM   1246 O  OP2   . C   A 1 56 ? 10.947  -53.235 -29.794 1.00 28.95  ? 56  C   A OP2   1 
ATOM   1247 O  "O5'" . C   A 1 56 ? 10.756  -50.840 -30.233 1.00 10.32  ? 56  C   A "O5'" 1 
ATOM   1248 C  "C5'" . C   A 1 56 ? 12.114  -50.691 -30.573 1.00 12.53  ? 56  C   A "C5'" 1 
ATOM   1249 C  "C4'" . C   A 1 56 ? 12.502  -49.241 -30.496 1.00 18.96  ? 56  C   A "C4'" 1 
ATOM   1250 O  "O4'" . C   A 1 56 ? 11.759  -48.496 -31.485 1.00 21.56  ? 56  C   A "O4'" 1 
ATOM   1251 C  "C3'" . C   A 1 56 ? 12.206  -48.553 -29.178 1.00 16.03  ? 56  C   A "C3'" 1 
ATOM   1252 O  "O3'" . C   A 1 56 ? 13.339  -48.685 -28.336 1.00 10.00  ? 56  C   A "O3'" 1 
ATOM   1253 C  "C2'" . C   A 1 56 ? 12.089  -47.100 -29.587 1.00 10.53  ? 56  C   A "C2'" 1 
ATOM   1254 O  "O2'" . C   A 1 56 ? 13.386  -46.560 -29.642 1.00 29.84  ? 56  C   A "O2'" 1 
ATOM   1255 C  "C1'" . C   A 1 56 ? 11.496  -47.208 -30.996 1.00 12.21  ? 56  C   A "C1'" 1 
ATOM   1256 N  N1    . C   A 1 56 ? 10.061  -47.022 -31.047 1.00 3.09   ? 56  C   A N1    1 
ATOM   1257 C  C2    . C   A 1 56 ? 9.573   -45.782 -30.851 1.00 12.53  ? 56  C   A C2    1 
ATOM   1258 O  O2    . C   A 1 56 ? 10.379  -44.865 -30.671 1.00 46.06  ? 56  C   A O2    1 
ATOM   1259 N  N3    . C   A 1 56 ? 8.236   -45.586 -30.861 1.00 33.95  ? 56  C   A N3    1 
ATOM   1260 C  C4    . C   A 1 56 ? 7.419   -46.609 -31.070 1.00 4.27   ? 56  C   A C4    1 
ATOM   1261 N  N4    . C   A 1 56 ? 6.110   -46.385 -31.033 1.00 3.09   ? 56  C   A N4    1 
ATOM   1262 C  C5    . C   A 1 56 ? 7.910   -47.905 -31.309 1.00 9.88   ? 56  C   A C5    1 
ATOM   1263 C  C6    . C   A 1 56 ? 9.229   -48.067 -31.282 1.00 3.09   ? 56  C   A C6    1 
ATOM   1264 P  P     . A   A 1 57 ? 13.131  -48.902 -26.763 1.00 35.21  ? 57  A   A P     1 
ATOM   1265 O  OP1   . A   A 1 57 ? 14.484  -48.803 -26.158 1.00 28.84  ? 57  A   A OP1   1 
ATOM   1266 O  OP2   . A   A 1 57 ? 12.321  -50.155 -26.565 1.00 17.11  ? 57  A   A OP2   1 
ATOM   1267 O  "O5'" . A   A 1 57 ? 12.283  -47.625 -26.308 1.00 5.96   ? 57  A   A "O5'" 1 
ATOM   1268 C  "C5'" . A   A 1 57 ? 12.930  -46.392 -26.055 1.00 5.84   ? 57  A   A "C5'" 1 
ATOM   1269 C  "C4'" . A   A 1 57 ? 11.922  -45.302 -25.833 1.00 10.30  ? 57  A   A "C4'" 1 
ATOM   1270 O  "O4'" . A   A 1 57 ? 11.001  -45.294 -26.947 1.00 11.17  ? 57  A   A "O4'" 1 
ATOM   1271 C  "C3'" . A   A 1 57 ? 11.006  -45.416 -24.627 1.00 16.58  ? 57  A   A "C3'" 1 
ATOM   1272 O  "O3'" . A   A 1 57 ? 11.640  -44.955 -23.432 1.00 16.48  ? 57  A   A "O3'" 1 
ATOM   1273 C  "C2'" . A   A 1 57 ? 9.854   -44.495 -25.025 1.00 20.13  ? 57  A   A "C2'" 1 
ATOM   1274 O  "O2'" . A   A 1 57 ? 10.127  -43.121 -24.832 1.00 27.10  ? 57  A   A "O2'" 1 
ATOM   1275 C  "C1'" . A   A 1 57 ? 9.759   -44.754 -26.525 1.00 18.49  ? 57  A   A "C1'" 1 
ATOM   1276 N  N9    . A   A 1 57 ? 8.703   -45.689 -26.883 1.00 17.33  ? 57  A   A N9    1 
ATOM   1277 C  C8    . A   A 1 57 ? 8.837   -46.985 -27.286 1.00 40.95  ? 57  A   A C8    1 
ATOM   1278 N  N7    . A   A 1 57 ? 7.705   -47.559 -27.601 1.00 27.82  ? 57  A   A N7    1 
ATOM   1279 C  C5    . A   A 1 57 ? 6.767   -46.573 -27.380 1.00 8.75   ? 57  A   A C5    1 
ATOM   1280 C  C6    . A   A 1 57 ? 5.399   -46.555 -27.535 1.00 7.78   ? 57  A   A C6    1 
ATOM   1281 N  N6    . A   A 1 57 ? 4.709   -47.587 -27.994 1.00 37.31  ? 57  A   A N6    1 
ATOM   1282 N  N1    . A   A 1 57 ? 4.743   -45.433 -27.201 1.00 27.49  ? 57  A   A N1    1 
ATOM   1283 C  C2    . A   A 1 57 ? 5.447   -44.399 -26.756 1.00 41.42  ? 57  A   A C2    1 
ATOM   1284 N  N3    . A   A 1 57 ? 6.755   -44.289 -26.582 1.00 35.24  ? 57  A   A N3    1 
ATOM   1285 C  C4    . A   A 1 57 ? 7.364   -45.426 -26.917 1.00 10.92  ? 57  A   A C4    1 
HETATM 1286 P  P     . 1MA A 1 58 ? 11.609  -45.877 -22.112 1.00 24.80  ? 58  1MA A P     1 
HETATM 1287 O  OP1   . 1MA A 1 58 ? 12.709  -45.445 -21.220 1.00 28.75  ? 58  1MA A OP1   1 
HETATM 1288 O  OP2   . 1MA A 1 58 ? 11.578  -47.278 -22.615 1.00 22.60  ? 58  1MA A OP2   1 
HETATM 1289 O  "O5'" . 1MA A 1 58 ? 10.216  -45.562 -21.393 1.00 6.54   ? 58  1MA A "O5'" 1 
HETATM 1290 C  "C5'" . 1MA A 1 58 ? 9.671   -44.249 -21.387 1.00 3.20   ? 58  1MA A "C5'" 1 
HETATM 1291 C  "C4'" . 1MA A 1 58 ? 8.579   -44.133 -20.357 1.00 3.09   ? 58  1MA A "C4'" 1 
HETATM 1292 O  "O4'" . 1MA A 1 58 ? 7.499   -45.039 -20.672 1.00 3.09   ? 58  1MA A "O4'" 1 
HETATM 1293 C  "C3'" . 1MA A 1 58 ? 9.128   -44.592 -19.013 1.00 3.09   ? 58  1MA A "C3'" 1 
HETATM 1294 O  "O3'" . 1MA A 1 58 ? 8.599   -43.778 -17.978 1.00 10.45  ? 58  1MA A "O3'" 1 
HETATM 1295 C  "C2'" . 1MA A 1 58 ? 8.692   -46.042 -18.866 1.00 7.04   ? 58  1MA A "C2'" 1 
HETATM 1296 O  "O2'" . 1MA A 1 58 ? 8.315   -46.340 -17.552 1.00 33.92  ? 58  1MA A "O2'" 1 
HETATM 1297 C  "C1'" . 1MA A 1 58 ? 7.410   -46.022 -19.676 1.00 3.09   ? 58  1MA A "C1'" 1 
HETATM 1298 N  N9    . 1MA A 1 58 ? 6.777   -47.235 -20.180 1.00 3.09   ? 58  1MA A N9    1 
HETATM 1299 C  C8    . 1MA A 1 58 ? 7.270   -48.489 -20.403 1.00 15.67  ? 58  1MA A C8    1 
HETATM 1300 N  N7    . 1MA A 1 58 ? 6.379   -49.330 -20.870 1.00 3.09   ? 58  1MA A N7    1 
HETATM 1301 C  C5    . 1MA A 1 58 ? 5.227   -48.571 -20.956 1.00 8.82   ? 58  1MA A C5    1 
HETATM 1302 C  C6    . 1MA A 1 58 ? 3.931   -48.867 -21.382 1.00 12.40  ? 58  1MA A C6    1 
HETATM 1303 N  N6    . 1MA A 1 58 ? 3.544   -50.059 -21.787 1.00 28.75  ? 58  1MA A N6    1 
HETATM 1304 N  N1    . 1MA A 1 58 ? 3.006   -47.840 -21.356 1.00 24.15  ? 58  1MA A N1    1 
HETATM 1305 C  CM1   . 1MA A 1 58 ? 1.623   -48.050 -21.839 1.00 37.27  ? 58  1MA A CM1   1 
HETATM 1306 C  C2    . 1MA A 1 58 ? 3.382   -46.665 -20.900 1.00 18.62  ? 58  1MA A C2    1 
HETATM 1307 N  N3    . 1MA A 1 58 ? 4.570   -46.280 -20.458 1.00 13.16  ? 58  1MA A N3    1 
HETATM 1308 C  C4    . 1MA A 1 58 ? 5.456   -47.287 -20.523 1.00 6.44   ? 58  1MA A C4    1 
ATOM   1309 P  P     . G   A 1 59 ? 9.522   -42.724 -17.221 1.00 16.46  ? 59  G   A P     1 
ATOM   1310 O  OP1   . G   A 1 59 ? 9.774   -41.601 -18.148 1.00 11.64  ? 59  G   A OP1   1 
ATOM   1311 O  OP2   . G   A 1 59 ? 10.660  -43.501 -16.674 1.00 3.09   ? 59  G   A OP2   1 
ATOM   1312 O  "O5'" . G   A 1 59 ? 8.577   -42.199 -16.048 1.00 3.09   ? 59  G   A "O5'" 1 
ATOM   1313 C  "C5'" . G   A 1 59 ? 8.511   -42.898 -14.804 1.00 9.34   ? 59  G   A "C5'" 1 
ATOM   1314 C  "C4'" . G   A 1 59 ? 7.158   -42.719 -14.154 1.00 8.88   ? 59  G   A "C4'" 1 
ATOM   1315 O  "O4'" . G   A 1 59 ? 6.802   -41.329 -14.312 1.00 9.65   ? 59  G   A "O4'" 1 
ATOM   1316 C  "C3'" . G   A 1 59 ? 6.019   -43.488 -14.800 1.00 8.46   ? 59  G   A "C3'" 1 
ATOM   1317 O  "O3'" . G   A 1 59 ? 5.854   -44.798 -14.246 1.00 3.09   ? 59  G   A "O3'" 1 
ATOM   1318 C  "C2'" . G   A 1 59 ? 4.807   -42.610 -14.530 1.00 6.69   ? 59  G   A "C2'" 1 
ATOM   1319 O  "O2'" . G   A 1 59 ? 4.167   -42.862 -13.318 1.00 18.85  ? 59  G   A "O2'" 1 
ATOM   1320 C  "C1'" . G   A 1 59 ? 5.411   -41.215 -14.512 1.00 18.14  ? 59  G   A "C1'" 1 
ATOM   1321 N  N9    . G   A 1 59 ? 5.160   -40.517 -15.763 1.00 19.79  ? 59  G   A N9    1 
ATOM   1322 C  C8    . G   A 1 59 ? 6.075   -40.041 -16.667 1.00 19.87  ? 59  G   A C8    1 
ATOM   1323 N  N7    . G   A 1 59 ? 5.520   -39.430 -17.678 1.00 26.86  ? 59  G   A N7    1 
ATOM   1324 C  C5    . G   A 1 59 ? 4.159   -39.520 -17.424 1.00 15.90  ? 59  G   A C5    1 
ATOM   1325 C  C6    . G   A 1 59 ? 3.050   -39.037 -18.160 1.00 18.02  ? 59  G   A C6    1 
ATOM   1326 O  O6    . G   A 1 59 ? 3.038   -38.403 -19.221 1.00 31.70  ? 59  G   A O6    1 
ATOM   1327 N  N1    . G   A 1 59 ? 1.857   -39.354 -17.539 1.00 12.45  ? 59  G   A N1    1 
ATOM   1328 C  C2    . G   A 1 59 ? 1.735   -40.036 -16.369 1.00 9.60   ? 59  G   A C2    1 
ATOM   1329 N  N2    . G   A 1 59 ? 0.482   -40.231 -15.947 1.00 48.73  ? 59  G   A N2    1 
ATOM   1330 N  N3    . G   A 1 59 ? 2.753   -40.489 -15.667 1.00 3.09   ? 59  G   A N3    1 
ATOM   1331 C  C4    . G   A 1 59 ? 3.926   -40.196 -16.250 1.00 9.09   ? 59  G   A C4    1 
ATOM   1332 P  P     . U   A 1 60 ? 5.350   -46.003 -15.190 1.00 10.20  ? 60  U   A P     1 
ATOM   1333 O  OP1   . U   A 1 60 ? 5.119   -47.243 -14.424 1.00 4.68   ? 60  U   A OP1   1 
ATOM   1334 O  OP2   . U   A 1 60 ? 6.224   -46.038 -16.369 1.00 27.50  ? 60  U   A OP2   1 
ATOM   1335 O  "O5'" . U   A 1 60 ? 3.957   -45.479 -15.705 1.00 3.09   ? 60  U   A "O5'" 1 
ATOM   1336 C  "C5'" . U   A 1 60 ? 3.134   -44.792 -14.818 1.00 9.68   ? 60  U   A "C5'" 1 
ATOM   1337 C  "C4'" . U   A 1 60 ? 1.810   -44.541 -15.434 1.00 21.16  ? 60  U   A "C4'" 1 
ATOM   1338 O  "O4'" . U   A 1 60 ? 1.893   -43.426 -16.351 1.00 31.95  ? 60  U   A "O4'" 1 
ATOM   1339 C  "C3'" . U   A 1 60 ? 1.423   -45.707 -16.273 1.00 3.09   ? 60  U   A "C3'" 1 
ATOM   1340 O  "O3'" . U   A 1 60 ? 0.762   -46.787 -15.694 1.00 12.63  ? 60  U   A "O3'" 1 
ATOM   1341 C  "C2'" . U   A 1 60 ? 1.728   -45.377 -17.719 1.00 3.31   ? 60  U   A "C2'" 1 
ATOM   1342 O  "O2'" . U   A 1 60 ? 0.667   -45.762 -18.553 1.00 19.74  ? 60  U   A "O2'" 1 
ATOM   1343 C  "C1'" . U   A 1 60 ? 1.760   -43.855 -17.682 1.00 3.09   ? 60  U   A "C1'" 1 
ATOM   1344 N  N1    . U   A 1 60 ? 2.816   -43.206 -18.451 1.00 3.09   ? 60  U   A N1    1 
ATOM   1345 C  C2    . U   A 1 60 ? 2.452   -42.147 -19.234 1.00 3.09   ? 60  U   A C2    1 
ATOM   1346 O  O2    . U   A 1 60 ? 1.327   -41.707 -19.248 1.00 23.49  ? 60  U   A O2    1 
ATOM   1347 N  N3    . U   A 1 60 ? 3.455   -41.605 -19.987 1.00 3.09   ? 60  U   A N3    1 
ATOM   1348 C  C4    . U   A 1 60 ? 4.771   -42.002 -20.004 1.00 12.78  ? 60  U   A C4    1 
ATOM   1349 O  O4    . U   A 1 60 ? 5.553   -41.488 -20.796 1.00 24.64  ? 60  U   A O4    1 
ATOM   1350 C  C5    . U   A 1 60 ? 5.073   -43.084 -19.123 1.00 42.21  ? 60  U   A C5    1 
ATOM   1351 C  C6    . U   A 1 60 ? 4.099   -43.638 -18.397 1.00 21.15  ? 60  U   A C6    1 
ATOM   1352 P  P     . C   A 1 61 ? -0.781  -47.000 -15.955 1.00 21.18  ? 61  C   A P     1 
ATOM   1353 O  OP1   . C   A 1 61 ? -1.184  -46.079 -17.027 1.00 18.12  ? 61  C   A OP1   1 
ATOM   1354 O  OP2   . C   A 1 61 ? -1.454  -46.952 -14.631 1.00 13.30  ? 61  C   A OP2   1 
ATOM   1355 O  "O5'" . C   A 1 61 ? -0.818  -48.480 -16.510 1.00 3.86   ? 61  C   A "O5'" 1 
ATOM   1356 C  "C5'" . C   A 1 61 ? -1.706  -48.844 -17.530 1.00 7.59   ? 61  C   A "C5'" 1 
ATOM   1357 C  "C4'" . C   A 1 61 ? -1.140  -50.014 -18.272 1.00 3.16   ? 61  C   A "C4'" 1 
ATOM   1358 O  "O4'" . C   A 1 61 ? 0.002   -49.553 -19.021 1.00 4.54   ? 61  C   A "O4'" 1 
ATOM   1359 C  "C3'" . C   A 1 61 ? -0.553  -51.091 -17.392 1.00 3.09   ? 61  C   A "C3'" 1 
ATOM   1360 O  "O3'" . C   A 1 61 ? -1.548  -52.000 -16.964 1.00 3.09   ? 61  C   A "O3'" 1 
ATOM   1361 C  "C2'" . C   A 1 61 ? 0.392   -51.785 -18.346 1.00 3.09   ? 61  C   A "C2'" 1 
ATOM   1362 O  "O2'" . C   A 1 61 ? -0.365  -52.658 -19.138 1.00 7.24   ? 61  C   A "O2'" 1 
ATOM   1363 C  "C1'" . C   A 1 61 ? 0.925   -50.606 -19.167 1.00 4.25   ? 61  C   A "C1'" 1 
ATOM   1364 N  N1    . C   A 1 61 ? 2.221   -50.105 -18.720 1.00 3.09   ? 61  C   A N1    1 
ATOM   1365 C  C2    . C   A 1 61 ? 3.343   -50.850 -18.964 1.00 3.09   ? 61  C   A C2    1 
ATOM   1366 O  O2    . C   A 1 61 ? 3.220   -51.904 -19.567 1.00 19.99  ? 61  C   A O2    1 
ATOM   1367 N  N3    . C   A 1 61 ? 4.537   -50.411 -18.537 1.00 3.09   ? 61  C   A N3    1 
ATOM   1368 C  C4    . C   A 1 61 ? 4.621   -49.256 -17.882 1.00 14.21  ? 61  C   A C4    1 
ATOM   1369 N  N4    . C   A 1 61 ? 5.812   -48.858 -17.454 1.00 43.50  ? 61  C   A N4    1 
ATOM   1370 C  C5    . C   A 1 61 ? 3.483   -48.457 -17.630 1.00 32.34  ? 61  C   A C5    1 
ATOM   1371 C  C6    . C   A 1 61 ? 2.310   -48.916 -18.064 1.00 17.56  ? 61  C   A C6    1 
ATOM   1372 P  P     . C   A 1 62 ? -1.462  -52.617 -15.486 1.00 20.55  ? 62  C   A P     1 
ATOM   1373 O  OP1   . C   A 1 62 ? -2.834  -53.026 -15.134 1.00 13.99  ? 62  C   A OP1   1 
ATOM   1374 O  OP2   . C   A 1 62 ? -0.742  -51.657 -14.623 1.00 14.28  ? 62  C   A OP2   1 
ATOM   1375 O  "O5'" . C   A 1 62 ? -0.549  -53.904 -15.664 1.00 6.55   ? 62  C   A "O5'" 1 
ATOM   1376 C  "C5'" . C   A 1 62 ? -0.881  -54.883 -16.639 1.00 4.27   ? 62  C   A "C5'" 1 
ATOM   1377 C  "C4'" . C   A 1 62 ? 0.094   -56.013 -16.574 1.00 3.09   ? 62  C   A "C4'" 1 
ATOM   1378 O  "O4'" . C   A 1 62 ? 1.312   -55.659 -17.268 1.00 3.67   ? 62  C   A "O4'" 1 
ATOM   1379 C  "C3'" . C   A 1 62 ? 0.514   -56.325 -15.157 1.00 9.05   ? 62  C   A "C3'" 1 
ATOM   1380 O  "O3'" . C   A 1 62 ? -0.391  -57.255 -14.583 1.00 13.58  ? 62  C   A "O3'" 1 
ATOM   1381 C  "C2'" . C   A 1 62 ? 1.884   -56.943 -15.358 1.00 8.27   ? 62  C   A "C2'" 1 
ATOM   1382 O  "O2'" . C   A 1 62 ? 1.738   -58.294 -15.700 1.00 21.99  ? 62  C   A "O2'" 1 
ATOM   1383 C  "C1'" . C   A 1 62 ? 2.428   -56.132 -16.539 1.00 9.32   ? 62  C   A "C1'" 1 
ATOM   1384 N  N1    . C   A 1 62 ? 3.208   -54.960 -16.115 1.00 19.37  ? 62  C   A N1    1 
ATOM   1385 C  C2    . C   A 1 62 ? 4.599   -55.072 -15.958 1.00 22.91  ? 62  C   A C2    1 
ATOM   1386 O  O2    . C   A 1 62 ? 5.142   -56.151 -16.197 1.00 12.40  ? 62  C   A O2    1 
ATOM   1387 N  N3    . C   A 1 62 ? 5.309   -53.992 -15.549 1.00 11.64  ? 62  C   A N3    1 
ATOM   1388 C  C4    . C   A 1 62 ? 4.684   -52.839 -15.304 1.00 14.60  ? 62  C   A C4    1 
ATOM   1389 N  N4    . C   A 1 62 ? 5.414   -51.805 -14.895 1.00 20.42  ? 62  C   A N4    1 
ATOM   1390 C  C5    . C   A 1 62 ? 3.275   -52.696 -15.463 1.00 34.83  ? 62  C   A C5    1 
ATOM   1391 C  C6    . C   A 1 62 ? 2.582   -53.771 -15.865 1.00 24.13  ? 62  C   A C6    1 
ATOM   1392 P  P     . C   A 1 63 ? -0.644  -57.243 -12.998 1.00 25.55  ? 63  C   A P     1 
ATOM   1393 O  OP1   . C   A 1 63 ? -1.832  -58.075 -12.749 1.00 19.96  ? 63  C   A OP1   1 
ATOM   1394 O  OP2   . C   A 1 63 ? -0.642  -55.830 -12.561 1.00 32.76  ? 63  C   A OP2   1 
ATOM   1395 O  "O5'" . C   A 1 63 ? 0.632   -57.990 -12.413 1.00 13.10  ? 63  C   A "O5'" 1 
ATOM   1396 C  "C5'" . C   A 1 63 ? 0.941   -59.295 -12.876 1.00 32.56  ? 63  C   A "C5'" 1 
ATOM   1397 C  "C4'" . C   A 1 63 ? 2.357   -59.669 -12.535 1.00 36.79  ? 63  C   A "C4'" 1 
ATOM   1398 O  "O4'" . C   A 1 63 ? 3.284   -58.859 -13.294 1.00 37.44  ? 63  C   A "O4'" 1 
ATOM   1399 C  "C3'" . C   A 1 63 ? 2.798   -59.436 -11.105 1.00 36.24  ? 63  C   A "C3'" 1 
ATOM   1400 O  "O3'" . C   A 1 63 ? 2.334   -60.463 -10.250 1.00 37.91  ? 63  C   A "O3'" 1 
ATOM   1401 C  "C2'" . C   A 1 63 ? 4.306   -59.482 -11.254 1.00 33.77  ? 63  C   A "C2'" 1 
ATOM   1402 O  "O2'" . C   A 1 63 ? 4.744   -60.802 -11.466 1.00 27.40  ? 63  C   A "O2'" 1 
ATOM   1403 C  "C1'" . C   A 1 63 ? 4.492   -58.716 -12.563 1.00 38.77  ? 63  C   A "C1'" 1 
ATOM   1404 N  N1    . C   A 1 63 ? 4.755   -57.282 -12.383 1.00 43.67  ? 63  C   A N1    1 
ATOM   1405 C  C2    . C   A 1 63 ? 6.051   -56.861 -12.099 1.00 43.47  ? 63  C   A C2    1 
ATOM   1406 O  O2    . C   A 1 63 ? 6.935   -57.709 -11.939 1.00 51.92  ? 63  C   A O2    1 
ATOM   1407 N  N3    . C   A 1 63 ? 6.307   -55.545 -12.002 1.00 37.28  ? 63  C   A N3    1 
ATOM   1408 C  C4    . C   A 1 63 ? 5.326   -54.665 -12.155 1.00 33.36  ? 63  C   A C4    1 
ATOM   1409 N  N4    . C   A 1 63 ? 5.631   -53.377 -12.073 1.00 40.36  ? 63  C   A N4    1 
ATOM   1410 C  C5    . C   A 1 63 ? 3.990   -55.065 -12.405 1.00 42.36  ? 63  C   A C5    1 
ATOM   1411 C  C6    . C   A 1 63 ? 3.750   -56.371 -12.512 1.00 42.44  ? 63  C   A C6    1 
ATOM   1412 P  P     . U   A 1 64 ? 1.919   -60.097 -8.750  1.00 43.59  ? 64  U   A P     1 
ATOM   1413 O  OP1   . U   A 1 64 ? 1.324   -61.316 -8.161  1.00 39.74  ? 64  U   A OP1   1 
ATOM   1414 O  OP2   . U   A 1 64 ? 1.120   -58.845 -8.789  1.00 48.92  ? 64  U   A OP2   1 
ATOM   1415 O  "O5'" . U   A 1 64 ? 3.322   -59.789 -8.061  1.00 31.22  ? 64  U   A "O5'" 1 
ATOM   1416 C  "C5'" . U   A 1 64 ? 4.252   -60.844 -7.844  1.00 39.82  ? 64  U   A "C5'" 1 
ATOM   1417 C  "C4'" . U   A 1 64 ? 5.468   -60.349 -7.102  1.00 30.02  ? 64  U   A "C4'" 1 
ATOM   1418 O  "O4'" . U   A 1 64 ? 6.320   -59.603 -8.002  1.00 37.52  ? 64  U   A "O4'" 1 
ATOM   1419 C  "C3'" . U   A 1 64 ? 5.229   -59.410 -5.935  1.00 30.69  ? 64  U   A "C3'" 1 
ATOM   1420 O  "O3'" . U   A 1 64 ? 4.950   -60.132 -4.747  1.00 31.51  ? 64  U   A "O3'" 1 
ATOM   1421 C  "C2'" . U   A 1 64 ? 6.581   -58.736 -5.828  1.00 37.34  ? 64  U   A "C2'" 1 
ATOM   1422 O  "O2'" . U   A 1 64 ? 7.504   -59.621 -5.236  1.00 20.09  ? 64  U   A "O2'" 1 
ATOM   1423 C  "C1'" . U   A 1 64 ? 6.923   -58.529 -7.307  1.00 47.25  ? 64  U   A "C1'" 1 
ATOM   1424 N  N1    . U   A 1 64 ? 6.386   -57.273 -7.862  1.00 59.73  ? 64  U   A N1    1 
ATOM   1425 C  C2    . U   A 1 64 ? 7.122   -56.107 -7.696  1.00 60.79  ? 64  U   A C2    1 
ATOM   1426 O  O2    . U   A 1 64 ? 8.218   -56.077 -7.163  1.00 70.93  ? 64  U   A O2    1 
ATOM   1427 N  N3    . U   A 1 64 ? 6.529   -54.973 -8.187  1.00 54.81  ? 64  U   A N3    1 
ATOM   1428 C  C4    . U   A 1 64 ? 5.311   -54.881 -8.819  1.00 56.59  ? 64  U   A C4    1 
ATOM   1429 O  O4    . U   A 1 64 ? 4.869   -53.772 -9.115  1.00 63.92  ? 64  U   A O4    1 
ATOM   1430 C  C5    . U   A 1 64 ? 4.631   -56.126 -8.985  1.00 63.54  ? 64  U   A C5    1 
ATOM   1431 C  C6    . U   A 1 64 ? 5.175   -57.251 -8.513  1.00 59.94  ? 64  U   A C6    1 
ATOM   1432 P  P     . G   A 1 65 ? 4.399   -59.356 -3.449  1.00 40.24  ? 65  G   A P     1 
ATOM   1433 O  OP1   . G   A 1 65 ? 4.286   -60.376 -2.383  1.00 50.43  ? 65  G   A OP1   1 
ATOM   1434 O  OP2   . G   A 1 65 ? 3.205   -58.566 -3.812  1.00 49.66  ? 65  G   A OP2   1 
ATOM   1435 O  "O5'" . G   A 1 65 ? 5.579   -58.357 -3.060  1.00 20.31  ? 65  G   A "O5'" 1 
ATOM   1436 C  "C5'" . G   A 1 65 ? 6.767   -58.870 -2.486  1.00 32.37  ? 65  G   A "C5'" 1 
ATOM   1437 C  "C4'" . G   A 1 65 ? 7.691   -57.755 -2.092  1.00 38.18  ? 65  G   A "C4'" 1 
ATOM   1438 O  "O4'" . G   A 1 65 ? 8.062   -57.020 -3.284  1.00 48.97  ? 65  G   A "O4'" 1 
ATOM   1439 C  "C3'" . G   A 1 65 ? 7.130   -56.698 -1.156  1.00 39.11  ? 65  G   A "C3'" 1 
ATOM   1440 O  "O3'" . G   A 1 65 ? 7.242   -57.103 0.204   1.00 35.91  ? 65  G   A "O3'" 1 
ATOM   1441 C  "C2'" . G   A 1 65 ? 8.054   -55.524 -1.444  1.00 44.86  ? 65  G   A "C2'" 1 
ATOM   1442 O  "O2'" . G   A 1 65 ? 9.299   -55.682 -0.806  1.00 47.55  ? 65  G   A "O2'" 1 
ATOM   1443 C  "C1'" . G   A 1 65 ? 8.254   -55.654 -2.956  1.00 48.46  ? 65  G   A "C1'" 1 
ATOM   1444 N  N9    . G   A 1 65 ? 7.286   -54.861 -3.705  1.00 37.08  ? 65  G   A N9    1 
ATOM   1445 C  C8    . G   A 1 65 ? 6.179   -55.319 -4.372  1.00 32.58  ? 65  G   A C8    1 
ATOM   1446 N  N7    . G   A 1 65 ? 5.480   -54.361 -4.910  1.00 41.69  ? 65  G   A N7    1 
ATOM   1447 C  C5    . G   A 1 65 ? 6.175   -53.206 -4.584  1.00 26.00  ? 65  G   A C5    1 
ATOM   1448 C  C6    . G   A 1 65 ? 5.893   -51.856 -4.880  1.00 25.83  ? 65  G   A C6    1 
ATOM   1449 O  O6    . G   A 1 65 ? 4.939   -51.395 -5.494  1.00 53.96  ? 65  G   A O6    1 
ATOM   1450 N  N1    . G   A 1 65 ? 6.858   -51.005 -4.366  1.00 10.53  ? 65  G   A N1    1 
ATOM   1451 C  C2    . G   A 1 65 ? 7.941   -51.405 -3.645  1.00 12.45  ? 65  G   A C2    1 
ATOM   1452 N  N2    . G   A 1 65 ? 8.746   -50.445 -3.211  1.00 16.96  ? 65  G   A N2    1 
ATOM   1453 N  N3    . G   A 1 65 ? 8.215   -52.661 -3.358  1.00 20.90  ? 65  G   A N3    1 
ATOM   1454 C  C4    . G   A 1 65 ? 7.295   -53.501 -3.854  1.00 16.91  ? 65  G   A C4    1 
ATOM   1455 P  P     . U   A 1 66 ? 6.699   -56.137 1.377   1.00 44.62  ? 66  U   A P     1 
ATOM   1456 O  OP1   . U   A 1 66 ? 7.277   -56.627 2.646   1.00 61.05  ? 66  U   A OP1   1 
ATOM   1457 O  OP2   . U   A 1 66 ? 5.227   -55.970 1.277   1.00 43.15  ? 66  U   A OP2   1 
ATOM   1458 O  "O5'" . U   A 1 66 ? 7.375   -54.731 1.062   1.00 33.97  ? 66  U   A "O5'" 1 
ATOM   1459 C  "C5'" . U   A 1 66 ? 8.705   -54.447 1.486   1.00 35.08  ? 66  U   A "C5'" 1 
ATOM   1460 C  "C4'" . U   A 1 66 ? 8.920   -52.961 1.525   1.00 30.11  ? 66  U   A "C4'" 1 
ATOM   1461 O  "O4'" . U   A 1 66 ? 8.773   -52.428 0.186   1.00 39.71  ? 66  U   A "O4'" 1 
ATOM   1462 C  "C3'" . U   A 1 66 ? 7.843   -52.256 2.312   1.00 30.30  ? 66  U   A "C3'" 1 
ATOM   1463 O  "O3'" . U   A 1 66 ? 8.163   -52.232 3.677   1.00 27.47  ? 66  U   A "O3'" 1 
ATOM   1464 C  "C2'" . U   A 1 66 ? 7.830   -50.867 1.709   1.00 29.53  ? 66  U   A "C2'" 1 
ATOM   1465 O  "O2'" . U   A 1 66 ? 8.853   -50.061 2.236   1.00 20.91  ? 66  U   A "O2'" 1 
ATOM   1466 C  "C1'" . U   A 1 66 ? 8.091   -51.181 0.235   1.00 37.48  ? 66  U   A "C1'" 1 
ATOM   1467 N  N1    . U   A 1 66 ? 6.860   -51.282 -0.565  1.00 37.22  ? 66  U   A N1    1 
ATOM   1468 C  C2    . U   A 1 66 ? 6.281   -50.108 -0.996  1.00 29.94  ? 66  U   A C2    1 
ATOM   1469 O  O2    . U   A 1 66 ? 6.749   -49.021 -0.743  1.00 64.59  ? 66  U   A O2    1 
ATOM   1470 N  N3    . U   A 1 66 ? 5.133   -50.255 -1.732  1.00 20.66  ? 66  U   A N3    1 
ATOM   1471 C  C4    . U   A 1 66 ? 4.522   -51.438 -2.083  1.00 27.54  ? 66  U   A C4    1 
ATOM   1472 O  O4    . U   A 1 66 ? 3.487   -51.415 -2.756  1.00 17.64  ? 66  U   A O4    1 
ATOM   1473 C  C5    . U   A 1 66 ? 5.183   -52.610 -1.602  1.00 42.86  ? 66  U   A C5    1 
ATOM   1474 C  C6    . U   A 1 66 ? 6.302   -52.495 -0.875  1.00 44.75  ? 66  U   A C6    1 
ATOM   1475 P  P     . U   A 1 67 ? 6.979   -52.224 4.740   1.00 41.66  ? 67  U   A P     1 
ATOM   1476 O  OP1   . U   A 1 67 ? 7.585   -52.431 6.071   1.00 48.67  ? 67  U   A OP1   1 
ATOM   1477 O  OP2   . U   A 1 67 ? 5.957   -53.184 4.231   1.00 38.38  ? 67  U   A OP2   1 
ATOM   1478 O  "O5'" . U   A 1 67 ? 6.406   -50.738 4.650   1.00 29.16  ? 67  U   A "O5'" 1 
ATOM   1479 C  "C5'" . U   A 1 67 ? 7.293   -49.623 4.638   1.00 31.02  ? 67  U   A "C5'" 1 
ATOM   1480 C  "C4'" . U   A 1 67 ? 6.615   -48.403 4.053   1.00 37.47  ? 67  U   A "C4'" 1 
ATOM   1481 O  "O4'" . U   A 1 67 ? 6.473   -48.516 2.611   1.00 31.74  ? 67  U   A "O4'" 1 
ATOM   1482 C  "C3'" . U   A 1 67 ? 5.209   -48.140 4.555   1.00 39.18  ? 67  U   A "C3'" 1 
ATOM   1483 O  "O3'" . U   A 1 67 ? 5.236   -47.451 5.786   1.00 38.18  ? 67  U   A "O3'" 1 
ATOM   1484 C  "C2'" . U   A 1 67 ? 4.609   -47.274 3.457   1.00 40.96  ? 67  U   A "C2'" 1 
ATOM   1485 O  "O2'" . U   A 1 67 ? 4.854   -45.892 3.588   1.00 40.76  ? 67  U   A "O2'" 1 
ATOM   1486 C  "C1'" . U   A 1 67 ? 5.289   -47.838 2.206   1.00 41.98  ? 67  U   A "C1'" 1 
ATOM   1487 N  N1    . U   A 1 67 ? 4.402   -48.788 1.521   1.00 40.42  ? 67  U   A N1    1 
ATOM   1488 C  C2    . U   A 1 67 ? 3.229   -48.292 0.997   1.00 29.21  ? 67  U   A C2    1 
ATOM   1489 O  O2    . U   A 1 67 ? 2.924   -47.117 1.053   1.00 49.48  ? 67  U   A O2    1 
ATOM   1490 N  N3    . U   A 1 67 ? 2.428   -49.218 0.406   1.00 12.25  ? 67  U   A N3    1 
ATOM   1491 C  C4    . U   A 1 67 ? 2.676   -50.552 0.273   1.00 22.46  ? 67  U   A C4    1 
ATOM   1492 O  O4    . U   A 1 67 ? 1.856   -51.258 -0.310  1.00 53.06  ? 67  U   A O4    1 
ATOM   1493 C  C5    . U   A 1 67 ? 3.910   -50.987 0.826   1.00 23.77  ? 67  U   A C5    1 
ATOM   1494 C  C6    . U   A 1 67 ? 4.711   -50.111 1.416   1.00 28.78  ? 67  U   A C6    1 
ATOM   1495 P  P     . C   A 1 68 ? 4.117   -47.763 6.879   1.00 51.42  ? 68  C   A P     1 
ATOM   1496 O  OP1   . C   A 1 68 ? 4.707   -47.496 8.210   1.00 69.88  ? 68  C   A OP1   1 
ATOM   1497 O  OP2   . C   A 1 68 ? 3.569   -49.109 6.577   1.00 53.06  ? 68  C   A OP2   1 
ATOM   1498 O  "O5'" . C   A 1 68 ? 3.002   -46.665 6.599   1.00 42.59  ? 68  C   A "O5'" 1 
ATOM   1499 C  "C5'" . C   A 1 68 ? 3.247   -45.300 6.895   1.00 35.87  ? 68  C   A "C5'" 1 
ATOM   1500 C  "C4'" . C   A 1 68 ? 2.189   -44.440 6.264   1.00 40.50  ? 68  C   A "C4'" 1 
ATOM   1501 O  "O4'" . C   A 1 68 ? 2.225   -44.665 4.827   1.00 50.75  ? 68  C   A "O4'" 1 
ATOM   1502 C  "C3'" . C   A 1 68 ? 0.758   -44.799 6.618   1.00 43.60  ? 68  C   A "C3'" 1 
ATOM   1503 O  "O3'" . C   A 1 68 ? 0.327   -44.274 7.857   1.00 39.37  ? 68  C   A "O3'" 1 
ATOM   1504 C  "C2'" . C   A 1 68 ? -0.007  -44.189 5.459   1.00 45.56  ? 68  C   A "C2'" 1 
ATOM   1505 O  "O2'" . C   A 1 68 ? -0.116  -42.785 5.570   1.00 51.25  ? 68  C   A "O2'" 1 
ATOM   1506 C  "C1'" . C   A 1 68 ? 0.909   -44.565 4.297   1.00 46.46  ? 68  C   A "C1'" 1 
ATOM   1507 N  N1    . C   A 1 68 ? 0.533   -45.867 3.737   1.00 29.96  ? 68  C   A N1    1 
ATOM   1508 C  C2    . C   A 1 68 ? -0.688  -45.972 3.092   1.00 39.44  ? 68  C   A C2    1 
ATOM   1509 O  O2    . C   A 1 68 ? -1.386  -44.951 2.978   1.00 44.75  ? 68  C   A O2    1 
ATOM   1510 N  N3    . C   A 1 68 ? -1.082  -47.174 2.609   1.00 34.73  ? 68  C   A N3    1 
ATOM   1511 C  C4    . C   A 1 68 ? -0.292  -48.236 2.746   1.00 27.74  ? 68  C   A C4    1 
ATOM   1512 N  N4    . C   A 1 68 ? -0.727  -49.401 2.277   1.00 37.10  ? 68  C   A N4    1 
ATOM   1513 C  C5    . C   A 1 68 ? 0.976   -48.150 3.377   1.00 40.01  ? 68  C   A C5    1 
ATOM   1514 C  C6    . C   A 1 68 ? 1.347   -46.956 3.854   1.00 32.67  ? 68  C   A C6    1 
ATOM   1515 P  P     . G   A 1 69 ? -0.505  -45.221 8.846   1.00 42.56  ? 69  G   A P     1 
ATOM   1516 O  OP1   . G   A 1 69 ? -0.530  -44.588 10.187  1.00 43.49  ? 69  G   A OP1   1 
ATOM   1517 O  OP2   . G   A 1 69 ? 0.058   -46.595 8.672   1.00 29.41  ? 69  G   A OP2   1 
ATOM   1518 O  "O5'" . G   A 1 69 ? -1.985  -45.188 8.271   1.00 25.84  ? 69  G   A "O5'" 1 
ATOM   1519 C  "C5'" . G   A 1 69 ? -2.693  -43.967 8.239   1.00 27.75  ? 69  G   A "C5'" 1 
ATOM   1520 C  "C4'" . G   A 1 69 ? -3.855  -44.063 7.292   1.00 34.37  ? 69  G   A "C4'" 1 
ATOM   1521 O  "O4'" . G   A 1 69 ? -3.380  -44.419 5.969   1.00 31.94  ? 69  G   A "O4'" 1 
ATOM   1522 C  "C3'" . G   A 1 69 ? -4.884  -45.144 7.564   1.00 33.84  ? 69  G   A "C3'" 1 
ATOM   1523 O  "O3'" . G   A 1 69 ? -5.788  -44.737 8.581   1.00 34.44  ? 69  G   A "O3'" 1 
ATOM   1524 C  "C2'" . G   A 1 69 ? -5.595  -45.213 6.219   1.00 30.53  ? 69  G   A "C2'" 1 
ATOM   1525 O  "O2'" . G   A 1 69 ? -6.481  -44.132 6.025   1.00 39.71  ? 69  G   A "O2'" 1 
ATOM   1526 C  "C1'" . G   A 1 69 ? -4.427  -45.043 5.254   1.00 21.13  ? 69  G   A "C1'" 1 
ATOM   1527 N  N9    . G   A 1 69 ? -3.969  -46.337 4.798   1.00 8.35   ? 69  G   A N9    1 
ATOM   1528 C  C8    . G   A 1 69 ? -2.790  -46.971 5.099   1.00 39.16  ? 69  G   A C8    1 
ATOM   1529 N  N7    . G   A 1 69 ? -2.689  -48.150 4.543   1.00 38.39  ? 69  G   A N7    1 
ATOM   1530 C  C5    . G   A 1 69 ? -3.879  -48.295 3.844   1.00 35.28  ? 69  G   A C5    1 
ATOM   1531 C  C6    . G   A 1 69 ? -4.362  -49.371 3.083   1.00 23.98  ? 69  G   A C6    1 
ATOM   1532 O  O6    . G   A 1 69 ? -3.838  -50.463 2.904   1.00 39.29  ? 69  G   A O6    1 
ATOM   1533 N  N1    . G   A 1 69 ? -5.606  -49.088 2.524   1.00 20.69  ? 69  G   A N1    1 
ATOM   1534 C  C2    . G   A 1 69 ? -6.307  -47.919 2.711   1.00 31.71  ? 69  G   A C2    1 
ATOM   1535 N  N2    . G   A 1 69 ? -7.481  -47.810 2.086   1.00 35.07  ? 69  G   A N2    1 
ATOM   1536 N  N3    . G   A 1 69 ? -5.882  -46.923 3.457   1.00 25.29  ? 69  G   A N3    1 
ATOM   1537 C  C4    . G   A 1 69 ? -4.668  -47.174 3.982   1.00 28.26  ? 69  G   A C4    1 
ATOM   1538 P  P     . G   A 1 70 ? -6.449  -45.842 9.531   1.00 31.67  ? 70  G   A P     1 
ATOM   1539 O  OP1   . G   A 1 70 ? -7.128  -45.120 10.640  1.00 18.96  ? 70  G   A OP1   1 
ATOM   1540 O  OP2   . G   A 1 70 ? -5.381  -46.841 9.816   1.00 15.33  ? 70  G   A OP2   1 
ATOM   1541 O  "O5'" . G   A 1 70 ? -7.579  -46.512 8.635   1.00 26.08  ? 70  G   A "O5'" 1 
ATOM   1542 C  "C5'" . G   A 1 70 ? -8.771  -45.792 8.358   1.00 35.99  ? 70  G   A "C5'" 1 
ATOM   1543 C  "C4'" . G   A 1 70 ? -9.626  -46.527 7.358   1.00 27.30  ? 70  G   A "C4'" 1 
ATOM   1544 O  "O4'" . G   A 1 70 ? -8.879  -46.713 6.137   1.00 26.41  ? 70  G   A "O4'" 1 
ATOM   1545 C  "C3'" . G   A 1 70 ? -10.057 -47.939 7.697   1.00 35.86  ? 70  G   A "C3'" 1 
ATOM   1546 O  "O3'" . G   A 1 70 ? -11.143 -47.956 8.612   1.00 45.15  ? 70  G   A "O3'" 1 
ATOM   1547 C  "C2'" . G   A 1 70 ? -10.465 -48.435 6.321   1.00 30.31  ? 70  G   A "C2'" 1 
ATOM   1548 O  "O2'" . G   A 1 70 ? -11.645 -47.816 5.857   1.00 45.02  ? 70  G   A "O2'" 1 
ATOM   1549 C  "C1'" . G   A 1 70 ? -9.314  -47.892 5.494   1.00 21.11  ? 70  G   A "C1'" 1 
ATOM   1550 N  N9    . G   A 1 70 ? -8.209  -48.825 5.510   1.00 9.00   ? 70  G   A N9    1 
ATOM   1551 C  C8    . G   A 1 70 ? -7.039  -48.715 6.207   1.00 8.81   ? 70  G   A C8    1 
ATOM   1552 N  N7    . G   A 1 70 ? -6.224  -49.705 5.986   1.00 14.71  ? 70  G   A N7    1 
ATOM   1553 C  C5    . G   A 1 70 ? -6.910  -50.510 5.095   1.00 10.56  ? 70  G   A C5    1 
ATOM   1554 C  C6    . G   A 1 70 ? -6.525  -51.709 4.480   1.00 12.33  ? 70  G   A C6    1 
ATOM   1555 O  O6    . G   A 1 70 ? -5.455  -52.312 4.588   1.00 32.71  ? 70  G   A O6    1 
ATOM   1556 N  N1    . G   A 1 70 ? -7.527  -52.201 3.648   1.00 15.16  ? 70  G   A N1    1 
ATOM   1557 C  C2    . G   A 1 70 ? -8.738  -51.591 3.433   1.00 35.41  ? 70  G   A C2    1 
ATOM   1558 N  N2    . G   A 1 70 ? -9.574  -52.188 2.583   1.00 28.32  ? 70  G   A N2    1 
ATOM   1559 N  N3    . G   A 1 70 ? -9.102  -50.463 4.007   1.00 24.06  ? 70  G   A N3    1 
ATOM   1560 C  C4    . G   A 1 70 ? -8.143  -49.983 4.813   1.00 15.02  ? 70  G   A C4    1 
ATOM   1561 P  P     . G   A 1 71 ? -11.363 -49.236 9.564   1.00 47.71  ? 71  G   A P     1 
ATOM   1562 O  OP1   . G   A 1 71 ? -12.495 -48.850 10.450  1.00 37.98  ? 71  G   A OP1   1 
ATOM   1563 O  OP2   . G   A 1 71 ? -10.062 -49.682 10.157  1.00 34.90  ? 71  G   A OP2   1 
ATOM   1564 O  "O5'" . G   A 1 71 ? -11.835 -50.380 8.563   1.00 35.52  ? 71  G   A "O5'" 1 
ATOM   1565 C  "C5'" . G   A 1 71 ? -13.036 -50.238 7.816   1.00 34.07  ? 71  G   A "C5'" 1 
ATOM   1566 C  "C4'" . G   A 1 71 ? -13.301 -51.488 7.029   1.00 29.78  ? 71  G   A "C4'" 1 
ATOM   1567 O  "O4'" . G   A 1 71 ? -12.319 -51.627 5.977   1.00 33.58  ? 71  G   A "O4'" 1 
ATOM   1568 C  "C3'" . G   A 1 71 ? -13.141 -52.767 7.823   1.00 33.92  ? 71  G   A "C3'" 1 
ATOM   1569 O  "O3'" . G   A 1 71 ? -14.304 -53.019 8.582   1.00 34.62  ? 71  G   A "O3'" 1 
ATOM   1570 C  "C2'" . G   A 1 71 ? -12.938 -53.791 6.719   1.00 31.20  ? 71  G   A "C2'" 1 
ATOM   1571 O  "O2'" . G   A 1 71 ? -14.138 -54.099 6.044   1.00 39.05  ? 71  G   A "O2'" 1 
ATOM   1572 C  "C1'" . G   A 1 71 ? -12.040 -53.005 5.769   1.00 33.21  ? 71  G   A "C1'" 1 
ATOM   1573 N  N9    . G   A 1 71 ? -10.629 -53.219 6.047   1.00 31.71  ? 71  G   A N9    1 
ATOM   1574 C  C8    . G   A 1 71 ? -9.819  -52.412 6.803   1.00 41.06  ? 71  G   A C8    1 
ATOM   1575 N  N7    . G   A 1 71 ? -8.588  -52.837 6.866   1.00 44.72  ? 71  G   A N7    1 
ATOM   1576 C  C5    . G   A 1 71 ? -8.588  -54.001 6.111   1.00 27.74  ? 71  G   A C5    1 
ATOM   1577 C  C6    . G   A 1 71 ? -7.534  -54.903 5.823   1.00 28.87  ? 71  G   A C6    1 
ATOM   1578 O  O6    . G   A 1 71 ? -6.350  -54.855 6.197   1.00 24.56  ? 71  G   A O6    1 
ATOM   1579 N  N1    . G   A 1 71 ? -7.967  -55.948 5.018   1.00 27.06  ? 71  G   A N1    1 
ATOM   1580 C  C2    . G   A 1 71 ? -9.249  -56.102 4.556   1.00 29.53  ? 71  G   A C2    1 
ATOM   1581 N  N2    . G   A 1 71 ? -9.459  -57.162 3.778   1.00 31.15  ? 71  G   A N2    1 
ATOM   1582 N  N3    . G   A 1 71 ? -10.247 -55.274 4.829   1.00 8.69   ? 71  G   A N3    1 
ATOM   1583 C  C4    . G   A 1 71 ? -9.845  -54.252 5.602   1.00 24.10  ? 71  G   A C4    1 
ATOM   1584 P  P     . C   A 1 72 ? -14.185 -53.850 9.940   1.00 34.59  ? 72  C   A P     1 
ATOM   1585 O  OP1   . C   A 1 72 ? -15.581 -54.006 10.418  1.00 29.11  ? 72  C   A OP1   1 
ATOM   1586 O  OP2   . C   A 1 72 ? -13.185 -53.178 10.802  1.00 39.85  ? 72  C   A OP2   1 
ATOM   1587 O  "O5'" . C   A 1 72 ? -13.595 -55.253 9.463   1.00 5.56   ? 72  C   A "O5'" 1 
ATOM   1588 C  "C5'" . C   A 1 72 ? -14.439 -56.156 8.777   1.00 17.11  ? 72  C   A "C5'" 1 
ATOM   1589 C  "C4'" . C   A 1 72 ? -13.656 -57.295 8.186   1.00 20.89  ? 72  C   A "C4'" 1 
ATOM   1590 O  "O4'" . C   A 1 72 ? -12.504 -56.770 7.499   1.00 24.84  ? 72  C   A "O4'" 1 
ATOM   1591 C  "C3'" . C   A 1 72 ? -13.002 -58.277 9.132   1.00 25.47  ? 72  C   A "C3'" 1 
ATOM   1592 O  "O3'" . C   A 1 72 ? -13.921 -59.203 9.660   1.00 37.78  ? 72  C   A "O3'" 1 
ATOM   1593 C  "C2'" . C   A 1 72 ? -12.007 -58.975 8.223   1.00 16.48  ? 72  C   A "C2'" 1 
ATOM   1594 O  "O2'" . C   A 1 72 ? -12.546 -60.028 7.457   1.00 5.18   ? 72  C   A "O2'" 1 
ATOM   1595 C  "C1'" . C   A 1 72 ? -11.561 -57.813 7.341   1.00 16.23  ? 72  C   A "C1'" 1 
ATOM   1596 N  N1    . C   A 1 72 ? -10.271 -57.340 7.799   1.00 20.98  ? 72  C   A N1    1 
ATOM   1597 C  C2    . C   A 1 72 ? -9.197  -58.176 7.626   1.00 20.10  ? 72  C   A C2    1 
ATOM   1598 O  O2    . C   A 1 72 ? -9.399  -59.253 7.070   1.00 14.57  ? 72  C   A O2    1 
ATOM   1599 N  N3    . C   A 1 72 ? -7.979  -57.800 8.059   1.00 15.39  ? 72  C   A N3    1 
ATOM   1600 C  C4    . C   A 1 72 ? -7.827  -56.610 8.637   1.00 39.10  ? 72  C   A C4    1 
ATOM   1601 N  N4    . C   A 1 72 ? -6.604  -56.259 9.031   1.00 58.54  ? 72  C   A N4    1 
ATOM   1602 C  C5    . C   A 1 72 ? -8.924  -55.719 8.827   1.00 42.22  ? 72  C   A C5    1 
ATOM   1603 C  C6    . C   A 1 72 ? -10.121 -56.121 8.394   1.00 30.01  ? 72  C   A C6    1 
ATOM   1604 P  P     . G   A 1 73 ? -13.767 -59.657 11.185  1.00 42.59  ? 73  G   A P     1 
ATOM   1605 O  OP1   . G   A 1 73 ? -15.074 -60.237 11.601  1.00 55.63  ? 73  G   A OP1   1 
ATOM   1606 O  OP2   . G   A 1 73 ? -13.208 -58.501 11.929  1.00 45.71  ? 73  G   A OP2   1 
ATOM   1607 O  "O5'" . G   A 1 73 ? -12.653 -60.784 11.116  1.00 9.51   ? 73  G   A "O5'" 1 
ATOM   1608 C  "C5'" . G   A 1 73 ? -12.794 -61.849 10.214  1.00 3.09   ? 73  G   A "C5'" 1 
ATOM   1609 C  "C4'" . G   A 1 73 ? -11.456 -62.399 9.881   1.00 6.50   ? 73  G   A "C4'" 1 
ATOM   1610 O  "O4'" . G   A 1 73 ? -10.611 -61.269 9.600   1.00 18.31  ? 73  G   A "O4'" 1 
ATOM   1611 C  "C3'" . G   A 1 73 ? -10.659 -63.062 10.993  1.00 26.71  ? 73  G   A "C3'" 1 
ATOM   1612 O  "O3'" . G   A 1 73 ? -11.098 -64.386 11.284  1.00 38.53  ? 73  G   A "O3'" 1 
ATOM   1613 C  "C2'" . G   A 1 73 ? -9.245  -63.028 10.414  1.00 25.09  ? 73  G   A "C2'" 1 
ATOM   1614 O  "O2'" . G   A 1 73 ? -8.946  -64.034 9.458   1.00 11.38  ? 73  G   A "O2'" 1 
ATOM   1615 C  "C1'" . G   A 1 73 ? -9.262  -61.679 9.709   1.00 22.84  ? 73  G   A "C1'" 1 
ATOM   1616 N  N9    . G   A 1 73 ? -8.486  -60.655 10.393  1.00 32.91  ? 73  G   A N9    1 
ATOM   1617 C  C8    . G   A 1 73 ? -8.901  -59.452 10.905  1.00 21.89  ? 73  G   A C8    1 
ATOM   1618 N  N7    . G   A 1 73 ? -7.915  -58.733 11.366  1.00 31.85  ? 73  G   A N7    1 
ATOM   1619 C  C5    . G   A 1 73 ? -6.792  -59.526 11.164  1.00 31.18  ? 73  G   A C5    1 
ATOM   1620 C  C6    . G   A 1 73 ? -5.421  -59.280 11.437  1.00 31.51  ? 73  G   A C6    1 
ATOM   1621 O  O6    . G   A 1 73 ? -4.900  -58.279 11.930  1.00 63.72  ? 73  G   A O6    1 
ATOM   1622 N  N1    . G   A 1 73 ? -4.625  -60.358 11.069  1.00 45.60  ? 73  G   A N1    1 
ATOM   1623 C  C2    . G   A 1 73 ? -5.084  -61.532 10.514  1.00 57.82  ? 73  G   A C2    1 
ATOM   1624 N  N2    . G   A 1 73 ? -4.157  -62.478 10.231  1.00 57.09  ? 73  G   A N2    1 
ATOM   1625 N  N3    . G   A 1 73 ? -6.355  -61.767 10.253  1.00 44.29  ? 73  G   A N3    1 
ATOM   1626 C  C4    . G   A 1 73 ? -7.142  -60.724 10.594  1.00 34.36  ? 73  G   A C4    1 
ATOM   1627 P  P     . C   A 1 74 ? -11.114 -64.901 12.813  1.00 36.78  ? 74  C   A P     1 
ATOM   1628 O  OP1   . C   A 1 74 ? -11.656 -66.281 12.746  1.00 29.69  ? 74  C   A OP1   1 
ATOM   1629 O  OP2   . C   A 1 74 ? -11.744 -63.889 13.727  1.00 16.31  ? 74  C   A OP2   1 
ATOM   1630 O  "O5'" . C   A 1 74 ? -9.574  -64.992 13.187  1.00 18.21  ? 74  C   A "O5'" 1 
ATOM   1631 C  "C5'" . C   A 1 74 ? -8.739  -65.946 12.550  1.00 28.12  ? 74  C   A "C5'" 1 
ATOM   1632 C  "C4'" . C   A 1 74 ? -7.297  -65.652 12.876  1.00 43.20  ? 74  C   A "C4'" 1 
ATOM   1633 O  "O4'" . C   A 1 74 ? -6.992  -64.297 12.456  1.00 43.30  ? 74  C   A "O4'" 1 
ATOM   1634 C  "C3'" . C   A 1 74 ? -6.941  -65.660 14.353  1.00 53.24  ? 74  C   A "C3'" 1 
ATOM   1635 O  "O3'" . C   A 1 74 ? -6.699  -67.011 14.752  1.00 67.68  ? 74  C   A "O3'" 1 
ATOM   1636 C  "C2'" . C   A 1 74 ? -5.688  -64.780 14.377  1.00 44.79  ? 74  C   A "C2'" 1 
ATOM   1637 O  "O2'" . C   A 1 74 ? -4.519  -65.410 13.901  1.00 53.24  ? 74  C   A "O2'" 1 
ATOM   1638 C  "C1'" . C   A 1 74 ? -6.041  -63.727 13.333  1.00 34.40  ? 74  C   A "C1'" 1 
ATOM   1639 N  N1    . C   A 1 74 ? -6.615  -62.502 13.883  1.00 31.26  ? 74  C   A N1    1 
ATOM   1640 C  C2    . C   A 1 74 ? -5.751  -61.476 14.265  1.00 23.82  ? 74  C   A C2    1 
ATOM   1641 O  O2    . C   A 1 74 ? -4.526  -61.677 14.219  1.00 34.47  ? 74  C   A O2    1 
ATOM   1642 N  N3    . C   A 1 74 ? -6.267  -60.304 14.692  1.00 21.79  ? 74  C   A N3    1 
ATOM   1643 C  C4    . C   A 1 74 ? -7.593  -60.154 14.786  1.00 42.87  ? 74  C   A C4    1 
ATOM   1644 N  N4    . C   A 1 74 ? -8.065  -58.968 15.196  1.00 55.22  ? 74  C   A N4    1 
ATOM   1645 C  C5    . C   A 1 74 ? -8.498  -61.211 14.456  1.00 42.93  ? 74  C   A C5    1 
ATOM   1646 C  C6    . C   A 1 74 ? -7.969  -62.354 14.006  1.00 35.29  ? 74  C   A C6    1 
ATOM   1647 P  P     . C   A 1 75 ? -7.032  -67.487 16.255  1.00 67.37  ? 75  C   A P     1 
ATOM   1648 O  OP1   . C   A 1 75 ? -6.396  -66.521 17.207  1.00 67.09  ? 75  C   A OP1   1 
ATOM   1649 O  OP2   . C   A 1 75 ? -6.692  -68.947 16.310  1.00 56.03  ? 75  C   A OP2   1 
ATOM   1650 O  "O5'" . C   A 1 75 ? -8.608  -67.345 16.427  1.00 53.42  ? 75  C   A "O5'" 1 
ATOM   1651 C  "C5'" . C   A 1 75 ? -9.167  -67.092 17.714  1.00 41.13  ? 75  C   A "C5'" 1 
ATOM   1652 C  "C4'" . C   A 1 75 ? -10.667 -66.974 17.618  1.00 28.43  ? 75  C   A "C4'" 1 
ATOM   1653 O  "O4'" . C   A 1 75 ? -11.204 -68.162 17.003  1.00 18.54  ? 75  C   A "O4'" 1 
ATOM   1654 C  "C3'" . C   A 1 75 ? -11.408 -66.926 18.942  1.00 28.65  ? 75  C   A "C3'" 1 
ATOM   1655 O  "O3'" . C   A 1 75 ? -11.430 -65.610 19.470  1.00 49.72  ? 75  C   A "O3'" 1 
ATOM   1656 C  "C2'" . C   A 1 75 ? -12.809 -67.429 18.601  1.00 3.28   ? 75  C   A "C2'" 1 
ATOM   1657 O  "O2'" . C   A 1 75 ? -13.764 -66.428 18.380  1.00 3.09   ? 75  C   A "O2'" 1 
ATOM   1658 C  "C1'" . C   A 1 75 ? -12.568 -68.230 17.325  1.00 3.09   ? 75  C   A "C1'" 1 
ATOM   1659 N  N1    . C   A 1 75 ? -12.997 -69.617 17.345  1.00 3.09   ? 75  C   A N1    1 
ATOM   1660 C  C2    . C   A 1 75 ? -14.339 -69.857 17.558  1.00 16.18  ? 75  C   A C2    1 
ATOM   1661 O  O2    . C   A 1 75 ? -15.072 -68.884 17.818  1.00 13.89  ? 75  C   A O2    1 
ATOM   1662 N  N3    . C   A 1 75 ? -14.811 -71.124 17.484  1.00 13.24  ? 75  C   A N3    1 
ATOM   1663 C  C4    . C   A 1 75 ? -13.973 -72.127 17.212  1.00 19.28  ? 75  C   A C4    1 
ATOM   1664 N  N4    . C   A 1 75 ? -14.492 -73.355 17.087  1.00 25.85  ? 75  C   A N4    1 
ATOM   1665 C  C5    . C   A 1 75 ? -12.569 -71.912 17.042  1.00 22.03  ? 75  C   A C5    1 
ATOM   1666 C  C6    . C   A 1 75 ? -12.128 -70.650 17.122  1.00 5.03   ? 75  C   A C6    1 
ATOM   1667 P  P     . A   A 1 76 ? -11.262 -65.395 21.055  1.00 73.25  ? 76  A   A P     1 
ATOM   1668 O  OP1   . A   A 1 76 ? -10.842 -63.983 21.309  1.00 65.17  ? 76  A   A OP1   1 
ATOM   1669 O  OP2   . A   A 1 76 ? -10.434 -66.533 21.580  1.00 64.27  ? 76  A   A OP2   1 
ATOM   1670 O  "O5'" . A   A 1 76 ? -12.739 -65.574 21.626  1.00 66.80  ? 76  A   A "O5'" 1 
ATOM   1671 C  "C5'" . A   A 1 76 ? -13.574 -64.446 21.852  1.00 62.06  ? 76  A   A "C5'" 1 
ATOM   1672 C  "C4'" . A   A 1 76 ? -14.816 -64.870 22.591  1.00 65.21  ? 76  A   A "C4'" 1 
ATOM   1673 O  "O4'" . A   A 1 76 ? -15.531 -65.851 21.796  1.00 65.17  ? 76  A   A "O4'" 1 
ATOM   1674 C  "C3'" . A   A 1 76 ? -14.577 -65.592 23.902  1.00 71.51  ? 76  A   A "C3'" 1 
ATOM   1675 O  "O3'" . A   A 1 76 ? -14.216 -64.692 24.961  1.00 86.43  ? 76  A   A "O3'" 1 
ATOM   1676 C  "C2'" . A   A 1 76 ? -15.889 -66.341 24.077  1.00 69.47  ? 76  A   A "C2'" 1 
ATOM   1677 O  "O2'" . A   A 1 76 ? -16.940 -65.460 24.420  1.00 77.27  ? 76  A   A "O2'" 1 
ATOM   1678 C  "C1'" . A   A 1 76 ? -16.146 -66.805 22.645  1.00 55.27  ? 76  A   A "C1'" 1 
ATOM   1679 N  N9    . A   A 1 76 ? -15.598 -68.114 22.302  1.00 36.28  ? 76  A   A N9    1 
ATOM   1680 C  C8    . A   A 1 76 ? -14.281 -68.486 22.265  1.00 30.10  ? 76  A   A C8    1 
ATOM   1681 N  N7    . A   A 1 76 ? -14.086 -69.697 21.802  1.00 24.98  ? 76  A   A N7    1 
ATOM   1682 C  C5    . A   A 1 76 ? -15.365 -70.160 21.539  1.00 20.73  ? 76  A   A C5    1 
ATOM   1683 C  C6    . A   A 1 76 ? -15.833 -71.364 21.001  1.00 31.35  ? 76  A   A C6    1 
ATOM   1684 N  N6    . A   A 1 76 ? -15.025 -72.348 20.611  1.00 45.44  ? 76  A   A N6    1 
ATOM   1685 N  N1    . A   A 1 76 ? -17.171 -71.523 20.871  1.00 21.90  ? 76  A   A N1    1 
ATOM   1686 C  C2    . A   A 1 76 ? -17.968 -70.519 21.264  1.00 30.36  ? 76  A   A C2    1 
ATOM   1687 N  N3    . A   A 1 76 ? -17.641 -69.328 21.776  1.00 17.32  ? 76  A   A N3    1 
ATOM   1688 C  C4    . A   A 1 76 ? -16.310 -69.210 21.879  1.00 19.90  ? 76  A   A C4    1 
HETATM 1689 MG MG    . MG  B 2 .  ? 1.424   -48.971 -8.476  1.00 8.75   ? 201 MG  A MG    1 
HETATM 1690 NA NA    . NA  C 3 .  ? 16.533  -14.910 -8.919  1.00 39.85  ? 202 NA  A NA    1 
HETATM 1691 O  O     . HOH D 4 .  ? -3.061  -48.753 -6.390  1.00 89.71  ? 301 HOH A O     1 
HETATM 1692 O  O     . HOH D 4 .  ? -0.540  -49.816 -4.336  1.00 85.83  ? 302 HOH A O     1 
HETATM 1693 O  O     . HOH D 4 .  ? -2.706  -55.613 1.157   1.00 47.06  ? 303 HOH A O     1 
HETATM 1694 O  O     . HOH D 4 .  ? -2.339  -38.393 -4.480  1.00 33.51  ? 304 HOH A O     1 
HETATM 1695 O  O     . HOH D 4 .  ? -6.072  -33.087 -2.104  1.00 3.67   ? 305 HOH A O     1 
HETATM 1696 O  O     . HOH D 4 .  ? 4.368   -45.809 -11.697 1.00 49.05  ? 306 HOH A O     1 
HETATM 1697 O  O     . HOH D 4 .  ? 6.706   -39.763 -2.105  1.00 29.18  ? 307 HOH A O     1 
HETATM 1698 O  O     . HOH D 4 .  ? 1.224   -40.608 -11.875 1.00 42.45  ? 308 HOH A O     1 
HETATM 1699 O  O     . HOH D 4 .  ? 7.561   -27.813 -22.360 1.00 15.51  ? 309 HOH A O     1 
HETATM 1700 O  O     . HOH D 4 .  ? 4.597   -33.900 -26.276 1.00 29.24  ? 310 HOH A O     1 
HETATM 1701 O  O     . HOH D 4 .  ? -12.224 -45.324 -28.715 1.00 17.26  ? 311 HOH A O     1 
HETATM 1702 O  O     . HOH D 4 .  ? 11.296  -50.726 0.129   1.00 39.06  ? 312 HOH A O     1 
HETATM 1703 O  O     . HOH D 4 .  ? 11.314  -27.424 -4.951  1.00 29.24  ? 313 HOH A O     1 
HETATM 1704 O  O     . HOH D 4 .  ? 3.287   -12.619 -16.425 1.00 11.36  ? 314 HOH A O     1 
HETATM 1705 O  O     . HOH D 4 .  ? 5.726   -5.766  1.514   1.00 20.20  ? 315 HOH A O     1 
HETATM 1706 O  O     . HOH D 4 .  ? 3.175   3.658   -6.116  1.00 57.99  ? 316 HOH A O     1 
# 
loop_
_pdbx_poly_seq_scheme.asym_id 
_pdbx_poly_seq_scheme.entity_id 
_pdbx_poly_seq_scheme.seq_id 
_pdbx_poly_seq_scheme.mon_id 
_pdbx_poly_seq_scheme.ndb_seq_num 
_pdbx_poly_seq_scheme.pdb_seq_num 
_pdbx_poly_seq_scheme.auth_seq_num 
_pdbx_poly_seq_scheme.pdb_mon_id 
_pdbx_poly_seq_scheme.auth_mon_id 
_pdbx_poly_seq_scheme.pdb_strand_id 
_pdbx_poly_seq_scheme.pdb_ins_code 
_pdbx_poly_seq_scheme.hetero 
A 1 1  G   1  1  1  G   G   A . n 
A 1 2  C   2  2  2  C   C   A . n 
A 1 3  C   3  3  3  C   C   A . n 
A 1 4  C   4  4  4  C   C   A . n 
A 1 5  G   5  5  5  G   G   A . n 
A 1 6  2MG 6  6  6  2MG 2MG A . n 
A 1 7  A   7  7  7  A   A   A . n 
A 1 8  U   8  8  8  U   U   A . n 
A 1 9  A   9  9  9  A   A   A . n 
A 1 10 2MG 10 10 10 2MG 2MG A . n 
A 1 11 C   11 11 11 C   C   A . n 
A 1 12 U   12 12 12 U   U   A . n 
A 1 13 C   13 13 13 C   C   A . n 
A 1 14 A   14 14 14 A   A   A . n 
A 1 15 G   15 15 15 G   G   A . n 
A 1 16 H2U 16 16 16 H2U DHU A . n 
A 1 17 C   17 17 17 C   C   A . n 
A 1 18 G   18 18 18 G   G   A . n 
A 1 19 G   19 19 19 G   G   A . n 
A 1 20 H2U 20 20 20 H2U DHU A . n 
A 1 21 A   21 21 21 A   A   A . n 
A 1 22 G   22 22 22 G   G   A . n 
A 1 23 A   23 23 23 A   A   A . n 
A 1 24 G   24 24 24 G   G   A . n 
A 1 25 C   25 25 25 C   C   A . n 
A 1 26 A   26 26 26 A   A   A . n 
A 1 27 PSU 27 27 27 PSU PSU A . n 
A 1 28 C   28 28 28 C   C   A . n 
A 1 29 A   29 29 29 A   A   A . n 
A 1 30 G   30 30 30 G   G   A . n 
A 1 31 A   31 31 31 A   A   A . n 
A 1 32 C   32 32 32 C   C   A . n 
A 1 33 U   33 33 33 U   U   A . n 
A 1 34 70U 34 34 34 70U 70U A . n 
A 1 35 U   35 35 35 U   U   A . n 
A 1 36 U   36 36 36 U   U   A . n 
A 1 37 12A 37 37 37 12A 12A A . n 
A 1 38 A   38 38 38 A   A   A . n 
A 1 39 PSU 39 39 39 PSU PSU A . n 
A 1 40 C   40 40 40 C   C   A . n 
A 1 41 U   41 41 41 U   U   A . n 
A 1 42 G   42 42 42 G   G   A . n 
A 1 43 A   43 43 43 A   A   A . n 
A 1 44 G   44 44 44 G   G   A . n 
A 1 45 G   45 45 45 G   G   A . n 
A 1 46 7MG 46 46 46 7MG 7MG A . n 
A 1 47 H2U 47 47 47 H2U DHU A . n 
A 1 48 5MC 48 48 48 5MC 5MC A . n 
A 1 49 5MC 49 49 49 5MC 5MC A . n 
A 1 50 A   50 50 50 A   A   A . n 
A 1 51 G   51 51 51 G   G   A . n 
A 1 52 G   52 52 52 G   G   A . n 
A 1 53 G   53 53 53 G   G   A . n 
A 1 54 2MU 54 54 54 2MU 2MU A . n 
A 1 55 PSU 55 55 55 PSU PSU A . n 
A 1 56 C   56 56 56 C   C   A . n 
A 1 57 A   57 57 57 A   A   A . n 
A 1 58 1MA 58 58 58 1MA 1MA A . n 
A 1 59 G   59 59 59 G   G   A . n 
A 1 60 U   60 60 60 U   U   A . n 
A 1 61 C   61 61 61 C   C   A . n 
A 1 62 C   62 62 62 C   C   A . n 
A 1 63 C   63 63 63 C   C   A . n 
A 1 64 U   64 64 64 U   U   A . n 
A 1 65 G   65 65 65 G   G   A . n 
A 1 66 U   66 66 66 U   U   A . n 
A 1 67 U   67 67 67 U   U   A . n 
A 1 68 C   68 68 68 C   C   A . n 
A 1 69 G   69 69 69 G   G   A . n 
A 1 70 G   70 70 70 G   G   A . n 
A 1 71 G   71 71 71 G   G   A . n 
A 1 72 C   72 72 72 C   C   A . n 
A 1 73 G   73 73 73 G   G   A . n 
A 1 74 C   74 74 74 C   C   A . n 
A 1 75 C   75 75 75 C   C   A . n 
A 1 76 A   76 76 76 A   A   A . n 
# 
loop_
_pdbx_nonpoly_scheme.asym_id 
_pdbx_nonpoly_scheme.entity_id 
_pdbx_nonpoly_scheme.mon_id 
_pdbx_nonpoly_scheme.ndb_seq_num 
_pdbx_nonpoly_scheme.pdb_seq_num 
_pdbx_nonpoly_scheme.auth_seq_num 
_pdbx_nonpoly_scheme.pdb_mon_id 
_pdbx_nonpoly_scheme.auth_mon_id 
_pdbx_nonpoly_scheme.pdb_strand_id 
_pdbx_nonpoly_scheme.pdb_ins_code 
B 2 MG  1  201 201 MG  MG  A . 
C 3 NA  1  202 202 NA  NA  A . 
D 4 HOH 1  301 301 HOH HOH A . 
D 4 HOH 2  302 302 HOH HOH A . 
D 4 HOH 3  303 303 HOH HOH A . 
D 4 HOH 4  304 304 HOH HOH A . 
D 4 HOH 5  305 305 HOH HOH A . 
D 4 HOH 6  306 306 HOH HOH A . 
D 4 HOH 7  307 307 HOH HOH A . 
D 4 HOH 8  308 308 HOH HOH A . 
D 4 HOH 9  309 309 HOH HOH A . 
D 4 HOH 10 310 310 HOH HOH A . 
D 4 HOH 11 311 311 HOH HOH A . 
D 4 HOH 12 312 312 HOH HOH A . 
D 4 HOH 13 313 313 HOH HOH A . 
D 4 HOH 14 314 314 HOH HOH A . 
D 4 HOH 15 315 315 HOH HOH A . 
D 4 HOH 16 316 316 HOH HOH A . 
# 
loop_
_pdbx_struct_mod_residue.id 
_pdbx_struct_mod_residue.label_asym_id 
_pdbx_struct_mod_residue.label_comp_id 
_pdbx_struct_mod_residue.label_seq_id 
_pdbx_struct_mod_residue.auth_asym_id 
_pdbx_struct_mod_residue.auth_comp_id 
_pdbx_struct_mod_residue.auth_seq_id 
_pdbx_struct_mod_residue.PDB_ins_code 
_pdbx_struct_mod_residue.parent_comp_id 
_pdbx_struct_mod_residue.details 
1  A 2MG 6  A 2MG 6  ? G "2N-METHYLGUANOSINE-5'-MONOPHOSPHATE"   
2  A 2MG 10 A 2MG 10 ? G "2N-METHYLGUANOSINE-5'-MONOPHOSPHATE"   
3  A H2U 16 A H2U 16 ? U "5,6-DIHYDROURIDINE-5'-MONOPHOSPHATE"   
4  A H2U 20 A H2U 20 ? U "5,6-DIHYDROURIDINE-5'-MONOPHOSPHATE"   
5  A PSU 27 A PSU 27 ? U "PSEUDOURIDINE-5'-MONOPHOSPHATE"        
6  A 70U 34 A 70U 34 ? U ?                                       
7  A 12A 37 A 12A 37 ? A ?                                       
8  A PSU 39 A PSU 39 ? U "PSEUDOURIDINE-5'-MONOPHOSPHATE"        
9  A 7MG 46 A 7MG 46 ? G ?                                       
10 A H2U 47 A H2U 47 ? U "5,6-DIHYDROURIDINE-5'-MONOPHOSPHATE"   
11 A 5MC 48 A 5MC 48 ? C "5-METHYLCYTIDINE-5'-MONOPHOSPHATE"     
12 A 5MC 49 A 5MC 49 ? C "5-METHYLCYTIDINE-5'-MONOPHOSPHATE"     
13 A 2MU 54 A 2MU 54 ? U "2',5-DIMETHYLURIDINE-5'-MONOPHOSPHATE" 
14 A PSU 55 A PSU 55 ? U "PSEUDOURIDINE-5'-MONOPHOSPHATE"        
15 A 1MA 58 A 1MA 58 ? A ?                                       
# 
_pdbx_struct_assembly.id                   1 
_pdbx_struct_assembly.details              author_defined_assembly 
_pdbx_struct_assembly.method_details       ? 
_pdbx_struct_assembly.oligomeric_details   monomeric 
_pdbx_struct_assembly.oligomeric_count     1 
# 
_pdbx_struct_assembly_gen.assembly_id       1 
_pdbx_struct_assembly_gen.oper_expression   1 
_pdbx_struct_assembly_gen.asym_id_list      A,B,C,D 
# 
_pdbx_struct_oper_list.id                   1 
_pdbx_struct_oper_list.type                 'identity operation' 
_pdbx_struct_oper_list.name                 1_555 
_pdbx_struct_oper_list.symmetry_operation   x,y,z 
_pdbx_struct_oper_list.matrix[1][1]         1.0000000000 
_pdbx_struct_oper_list.matrix[1][2]         0.0000000000 
_pdbx_struct_oper_list.matrix[1][3]         0.0000000000 
_pdbx_struct_oper_list.vector[1]            0.0000000000 
_pdbx_struct_oper_list.matrix[2][1]         0.0000000000 
_pdbx_struct_oper_list.matrix[2][2]         1.0000000000 
_pdbx_struct_oper_list.matrix[2][3]         0.0000000000 
_pdbx_struct_oper_list.vector[2]            0.0000000000 
_pdbx_struct_oper_list.matrix[3][1]         0.0000000000 
_pdbx_struct_oper_list.matrix[3][2]         0.0000000000 
_pdbx_struct_oper_list.matrix[3][3]         1.0000000000 
_pdbx_struct_oper_list.vector[3]            0.0000000000 
# 
loop_
_pdbx_audit_revision_history.ordinal 
_pdbx_audit_revision_history.data_content_type 
_pdbx_audit_revision_history.major_revision 
_pdbx_audit_revision_history.minor_revision 
_pdbx_audit_revision_history.revision_date 
1 'Structure model' 1 0 2001-01-17 
2 'Structure model' 1 1 2008-04-27 
3 'Structure model' 1 2 2011-07-13 
4 'Structure model' 1 3 2014-04-09 
5 'Structure model' 1 4 2018-04-04 
6 'Structure model' 1 5 2018-04-11 
7 'Structure model' 1 6 2023-08-02 
# 
_pdbx_audit_revision_details.ordinal             1 
_pdbx_audit_revision_details.revision_ordinal    1 
_pdbx_audit_revision_details.data_content_type   'Structure model' 
_pdbx_audit_revision_details.provider            repository 
_pdbx_audit_revision_details.type                'Initial release' 
_pdbx_audit_revision_details.description         ? 
_pdbx_audit_revision_details.details             ? 
# 
loop_
_pdbx_audit_revision_group.ordinal 
_pdbx_audit_revision_group.revision_ordinal 
_pdbx_audit_revision_group.data_content_type 
_pdbx_audit_revision_group.group 
1 2 'Structure model' 'Version format compliance' 
2 3 'Structure model' 'Non-polymer description'   
3 3 'Structure model' 'Version format compliance' 
4 4 'Structure model' 'Derived calculations'      
5 5 'Structure model' 'Data collection'           
6 6 'Structure model' 'Data collection'           
7 7 'Structure model' 'Database references'       
8 7 'Structure model' 'Derived calculations'      
9 7 'Structure model' 'Refinement description'    
# 
loop_
_pdbx_audit_revision_category.ordinal 
_pdbx_audit_revision_category.revision_ordinal 
_pdbx_audit_revision_category.data_content_type 
_pdbx_audit_revision_category.category 
1 5 'Structure model' diffrn_source                 
2 6 'Structure model' diffrn_source                 
3 7 'Structure model' database_2                    
4 7 'Structure model' pdbx_initial_refinement_model 
5 7 'Structure model' struct_conn                   
6 7 'Structure model' struct_site                   
# 
loop_
_pdbx_audit_revision_item.ordinal 
_pdbx_audit_revision_item.revision_ordinal 
_pdbx_audit_revision_item.data_content_type 
_pdbx_audit_revision_item.item 
1  5 'Structure model' '_diffrn_source.type'                      
2  6 'Structure model' '_diffrn_source.pdbx_synchrotron_beamline' 
3  7 'Structure model' '_database_2.pdbx_DOI'                     
4  7 'Structure model' '_database_2.pdbx_database_accession'      
5  7 'Structure model' '_struct_conn.pdbx_dist_value'             
6  7 'Structure model' '_struct_conn.pdbx_leaving_atom_flag'      
7  7 'Structure model' '_struct_conn.pdbx_ptnr1_label_alt_id'     
8  7 'Structure model' '_struct_conn.pdbx_ptnr2_label_alt_id'     
9  7 'Structure model' '_struct_conn.ptnr1_auth_comp_id'          
10 7 'Structure model' '_struct_conn.ptnr1_auth_seq_id'           
11 7 'Structure model' '_struct_conn.ptnr1_label_atom_id'         
12 7 'Structure model' '_struct_conn.ptnr1_label_comp_id'         
13 7 'Structure model' '_struct_conn.ptnr1_label_seq_id'          
14 7 'Structure model' '_struct_conn.ptnr2_auth_comp_id'          
15 7 'Structure model' '_struct_conn.ptnr2_auth_seq_id'           
16 7 'Structure model' '_struct_conn.ptnr2_label_atom_id'         
17 7 'Structure model' '_struct_conn.ptnr2_label_comp_id'         
18 7 'Structure model' '_struct_conn.ptnr2_label_seq_id'          
19 7 'Structure model' '_struct_site.pdbx_auth_asym_id'           
20 7 'Structure model' '_struct_site.pdbx_auth_comp_id'           
21 7 'Structure model' '_struct_site.pdbx_auth_seq_id'            
# 
loop_
_software.name 
_software.classification 
_software.version 
_software.citation_id 
_software.pdbx_ordinal 
AMoRE     phasing          .   ? 1 
CNS       refinement       0.4 ? 2 
DENZO     'data reduction' .   ? 3 
SCALEPACK 'data scaling'   .   ? 4 
# 
_pdbx_validate_close_contact.id               1 
_pdbx_validate_close_contact.PDB_model_num    1 
_pdbx_validate_close_contact.auth_atom_id_1   "O4'" 
_pdbx_validate_close_contact.auth_asym_id_1   A 
_pdbx_validate_close_contact.auth_comp_id_1   U 
_pdbx_validate_close_contact.auth_seq_id_1    8 
_pdbx_validate_close_contact.PDB_ins_code_1   ? 
_pdbx_validate_close_contact.label_alt_id_1   ? 
_pdbx_validate_close_contact.auth_atom_id_2   "O2'" 
_pdbx_validate_close_contact.auth_asym_id_2   A 
_pdbx_validate_close_contact.auth_comp_id_2   5MC 
_pdbx_validate_close_contact.auth_seq_id_2    48 
_pdbx_validate_close_contact.PDB_ins_code_2   ? 
_pdbx_validate_close_contact.label_alt_id_2   ? 
_pdbx_validate_close_contact.dist             2.17 
# 
_pdbx_validate_rmsd_bond.id                        1 
_pdbx_validate_rmsd_bond.PDB_model_num             1 
_pdbx_validate_rmsd_bond.auth_atom_id_1            P 
_pdbx_validate_rmsd_bond.auth_asym_id_1            A 
_pdbx_validate_rmsd_bond.auth_comp_id_1            G 
_pdbx_validate_rmsd_bond.auth_seq_id_1             1 
_pdbx_validate_rmsd_bond.PDB_ins_code_1            ? 
_pdbx_validate_rmsd_bond.label_alt_id_1            ? 
_pdbx_validate_rmsd_bond.auth_atom_id_2            OP3 
_pdbx_validate_rmsd_bond.auth_asym_id_2            A 
_pdbx_validate_rmsd_bond.auth_comp_id_2            G 
_pdbx_validate_rmsd_bond.auth_seq_id_2             1 
_pdbx_validate_rmsd_bond.PDB_ins_code_2            ? 
_pdbx_validate_rmsd_bond.label_alt_id_2            ? 
_pdbx_validate_rmsd_bond.bond_value                1.526 
_pdbx_validate_rmsd_bond.bond_target_value         1.607 
_pdbx_validate_rmsd_bond.bond_deviation            -0.081 
_pdbx_validate_rmsd_bond.bond_standard_deviation   0.012 
_pdbx_validate_rmsd_bond.linker_flag               N 
# 
loop_
_pdbx_validate_rmsd_angle.id 
_pdbx_validate_rmsd_angle.PDB_model_num 
_pdbx_validate_rmsd_angle.auth_atom_id_1 
_pdbx_validate_rmsd_angle.auth_asym_id_1 
_pdbx_validate_rmsd_angle.auth_comp_id_1 
_pdbx_validate_rmsd_angle.auth_seq_id_1 
_pdbx_validate_rmsd_angle.PDB_ins_code_1 
_pdbx_validate_rmsd_angle.label_alt_id_1 
_pdbx_validate_rmsd_angle.auth_atom_id_2 
_pdbx_validate_rmsd_angle.auth_asym_id_2 
_pdbx_validate_rmsd_angle.auth_comp_id_2 
_pdbx_validate_rmsd_angle.auth_seq_id_2 
_pdbx_validate_rmsd_angle.PDB_ins_code_2 
_pdbx_validate_rmsd_angle.label_alt_id_2 
_pdbx_validate_rmsd_angle.auth_atom_id_3 
_pdbx_validate_rmsd_angle.auth_asym_id_3 
_pdbx_validate_rmsd_angle.auth_comp_id_3 
_pdbx_validate_rmsd_angle.auth_seq_id_3 
_pdbx_validate_rmsd_angle.PDB_ins_code_3 
_pdbx_validate_rmsd_angle.label_alt_id_3 
_pdbx_validate_rmsd_angle.angle_value 
_pdbx_validate_rmsd_angle.angle_target_value 
_pdbx_validate_rmsd_angle.angle_deviation 
_pdbx_validate_rmsd_angle.angle_standard_deviation 
_pdbx_validate_rmsd_angle.linker_flag 
1 1 N9    A A 9  ? ? "C1'" A A 9  ? ? "C2'" A A 9  ? ? 122.10 114.00 8.10  1.30 N 
2 1 N1    A C 17 ? ? "C1'" A C 17 ? ? "C2'" A C 17 ? ? 123.59 114.00 9.59  1.30 N 
3 1 "O4'" A G 19 ? B "C1'" A G 19 ? B N9    A G 19 ? B 113.54 108.50 5.04  0.70 N 
4 1 "C2'" A U 60 ? ? "C3'" A U 60 ? ? "O3'" A U 60 ? ? 131.39 113.70 17.69 1.60 N 
# 
loop_
_pdbx_validate_planes.id 
_pdbx_validate_planes.PDB_model_num 
_pdbx_validate_planes.auth_comp_id 
_pdbx_validate_planes.auth_asym_id 
_pdbx_validate_planes.auth_seq_id 
_pdbx_validate_planes.PDB_ins_code 
_pdbx_validate_planes.label_alt_id 
_pdbx_validate_planes.rmsd 
_pdbx_validate_planes.type 
1 1 G A 5  ? ? 0.052 'SIDE CHAIN' 
2 1 G A 42 ? ? 0.054 'SIDE CHAIN' 
# 
_pdbx_validate_chiral.id              1 
_pdbx_validate_chiral.PDB_model_num   1 
_pdbx_validate_chiral.auth_atom_id    "C3'" 
_pdbx_validate_chiral.label_alt_id    ? 
_pdbx_validate_chiral.auth_asym_id    A 
_pdbx_validate_chiral.auth_comp_id    U 
_pdbx_validate_chiral.auth_seq_id     60 
_pdbx_validate_chiral.PDB_ins_code    ? 
_pdbx_validate_chiral.details         PLANAR 
_pdbx_validate_chiral.omega           . 
# 
loop_
_ndb_struct_conf_na.entry_id 
_ndb_struct_conf_na.feature 
1FIR 'double helix'         
1FIR 'a-form double helix'  
1FIR 'parallel strands'     
1FIR 'hairpin loop'         
1FIR 'mismatched base pair' 
1FIR 'four-way junction'    
# 
loop_
_ndb_struct_na_base_pair.model_number 
_ndb_struct_na_base_pair.i_label_asym_id 
_ndb_struct_na_base_pair.i_label_comp_id 
_ndb_struct_na_base_pair.i_label_seq_id 
_ndb_struct_na_base_pair.i_symmetry 
_ndb_struct_na_base_pair.j_label_asym_id 
_ndb_struct_na_base_pair.j_label_comp_id 
_ndb_struct_na_base_pair.j_label_seq_id 
_ndb_struct_na_base_pair.j_symmetry 
_ndb_struct_na_base_pair.shear 
_ndb_struct_na_base_pair.stretch 
_ndb_struct_na_base_pair.stagger 
_ndb_struct_na_base_pair.buckle 
_ndb_struct_na_base_pair.propeller 
_ndb_struct_na_base_pair.opening 
_ndb_struct_na_base_pair.pair_number 
_ndb_struct_na_base_pair.pair_name 
_ndb_struct_na_base_pair.i_auth_asym_id 
_ndb_struct_na_base_pair.i_auth_seq_id 
_ndb_struct_na_base_pair.i_PDB_ins_code 
_ndb_struct_na_base_pair.j_auth_asym_id 
_ndb_struct_na_base_pair.j_auth_seq_id 
_ndb_struct_na_base_pair.j_PDB_ins_code 
_ndb_struct_na_base_pair.hbond_type_28 
_ndb_struct_na_base_pair.hbond_type_12 
1 A G   1  1_555 A C   72 1_555 -0.243 -0.280 0.210  3.841   -1.781  4.417    1  A_G1:C72_A      A 1  ? A 72 ? 19 1 
1 A C   2  1_555 A G   71 1_555 0.238  -0.182 -0.452 5.120   -8.160  3.212    2  A_C2:G71_A      A 2  ? A 71 ? 19 1 
1 A C   3  1_555 A G   70 1_555 0.338  -0.236 -0.212 2.675   -7.934  3.900    3  A_C3:G70_A      A 3  ? A 70 ? 19 1 
1 A C   4  1_555 A G   69 1_555 0.266  -0.150 -0.075 10.210  -7.274  -1.297   4  A_C4:G69_A      A 4  ? A 69 ? 19 1 
1 A G   5  1_555 A C   68 1_555 -0.065 -0.118 0.759  8.525   -2.386  -0.411   5  A_G5:C68_A      A 5  ? A 68 ? 19 1 
1 A 2MG 6  1_555 A U   67 1_555 -2.018 -0.272 0.234  2.496   1.954   6.154    6  A_2MG6:U67_A    A 6  ? A 67 ? 28 1 
1 A A   7  1_555 A U   66 1_555 -0.062 -0.038 -0.439 -6.536  12.708  3.730    7  A_A7:U66_A      A 7  ? A 66 ? 20 1 
1 A 5MC 49 1_555 A G   65 1_555 -0.005 -0.165 0.949  -18.204 9.312   2.082    8  A_5MC49:G65_A   A 49 ? A 65 ? 19 1 
1 A A   50 1_555 A U   64 1_555 0.001  -0.190 -0.615 -0.463  2.493   7.791    9  A_A50:U64_A     A 50 ? A 64 ? 20 1 
1 A G   51 1_555 A C   63 1_555 0.093  -0.363 -1.227 -7.667  -2.276  -1.821   10 A_G51:C63_A     A 51 ? A 63 ? 19 1 
1 A G   52 1_555 A C   62 1_555 -0.012 -0.015 -0.531 -19.480 -7.346  3.679    11 A_G52:C62_A     A 52 ? A 62 ? 19 1 
1 A G   53 1_555 A C   61 1_555 -0.291 -0.012 -0.576 -23.600 -9.300  1.641    12 A_G53:C61_A     A 53 ? A 61 ? 19 1 
1 A 2MU 54 1_555 A 1MA 58 1_555 4.646  -2.355 0.366  -3.881  3.721   -104.032 13 A_2MU54:1MA58_A A 54 ? A 58 ? 24 4 
1 A PSU 55 1_555 A G   18 1_555 0.392  -5.318 0.345  20.730  21.614  -100.558 14 A_PSU55:G18_A   A 55 ? A 18 ? ?  2 
1 A A   38 1_555 A C   32 1_555 -3.743 -1.229 1.873  23.453  7.908   -35.547  15 A_A38:C32_A     A 38 ? A 32 ? ?  1 
1 A PSU 39 1_555 A A   31 1_555 -0.369 -0.077 -0.193 21.782  -16.655 -5.313   16 A_PSU39:A31_A   A 39 ? A 31 ? 21 1 
1 A C   40 1_555 A G   30 1_555 0.195  -0.091 0.029  8.637   -9.933  1.608    17 A_C40:G30_A     A 40 ? A 30 ? 19 1 
1 A U   41 1_555 A A   29 1_555 0.205  -0.309 0.037  1.048   2.321   9.797    18 A_U41:A29_A     A 41 ? A 29 ? 20 1 
1 A G   42 1_555 A C   28 1_555 -0.271 -0.597 1.227  4.233   -3.656  -1.741   19 A_G42:C28_A     A 42 ? A 28 ? 19 1 
1 A A   43 1_555 A PSU 27 1_555 0.139  -0.174 1.076  -7.915  -8.028  -10.890  20 A_A43:PSU27_A   A 43 ? A 27 ? 21 1 
1 A G   44 1_555 A A   26 1_555 0.032  1.770  0.446  -24.905 -14.294 -33.470  21 A_G44:A26_A     A 44 ? A 26 ? 8  ? 
1 A 2MG 10 1_555 A C   25 1_555 -0.291 -0.256 -0.368 5.624   -6.816  4.141    22 A_2MG10:C25_A   A 10 ? A 25 ? 19 1 
1 A C   11 1_555 A G   24 1_555 0.084  -0.252 -0.270 -10.757 -7.794  -2.697   23 A_C11:G24_A     A 11 ? A 24 ? 19 1 
1 A U   12 1_555 A A   23 1_555 0.009  -0.038 0.438  -18.503 -4.956  -2.429   24 A_U12:A23_A     A 12 ? A 23 ? 20 1 
1 A C   13 1_555 A G   22 1_555 0.116  -0.131 -0.322 6.631   -5.813  2.590    25 A_C13:G22_A     A 13 ? A 22 ? 19 1 
1 A A   14 1_555 A A   21 1_555 -6.318 -0.416 -0.290 9.735   -3.042  57.790   26 A_A14:A21_A     A 14 ? A 21 ? ?  5 
1 A G   15 1_555 A 5MC 48 1_555 -0.038 4.107  0.217  12.048  5.652   152.650  27 A_G15:5MC48_A   A 15 ? A 48 ? 22 2 
1 A G   19 1_555 A C   56 1_555 0.533  -0.279 -0.374 -22.837 -9.467  1.037    28 A_G19:C56_A     A 19 ? A 56 ? 19 1 
# 
loop_
_ndb_struct_na_base_pair_step.model_number 
_ndb_struct_na_base_pair_step.i_label_asym_id_1 
_ndb_struct_na_base_pair_step.i_label_comp_id_1 
_ndb_struct_na_base_pair_step.i_label_seq_id_1 
_ndb_struct_na_base_pair_step.i_symmetry_1 
_ndb_struct_na_base_pair_step.j_label_asym_id_1 
_ndb_struct_na_base_pair_step.j_label_comp_id_1 
_ndb_struct_na_base_pair_step.j_label_seq_id_1 
_ndb_struct_na_base_pair_step.j_symmetry_1 
_ndb_struct_na_base_pair_step.i_label_asym_id_2 
_ndb_struct_na_base_pair_step.i_label_comp_id_2 
_ndb_struct_na_base_pair_step.i_label_seq_id_2 
_ndb_struct_na_base_pair_step.i_symmetry_2 
_ndb_struct_na_base_pair_step.j_label_asym_id_2 
_ndb_struct_na_base_pair_step.j_label_comp_id_2 
_ndb_struct_na_base_pair_step.j_label_seq_id_2 
_ndb_struct_na_base_pair_step.j_symmetry_2 
_ndb_struct_na_base_pair_step.shift 
_ndb_struct_na_base_pair_step.slide 
_ndb_struct_na_base_pair_step.rise 
_ndb_struct_na_base_pair_step.tilt 
_ndb_struct_na_base_pair_step.roll 
_ndb_struct_na_base_pair_step.twist 
_ndb_struct_na_base_pair_step.x_displacement 
_ndb_struct_na_base_pair_step.y_displacement 
_ndb_struct_na_base_pair_step.helical_rise 
_ndb_struct_na_base_pair_step.inclination 
_ndb_struct_na_base_pair_step.tip 
_ndb_struct_na_base_pair_step.helical_twist 
_ndb_struct_na_base_pair_step.step_number 
_ndb_struct_na_base_pair_step.step_name 
_ndb_struct_na_base_pair_step.i_auth_asym_id_1 
_ndb_struct_na_base_pair_step.i_auth_seq_id_1 
_ndb_struct_na_base_pair_step.i_PDB_ins_code_1 
_ndb_struct_na_base_pair_step.j_auth_asym_id_1 
_ndb_struct_na_base_pair_step.j_auth_seq_id_1 
_ndb_struct_na_base_pair_step.j_PDB_ins_code_1 
_ndb_struct_na_base_pair_step.i_auth_asym_id_2 
_ndb_struct_na_base_pair_step.i_auth_seq_id_2 
_ndb_struct_na_base_pair_step.i_PDB_ins_code_2 
_ndb_struct_na_base_pair_step.j_auth_asym_id_2 
_ndb_struct_na_base_pair_step.j_auth_seq_id_2 
_ndb_struct_na_base_pair_step.j_PDB_ins_code_2 
1 A G   1  1_555 A C   72 1_555 A C   2  1_555 A G   71 1_555 -0.416 -1.802 3.251 5.415  5.409  25.759 -5.171 2.188   2.682 11.805 
-11.817 26.854  1  AA_G1C2:G71C72_AA         A 1  ? A 72 ? A 2  ? A 71 ? 
1 A C   2  1_555 A G   71 1_555 A C   3  1_555 A G   70 1_555 0.084  -1.880 3.197 -1.418 10.946 33.078 -4.622 -0.333  2.464 18.593 
2.409   34.822  2  AA_C2C3:G70G71_AA         A 2  ? A 71 ? A 3  ? A 70 ? 
1 A C   3  1_555 A G   70 1_555 A C   4  1_555 A G   69 1_555 -0.195 -1.523 3.154 0.492  6.536  33.090 -3.603 0.409   2.807 11.338 
-0.854  33.715  3  AA_C3C4:G69G70_AA         A 3  ? A 70 ? A 4  ? A 69 ? 
1 A C   4  1_555 A G   69 1_555 A G   5  1_555 A C   68 1_555 -0.270 -2.013 2.851 -6.558 13.794 29.726 -5.234 -0.351  1.788 24.924 
11.850  33.341  4  AA_C4G5:C68G69_AA         A 4  ? A 69 ? A 5  ? A 68 ? 
1 A G   5  1_555 A C   68 1_555 A 2MG 6  1_555 A U   67 1_555 0.605  -2.204 2.995 -1.453 6.038  29.222 -5.336 -1.428  2.467 11.800 
2.839   29.861  5  AA_G52MG6:U67C68_AA       A 5  ? A 68 ? A 6  ? A 67 ? 
1 A 2MG 6  1_555 A U   67 1_555 A A   7  1_555 A U   66 1_555 -0.422 -1.821 3.198 4.878  11.006 36.320 -4.021 1.194   2.487 17.088 
-7.574  38.200  6  AA_2MG6A7:U66U67_AA       A 6  ? A 67 ? A 7  ? A 66 ? 
1 A A   7  1_555 A U   66 1_555 A 5MC 49 1_555 A G   65 1_555 -0.646 -2.231 3.674 -6.718 -3.672 35.614 -2.971 -0.064  3.930 -5.919 
10.829  36.401  7  AA_A75MC49:G65U66_AA      A 7  ? A 66 ? A 49 ? A 65 ? 
1 A 5MC 49 1_555 A G   65 1_555 A A   50 1_555 A U   64 1_555 0.082  -2.313 2.736 11.748 -1.969 29.368 -3.927 1.731   2.715 -3.697 
-22.062 31.642  8  AA_5MC49A50:U64G65_AA     A 49 ? A 65 ? A 50 ? A 64 ? 
1 A A   50 1_555 A U   64 1_555 A G   51 1_555 A C   63 1_555 -0.745 -1.253 3.273 1.217  16.041 35.002 -3.746 1.272   2.462 25.098 
-1.904  38.416  9  AA_A50G51:C63U64_AA       A 50 ? A 64 ? A 51 ? A 63 ? 
1 A G   51 1_555 A C   63 1_555 A G   52 1_555 A C   62 1_555 0.518  -1.360 3.610 -5.233 7.944  26.970 -4.621 -2.278  2.947 16.400 
10.803  28.569  10 AA_G51G52:C62C63_AA       A 51 ? A 63 ? A 52 ? A 62 ? 
1 A G   52 1_555 A C   62 1_555 A G   53 1_555 A C   61 1_555 0.652  -2.186 3.595 2.913  5.328  33.710 -4.600 -0.623  3.265 9.095 
-4.972  34.236  11 AA_G52G53:C61C62_AA       A 52 ? A 62 ? A 53 ? A 61 ? 
1 A G   53 1_555 A C   61 1_555 A 2MU 54 1_555 A 1MA 58 1_555 -1.997 -2.051 2.892 -4.797 -2.374 93.192 -1.370 1.293   3.008 -1.633 
3.299   93.310  12 AA_G532MU54:1MA58C61_AA   A 53 ? A 61 ? A 54 ? A 58 ? 
1 A 2MU 54 1_555 A 1MA 58 1_555 A PSU 55 1_555 A G   18 1_555 2.175  -2.112 3.625 16.435 0.864  33.694 -3.438 -0.672  4.158 1.393 
-26.483 37.394  13 AA_2MU54PSU55:G181MA58_AA A 54 ? A 58 ? A 55 ? A 18 ? 
1 A A   38 1_555 A C   32 1_555 A PSU 39 1_555 A A   31 1_555 1.665  -1.878 3.912 4.529  6.362  40.313 -3.498 -1.793  3.744 9.128 
-6.498  41.031  14 AA_A38PSU39:A31C32_AA     A 38 ? A 32 ? A 39 ? A 31 ? 
1 A PSU 39 1_555 A A   31 1_555 A C   40 1_555 A G   30 1_555 0.393  -1.586 3.655 -0.564 6.396  44.353 -2.712 -0.572  3.401 8.420 
0.743   44.792  15 AA_PSU39C40:G30A31_AA     A 39 ? A 31 ? A 40 ? A 30 ? 
1 A C   40 1_555 A G   30 1_555 A U   41 1_555 A A   29 1_555 0.498  -1.742 3.262 1.218  6.543  27.926 -4.903 -0.746  2.808 13.319 
-2.480  28.693  16 AA_C40U41:A29G30_AA       A 40 ? A 30 ? A 41 ? A 29 ? 
1 A U   41 1_555 A A   29 1_555 A G   42 1_555 A C   28 1_555 -0.055 -1.902 2.585 -5.585 9.354  29.712 -4.718 -0.631  1.893 17.516 
10.458  31.604  17 AA_U41G42:C28A29_AA       A 41 ? A 29 ? A 42 ? A 28 ? 
1 A G   42 1_555 A C   28 1_555 A A   43 1_555 A PSU 27 1_555 -0.059 -2.118 3.336 5.029  -0.889 38.581 -3.069 0.715   3.348 -1.338 
-7.571  38.905  18 AA_G42A43:PSU27C28_AA     A 42 ? A 28 ? A 43 ? A 27 ? 
1 A A   43 1_555 A PSU 27 1_555 A G   44 1_555 A A   26 1_555 -1.260 -1.998 3.334 5.673  8.740  29.813 -5.141 3.269   2.393 16.371 
-10.626 31.542  19 AA_A43G44:A26PSU27_AA     A 43 ? A 27 ? A 44 ? A 26 ? 
1 A G   44 1_555 A A   26 1_555 A 2MG 10 1_555 A C   25 1_555 -2.604 -3.575 2.757 20.055 1.955  65.353 -3.248 2.879   1.887 1.768 
-18.130 68.059  20 AA_G442MG10:C25A26_AA     A 44 ? A 26 ? A 10 ? A 25 ? 
1 A 2MG 10 1_555 A C   25 1_555 A C   11 1_555 A G   24 1_555 -0.812 -1.696 3.523 -2.186 14.042 32.398 -4.844 1.020   2.634 23.790 
3.703   35.301  21 AA_2MG10C11:G24C25_AA     A 10 ? A 25 ? A 11 ? A 24 ? 
1 A C   11 1_555 A G   24 1_555 A U   12 1_555 A A   23 1_555 -0.043 -1.053 3.655 -1.963 5.178  38.679 -2.259 -0.195  3.489 7.769 
2.946   39.058  22 AA_C11U12:A23G24_AA       A 11 ? A 24 ? A 12 ? A 23 ? 
1 A U   12 1_555 A A   23 1_555 A C   13 1_555 A G   22 1_555 1.308  -1.712 2.500 7.139  -0.051 29.093 -3.306 -1.332  2.739 -0.100 
-13.947 29.938  23 AA_U12C13:G22A23_AA       A 12 ? A 23 ? A 13 ? A 22 ? 
1 A C   13 1_555 A G   22 1_555 A A   14 1_555 A A   21 1_555 2.863  -3.359 3.171 -9.509 8.125  -7.304 0.719  -3.395  5.363 
-38.870 -45.490 -14.477 24 AA_C13A14:A21G22_AA       A 13 ? A 22 ? A 14 ? A 21 ? 
1 A A   14 1_555 A A   21 1_555 A G   15 1_555 A 5MC 48 1_555 0.336  -0.481 3.583 -9.513 -4.405 7.107  3.379  -13.533 1.930 
-23.512 50.775  12.660  25 AA_A14G15:5MC48A21_AA     A 14 ? A 21 ? A 15 ? A 48 ? 
# 
loop_
_pdbx_entity_nonpoly.entity_id 
_pdbx_entity_nonpoly.name 
_pdbx_entity_nonpoly.comp_id 
2 'MAGNESIUM ION' MG  
3 'SODIUM ION'    NA  
4 water           HOH 
# 
_pdbx_initial_refinement_model.id               1 
_pdbx_initial_refinement_model.entity_id_list   ? 
_pdbx_initial_refinement_model.type             'experimental model' 
_pdbx_initial_refinement_model.source_name      PDB 
_pdbx_initial_refinement_model.accession_code   4TNA 
_pdbx_initial_refinement_model.details          ? 
# 
